data_5MLD
#
_entry.id   5MLD
#
_cell.length_a   131.490
_cell.length_b   71.130
_cell.length_c   214.800
_cell.angle_alpha   90.00
_cell.angle_beta   92.08
_cell.angle_gamma   90.00
#
_symmetry.space_group_name_H-M   'C 1 2 1'
#
loop_
_entity.id
_entity.type
_entity.pdbx_description
1 polymer 'BRAMP domain protein'
2 non-polymer "8-demethyl-8-aminoriboflavin-5'-phosphate"
3 water water
#
_entity_poly.entity_id   1
_entity_poly.type   'polypeptide(L)'
_entity_poly.pdbx_seq_one_letter_code
;MALKALILNTTLRRSPSRSQTQGLIDKAVPLYEKEGIETEVVRVIDHDIEQEYWDDYDDWNAGEKARREDEWPWLLEKIR
EADILVIATPITLNMCTSAAHVILEKLNLMDELNGDTKQFPLYNKVAGLLMCGNEDGAHHVAGTVLNNLGRLGYSVPPNA
AAYWLGPAGTGPGYIEGKGDRHFHTNKLIRFMVANTSHLARMLQETPYTTDLEACAQAAREESDDVFAIRVNVNTPAIRY
KRFQKLGEVKVEESQLG
;
_entity_poly.pdbx_strand_id   A,B,C,D,E,F,G,H
#
loop_
_chem_comp.id
_chem_comp.type
_chem_comp.name
_chem_comp.formula
8DP non-polymer 8-demethyl-8-aminoriboflavin-5'-phosphate 'C16 H19 N5 O9 P 1'
#
# COMPACT_ATOMS: atom_id res chain seq x y z
N ALA A 2 2.11 -10.24 24.63
CA ALA A 2 3.19 -10.24 23.66
C ALA A 2 3.82 -8.84 23.56
N LEU A 3 5.03 -8.80 23.04
CA LEU A 3 5.68 -7.53 22.76
C LEU A 3 4.96 -6.82 21.62
N LYS A 4 5.05 -5.49 21.62
CA LYS A 4 4.35 -4.66 20.64
C LYS A 4 5.34 -3.72 19.96
N ALA A 5 5.21 -3.59 18.66
CA ALA A 5 5.97 -2.62 17.87
C ALA A 5 5.01 -1.57 17.34
N LEU A 6 5.32 -0.30 17.57
CA LEU A 6 4.52 0.82 17.10
C LEU A 6 5.32 1.53 16.02
N ILE A 7 4.77 1.59 14.81
CA ILE A 7 5.44 2.20 13.67
C ILE A 7 4.70 3.48 13.34
N LEU A 8 5.40 4.62 13.39
CA LEU A 8 4.77 5.92 13.15
C LEU A 8 5.19 6.40 11.77
N ASN A 9 4.27 6.35 10.81
CA ASN A 9 4.52 6.96 9.51
C ASN A 9 4.33 8.47 9.65
N THR A 10 5.42 9.22 9.50
CA THR A 10 5.34 10.66 9.72
C THR A 10 5.28 11.46 8.41
N THR A 11 4.79 10.83 7.34
CA THR A 11 4.52 11.55 6.10
C THR A 11 3.57 12.72 6.33
N LEU A 12 3.69 13.73 5.47
CA LEU A 12 2.85 14.92 5.57
C LEU A 12 1.54 14.81 4.78
N ARG A 13 1.33 13.72 4.06
CA ARG A 13 0.10 13.57 3.28
C ARG A 13 -0.89 12.69 4.05
N ARG A 14 -2.13 13.18 4.17
CA ARG A 14 -3.18 12.50 4.91
C ARG A 14 -3.63 11.22 4.21
N SER A 15 -3.94 10.18 5.00
CA SER A 15 -4.45 8.94 4.40
C SER A 15 -5.73 9.23 3.62
N PRO A 16 -5.95 8.52 2.51
CA PRO A 16 -5.16 7.38 1.99
C PRO A 16 -4.13 7.75 0.92
N SER A 17 -3.70 9.00 0.84
CA SER A 17 -2.77 9.38 -0.21
C SER A 17 -1.55 8.47 -0.15
N ARG A 18 -1.03 8.07 -1.31
CA ARG A 18 0.01 7.08 -1.36
C ARG A 18 1.33 7.67 -0.84
N SER A 19 1.96 6.96 0.09
CA SER A 19 3.19 7.40 0.73
C SER A 19 4.36 6.53 0.28
N GLN A 20 5.47 7.17 -0.13
CA GLN A 20 6.70 6.44 -0.45
C GLN A 20 7.20 5.65 0.77
N THR A 21 7.21 6.30 1.93
CA THR A 21 7.74 5.70 3.14
C THR A 21 6.96 4.46 3.53
N GLN A 22 5.64 4.48 3.25
CA GLN A 22 4.78 3.34 3.58
C GLN A 22 5.29 2.05 2.95
N GLY A 23 5.99 2.14 1.81
CA GLY A 23 6.56 0.94 1.21
C GLY A 23 7.54 0.24 2.12
N LEU A 24 8.38 0.98 2.85
CA LEU A 24 9.27 0.36 3.81
C LEU A 24 8.50 -0.25 4.97
N ILE A 25 7.47 0.44 5.45
CA ILE A 25 6.62 -0.07 6.53
C ILE A 25 5.97 -1.38 6.11
N ASP A 26 5.49 -1.44 4.87
CA ASP A 26 4.84 -2.65 4.39
C ASP A 26 5.77 -3.86 4.37
N LYS A 27 7.09 -3.63 4.21
CA LYS A 27 8.04 -4.75 4.34
C LYS A 27 8.27 -5.13 5.80
N ALA A 28 8.36 -4.14 6.69
CA ALA A 28 8.71 -4.39 8.07
C ALA A 28 7.59 -5.11 8.83
N VAL A 29 6.33 -4.77 8.54
CA VAL A 29 5.23 -5.31 9.35
C VAL A 29 5.20 -6.84 9.33
N PRO A 30 5.18 -7.53 8.18
CA PRO A 30 5.13 -9.01 8.24
C PRO A 30 6.37 -9.60 8.88
N LEU A 31 7.52 -8.94 8.78
CA LEU A 31 8.72 -9.46 9.44
C LEU A 31 8.58 -9.39 10.96
N TYR A 32 8.04 -8.28 11.49
CA TYR A 32 7.80 -8.23 12.93
C TYR A 32 6.78 -9.28 13.36
N GLU A 33 5.72 -9.46 12.56
CA GLU A 33 4.71 -10.45 12.93
C GLU A 33 5.30 -11.86 12.95
N LYS A 34 6.22 -12.18 12.03
CA LYS A 34 6.89 -13.47 12.06
C LYS A 34 7.74 -13.63 13.32
N GLU A 35 8.25 -12.52 13.87
CA GLU A 35 8.98 -12.52 15.15
C GLU A 35 8.06 -12.68 16.35
N GLY A 36 6.75 -12.73 16.15
CA GLY A 36 5.84 -12.77 17.27
C GLY A 36 5.60 -11.42 17.92
N ILE A 37 5.94 -10.34 17.23
CA ILE A 37 5.79 -9.00 17.79
C ILE A 37 4.62 -8.34 17.06
N GLU A 38 3.58 -8.02 17.82
CA GLU A 38 2.36 -7.44 17.26
C GLU A 38 2.65 -6.01 16.82
N THR A 39 2.24 -5.66 15.61
CA THR A 39 2.55 -4.36 15.04
C THR A 39 1.30 -3.49 14.96
N GLU A 40 1.53 -2.19 15.08
CA GLU A 40 0.49 -1.20 14.81
C GLU A 40 1.12 -0.07 14.04
N VAL A 41 0.49 0.37 12.96
CA VAL A 41 0.98 1.49 12.16
C VAL A 41 0.04 2.67 12.41
N VAL A 42 0.59 3.82 12.75
CA VAL A 42 -0.17 5.05 12.92
C VAL A 42 0.41 6.08 11.97
N ARG A 43 -0.45 6.71 11.16
CA ARG A 43 0.02 7.82 10.32
C ARG A 43 -0.32 9.10 11.06
N VAL A 44 0.69 9.72 11.66
CA VAL A 44 0.45 10.70 12.71
C VAL A 44 -0.25 11.93 12.15
N ILE A 45 -0.01 12.28 10.88
CA ILE A 45 -0.64 13.47 10.30
C ILE A 45 -2.15 13.31 10.17
N ASP A 46 -2.67 12.09 10.22
CA ASP A 46 -4.12 11.91 10.18
C ASP A 46 -4.78 12.38 11.45
N HIS A 47 -4.01 12.59 12.49
CA HIS A 47 -4.53 12.84 13.83
C HIS A 47 -4.28 14.27 14.26
N ASP A 48 -5.19 14.78 15.09
CA ASP A 48 -5.16 16.17 15.53
C ASP A 48 -4.23 16.26 16.74
N ILE A 49 -2.99 16.71 16.50
CA ILE A 49 -1.97 16.85 17.53
C ILE A 49 -1.56 18.31 17.59
N GLU A 50 -1.81 18.97 18.72
CA GLU A 50 -1.54 20.41 18.82
C GLU A 50 -0.06 20.68 18.90
N GLN A 51 0.43 21.58 18.06
CA GLN A 51 1.85 21.94 17.99
C GLN A 51 2.24 22.98 19.02
N GLU A 52 1.32 23.87 19.39
CA GLU A 52 1.67 25.00 20.23
C GLU A 52 1.98 24.55 21.65
N TYR A 53 2.78 25.37 22.33
CA TYR A 53 3.28 25.07 23.67
C TYR A 53 2.69 26.03 24.69
N TRP A 54 2.34 25.49 25.85
CA TRP A 54 2.01 26.35 26.97
C TRP A 54 2.47 25.67 28.26
N ASP A 55 3.01 26.47 29.19
CA ASP A 55 3.10 26.13 30.60
C ASP A 55 2.82 27.38 31.42
N ASP A 56 2.94 27.29 32.75
CA ASP A 56 2.51 28.39 33.62
C ASP A 56 3.34 29.67 33.45
N TYR A 57 4.54 29.57 32.89
CA TYR A 57 5.29 30.80 32.62
C TYR A 57 4.74 31.57 31.44
N ASP A 58 3.92 30.94 30.63
CA ASP A 58 3.41 31.59 29.44
C ASP A 58 2.20 32.44 29.79
N ASP A 59 1.77 33.24 28.81
CA ASP A 59 0.54 34.00 28.95
C ASP A 59 -0.66 33.05 28.97
N TRP A 60 -1.56 33.26 29.93
CA TRP A 60 -2.60 32.28 30.18
C TRP A 60 -3.59 32.18 29.02
N ASN A 61 -4.07 33.33 28.54
CA ASN A 61 -5.03 33.31 27.44
C ASN A 61 -4.39 32.85 26.14
N ALA A 62 -3.14 33.24 25.91
CA ALA A 62 -2.43 32.80 24.70
C ALA A 62 -2.37 31.28 24.61
N GLY A 63 -2.27 30.61 25.75
CA GLY A 63 -2.11 29.17 25.78
C GLY A 63 -3.38 28.35 25.62
N GLU A 64 -4.55 28.99 25.49
CA GLU A 64 -5.78 28.21 25.38
C GLU A 64 -5.69 27.19 24.26
N LYS A 65 -5.22 27.61 23.07
CA LYS A 65 -5.12 26.66 21.96
C LYS A 65 -4.13 25.55 22.26
N ALA A 66 -2.99 25.88 22.88
CA ALA A 66 -2.04 24.84 23.28
C ALA A 66 -2.66 23.87 24.27
N ARG A 67 -3.56 24.33 25.14
CA ARG A 67 -4.12 23.46 26.17
C ARG A 67 -5.32 22.65 25.70
N ARG A 68 -5.75 22.81 24.44
CA ARG A 68 -7.02 22.24 24.03
C ARG A 68 -6.98 20.71 24.03
N GLU A 69 -8.16 20.11 24.07
CA GLU A 69 -8.29 18.67 23.94
C GLU A 69 -7.91 18.23 22.53
N ASP A 70 -6.91 17.35 22.40
CA ASP A 70 -6.53 16.85 21.09
C ASP A 70 -6.35 15.33 21.21
N GLU A 71 -5.66 14.74 20.24
CA GLU A 71 -5.43 13.29 20.22
C GLU A 71 -4.06 12.90 20.76
N TRP A 72 -3.32 13.83 21.35
CA TRP A 72 -2.01 13.46 21.86
C TRP A 72 -2.06 12.45 23.01
N PRO A 73 -2.96 12.59 24.01
CA PRO A 73 -2.99 11.54 25.07
C PRO A 73 -3.16 10.14 24.51
N TRP A 74 -4.04 9.98 23.53
CA TRP A 74 -4.22 8.69 22.86
C TRP A 74 -2.90 8.19 22.26
N LEU A 75 -2.20 9.05 21.51
CA LEU A 75 -0.95 8.62 20.88
C LEU A 75 0.15 8.39 21.91
N LEU A 76 0.26 9.27 22.91
CA LEU A 76 1.26 9.10 23.96
C LEU A 76 1.08 7.77 24.67
N GLU A 77 -0.17 7.37 24.90
CA GLU A 77 -0.41 6.10 25.58
C GLU A 77 0.05 4.93 24.75
N LYS A 78 -0.16 4.98 23.42
CA LYS A 78 0.36 3.91 22.56
C LYS A 78 1.89 3.85 22.62
N ILE A 79 2.56 5.01 22.67
CA ILE A 79 4.01 5.02 22.75
C ILE A 79 4.47 4.45 24.08
N ARG A 80 3.77 4.80 25.17
CA ARG A 80 4.13 4.24 26.47
C ARG A 80 3.98 2.73 26.49
N GLU A 81 2.99 2.21 25.78
CA GLU A 81 2.73 0.78 25.80
C GLU A 81 3.61 -0.01 24.85
N ALA A 82 4.20 0.63 23.83
CA ALA A 82 4.93 -0.11 22.81
C ALA A 82 6.33 -0.45 23.32
N ASP A 83 6.75 -1.70 23.09
CA ASP A 83 8.09 -2.12 23.47
C ASP A 83 9.11 -1.69 22.42
N ILE A 84 8.68 -1.58 21.16
CA ILE A 84 9.53 -1.09 20.08
C ILE A 84 8.83 0.12 19.47
N LEU A 85 9.59 1.20 19.27
CA LEU A 85 9.11 2.39 18.57
C LEU A 85 9.91 2.52 17.28
N VAL A 86 9.25 2.41 16.14
CA VAL A 86 9.89 2.63 14.86
C VAL A 86 9.36 3.94 14.32
N ILE A 87 10.23 4.93 14.18
CA ILE A 87 9.86 6.14 13.44
C ILE A 87 10.10 5.86 11.96
N ALA A 88 9.07 6.05 11.16
CA ALA A 88 9.18 5.79 9.72
C ALA A 88 8.96 7.14 9.04
N THR A 89 10.06 7.80 8.68
CA THR A 89 9.92 9.19 8.29
C THR A 89 10.44 9.42 6.88
N PRO A 90 9.71 10.18 6.07
CA PRO A 90 10.34 10.80 4.91
C PRO A 90 11.39 11.78 5.40
N ILE A 91 12.28 12.18 4.49
CA ILE A 91 13.30 13.19 4.79
C ILE A 91 12.85 14.52 4.21
N THR A 92 12.85 15.57 5.05
CA THR A 92 12.65 16.93 4.52
C THR A 92 13.71 17.84 5.10
N LEU A 93 14.36 18.63 4.22
CA LEU A 93 15.40 19.58 4.61
C LEU A 93 16.55 18.89 5.34
N ASN A 94 16.87 17.66 4.95
CA ASN A 94 17.90 16.84 5.61
C ASN A 94 17.56 16.56 7.07
N MET A 95 16.27 16.61 7.44
CA MET A 95 15.80 16.21 8.75
C MET A 95 14.66 15.20 8.58
N CYS A 96 14.16 14.70 9.72
CA CYS A 96 12.86 14.05 9.70
C CYS A 96 11.80 15.06 9.23
N THR A 97 10.58 14.58 9.02
CA THR A 97 9.55 15.55 8.64
C THR A 97 9.15 16.43 9.83
N SER A 98 8.48 17.55 9.52
CA SER A 98 7.99 18.40 10.60
C SER A 98 7.00 17.66 11.49
N ALA A 99 6.27 16.67 10.91
CA ALA A 99 5.34 15.88 11.72
C ALA A 99 6.06 15.02 12.76
N ALA A 100 7.14 14.35 12.35
CA ALA A 100 7.99 13.64 13.30
C ALA A 100 8.54 14.60 14.35
N HIS A 101 8.86 15.81 13.92
CA HIS A 101 9.47 16.81 14.79
C HIS A 101 8.50 17.22 15.90
N VAL A 102 7.22 17.45 15.55
CA VAL A 102 6.22 17.78 16.56
C VAL A 102 6.09 16.64 17.57
N ILE A 103 5.96 15.41 17.08
CA ILE A 103 5.78 14.26 17.97
C ILE A 103 6.95 14.17 18.94
N LEU A 104 8.16 14.32 18.41
CA LEU A 104 9.34 14.23 19.27
C LEU A 104 9.42 15.39 20.26
N GLU A 105 9.04 16.60 19.82
CA GLU A 105 8.96 17.72 20.76
C GLU A 105 8.03 17.42 21.92
N LYS A 106 6.83 16.89 21.63
CA LYS A 106 5.89 16.59 22.70
C LYS A 106 6.35 15.42 23.55
N LEU A 107 7.01 14.45 22.93
CA LEU A 107 7.50 13.29 23.68
C LEU A 107 8.58 13.70 24.68
N ASN A 108 9.32 14.77 24.39
N ASN A 108 9.31 14.78 24.40
CA ASN A 108 10.38 15.24 25.27
CA ASN A 108 10.39 15.19 25.29
C ASN A 108 9.88 16.10 26.42
C ASN A 108 9.86 15.78 26.59
N LEU A 109 8.55 16.24 26.59
N LEU A 109 8.73 15.26 27.07
CA LEU A 109 7.97 17.13 27.59
CA LEU A 109 8.31 15.46 28.42
C LEU A 109 7.48 16.43 28.85
C LEU A 109 8.69 14.29 29.31
N MET A 110 7.63 15.10 28.95
N MET A 110 9.24 13.23 28.73
CA MET A 110 7.21 14.36 30.15
CA MET A 110 9.41 11.98 29.44
C MET A 110 8.11 14.66 31.36
C MET A 110 10.86 11.75 29.89
N ASP A 111 7.50 14.87 32.52
N ASP A 111 11.55 12.79 30.35
CA ASP A 111 8.20 15.03 33.79
CA ASP A 111 12.77 12.58 31.11
C ASP A 111 7.84 13.84 34.68
C ASP A 111 12.54 12.96 32.57
N GLU A 112 8.33 12.67 34.31
N GLU A 112 11.44 12.49 33.17
CA GLU A 112 8.06 11.52 35.15
CA GLU A 112 11.30 12.55 34.61
C GLU A 112 9.37 10.83 35.38
C GLU A 112 10.94 11.15 35.06
N LEU A 113 9.70 10.69 36.65
N LEU A 113 10.47 10.92 36.29
CA LEU A 113 10.62 9.66 37.09
CA LEU A 113 10.69 9.62 36.91
C LEU A 113 9.73 8.60 37.70
C LEU A 113 9.46 8.75 37.09
N ASN A 114 9.71 7.43 37.07
CA ASN A 114 8.84 6.36 37.54
C ASN A 114 9.14 6.08 39.01
N GLY A 115 8.10 5.99 39.83
CA GLY A 115 8.29 5.97 41.27
C GLY A 115 9.09 4.79 41.75
N ASP A 116 8.90 3.62 41.14
CA ASP A 116 9.56 2.43 41.64
C ASP A 116 10.87 2.12 40.92
N THR A 117 11.00 2.51 39.64
CA THR A 117 12.24 2.23 38.93
C THR A 117 13.26 3.34 39.10
N LYS A 118 12.82 4.56 39.40
CA LYS A 118 13.68 5.74 39.33
C LYS A 118 14.31 5.85 37.94
N GLN A 119 13.50 5.56 36.93
CA GLN A 119 13.92 5.67 35.53
C GLN A 119 12.91 6.51 34.78
N PHE A 120 13.36 7.10 33.67
CA PHE A 120 12.44 7.82 32.80
C PHE A 120 11.39 6.86 32.25
N PRO A 121 10.21 7.37 31.87
CA PRO A 121 9.09 6.49 31.51
C PRO A 121 9.36 5.58 30.33
N LEU A 122 10.24 5.96 29.40
CA LEU A 122 10.48 5.17 28.20
C LEU A 122 11.70 4.26 28.32
N TYR A 123 12.28 4.15 29.50
CA TYR A 123 13.38 3.21 29.73
C TYR A 123 12.94 1.78 29.39
N ASN A 124 13.93 0.99 28.94
CA ASN A 124 13.81 -0.41 28.57
C ASN A 124 13.05 -0.64 27.28
N LYS A 125 12.80 0.41 26.51
CA LYS A 125 12.21 0.24 25.18
C LYS A 125 13.30 0.29 24.12
N VAL A 126 12.93 -0.08 22.90
CA VAL A 126 13.89 -0.21 21.81
C VAL A 126 13.40 0.61 20.64
N ALA A 127 14.32 1.30 19.96
CA ALA A 127 13.99 2.16 18.84
C ALA A 127 14.61 1.64 17.55
N GLY A 128 13.86 1.77 16.46
CA GLY A 128 14.38 1.56 15.12
C GLY A 128 13.90 2.68 14.23
N LEU A 129 14.39 2.67 13.01
CA LEU A 129 14.14 3.79 12.11
C LEU A 129 13.95 3.26 10.70
N LEU A 130 12.90 3.74 10.03
CA LEU A 130 12.73 3.56 8.59
C LEU A 130 12.71 4.95 7.94
N MET A 131 13.49 5.14 6.88
CA MET A 131 13.58 6.47 6.27
C MET A 131 13.48 6.36 4.75
N CYS A 132 12.89 7.39 4.14
CA CYS A 132 12.78 7.44 2.68
C CYS A 132 13.10 8.86 2.23
N GLY A 133 14.09 9.01 1.35
CA GLY A 133 14.36 10.30 0.76
C GLY A 133 14.54 10.14 -0.75
N ASN A 134 14.48 11.25 -1.47
CA ASN A 134 14.76 11.11 -2.90
C ASN A 134 16.24 10.93 -3.20
N GLU A 135 17.13 11.44 -2.33
CA GLU A 135 18.54 11.41 -2.67
C GLU A 135 19.51 11.41 -1.48
N ASP A 136 19.17 12.04 -0.35
CA ASP A 136 20.23 12.31 0.62
C ASP A 136 19.66 12.66 1.99
N GLY A 137 20.34 12.19 3.05
CA GLY A 137 20.01 12.63 4.40
C GLY A 137 19.78 11.52 5.41
N ALA A 138 19.86 10.27 4.95
CA ALA A 138 19.46 9.14 5.80
C ALA A 138 20.32 9.05 7.06
N HIS A 139 21.65 9.01 6.91
CA HIS A 139 22.48 8.83 8.11
C HIS A 139 22.44 10.05 9.02
N HIS A 140 22.27 11.25 8.45
CA HIS A 140 22.14 12.46 9.26
C HIS A 140 20.87 12.43 10.09
N VAL A 141 19.74 12.06 9.47
CA VAL A 141 18.49 11.97 10.22
C VAL A 141 18.57 10.89 11.27
N ALA A 142 19.16 9.74 10.93
CA ALA A 142 19.28 8.65 11.89
C ALA A 142 20.07 9.10 13.10
N GLY A 143 21.17 9.82 12.88
CA GLY A 143 21.94 10.30 14.01
C GLY A 143 21.12 11.20 14.91
N THR A 144 20.40 12.16 14.31
CA THR A 144 19.64 13.12 15.10
C THR A 144 18.47 12.44 15.83
N VAL A 145 17.70 11.62 15.12
CA VAL A 145 16.51 11.03 15.74
C VAL A 145 16.88 9.99 16.78
N LEU A 146 17.82 9.09 16.45
CA LEU A 146 18.15 8.03 17.40
C LEU A 146 18.85 8.58 18.63
N ASN A 147 19.67 9.63 18.46
CA ASN A 147 20.25 10.32 19.61
C ASN A 147 19.14 10.85 20.52
N ASN A 148 18.14 11.53 19.95
CA ASN A 148 17.07 12.07 20.78
CA ASN A 148 17.08 12.08 20.80
C ASN A 148 16.31 10.98 21.51
N LEU A 149 16.01 9.87 20.81
CA LEU A 149 15.30 8.78 21.46
C LEU A 149 16.15 8.16 22.56
N GLY A 150 17.46 8.05 22.29
CA GLY A 150 18.40 7.62 23.33
C GLY A 150 18.31 8.44 24.60
N ARG A 151 18.13 9.77 24.47
CA ARG A 151 18.03 10.62 25.66
C ARG A 151 16.81 10.29 26.50
N LEU A 152 15.75 9.76 25.86
CA LEU A 152 14.49 9.47 26.53
C LEU A 152 14.47 8.12 27.24
N GLY A 153 15.37 7.21 26.89
CA GLY A 153 15.32 5.90 27.50
C GLY A 153 15.40 4.74 26.53
N TYR A 154 15.36 5.01 25.22
CA TYR A 154 15.41 3.96 24.22
C TYR A 154 16.81 3.41 24.04
N SER A 155 16.90 2.10 23.86
CA SER A 155 18.13 1.44 23.45
C SER A 155 18.09 1.19 21.95
N VAL A 156 19.26 1.28 21.32
CA VAL A 156 19.36 1.17 19.86
C VAL A 156 20.26 -0.02 19.56
N PRO A 157 19.76 -1.05 18.89
CA PRO A 157 20.61 -2.17 18.50
C PRO A 157 21.48 -1.77 17.33
N PRO A 158 22.44 -2.61 16.92
CA PRO A 158 23.18 -2.31 15.69
C PRO A 158 22.28 -2.42 14.48
N ASN A 159 22.64 -1.67 13.44
CA ASN A 159 21.94 -1.69 12.17
C ASN A 159 20.44 -1.45 12.38
N ALA A 160 20.14 -0.45 13.20
CA ALA A 160 18.76 -0.15 13.58
C ALA A 160 18.05 0.78 12.62
N ALA A 161 18.72 1.31 11.60
CA ALA A 161 18.13 2.29 10.68
C ALA A 161 18.18 1.76 9.26
N ALA A 162 17.01 1.56 8.65
CA ALA A 162 16.88 1.11 7.27
C ALA A 162 16.26 2.22 6.43
N TYR A 163 16.67 2.32 5.15
CA TYR A 163 16.31 3.50 4.38
C TYR A 163 16.39 3.19 2.89
N TRP A 164 15.76 4.06 2.10
CA TRP A 164 15.91 4.08 0.65
C TRP A 164 16.25 5.51 0.23
N LEU A 165 17.19 5.61 -0.71
CA LEU A 165 17.54 6.87 -1.36
C LEU A 165 17.85 6.56 -2.81
N GLY A 166 17.49 7.48 -3.71
CA GLY A 166 18.03 7.43 -5.06
C GLY A 166 19.38 8.15 -5.17
N PRO A 167 19.89 8.28 -6.40
CA PRO A 167 21.13 9.03 -6.60
C PRO A 167 20.93 10.52 -6.41
N ALA A 168 22.05 11.26 -6.38
CA ALA A 168 22.00 12.72 -6.39
C ALA A 168 21.00 13.19 -7.45
N GLY A 169 20.04 13.99 -7.03
CA GLY A 169 19.01 14.42 -7.96
C GLY A 169 17.74 14.86 -7.24
N THR A 170 16.69 15.06 -8.03
CA THR A 170 15.41 15.55 -7.54
C THR A 170 14.43 14.44 -7.25
N GLY A 171 14.76 13.21 -7.62
CA GLY A 171 13.81 12.12 -7.60
C GLY A 171 13.95 11.27 -8.85
N PRO A 172 13.01 10.34 -9.06
CA PRO A 172 11.78 10.16 -8.27
C PRO A 172 12.00 9.37 -6.97
N GLY A 173 10.90 9.10 -6.25
CA GLY A 173 10.97 8.42 -4.98
C GLY A 173 10.93 6.90 -5.06
N TYR A 174 10.67 6.29 -3.90
CA TYR A 174 10.71 4.84 -3.73
C TYR A 174 9.83 4.11 -4.74
N ILE A 175 8.66 4.65 -5.05
CA ILE A 175 7.69 3.93 -5.89
C ILE A 175 8.19 3.86 -7.34
N GLU A 176 8.36 5.01 -7.99
CA GLU A 176 8.86 5.00 -9.36
C GLU A 176 10.28 4.47 -9.43
N GLY A 177 11.06 4.64 -8.37
CA GLY A 177 12.43 4.16 -8.33
C GLY A 177 12.58 2.69 -8.04
N LYS A 178 11.45 1.99 -7.84
CA LYS A 178 11.39 0.53 -7.66
C LYS A 178 12.10 0.11 -6.39
N GLY A 179 11.95 0.91 -5.34
CA GLY A 179 12.61 0.62 -4.07
C GLY A 179 12.11 -0.65 -3.41
N ASP A 180 10.90 -1.11 -3.74
CA ASP A 180 10.42 -2.38 -3.20
CA ASP A 180 10.39 -2.38 -3.24
C ASP A 180 11.32 -3.55 -3.59
N ARG A 181 12.14 -3.39 -4.64
CA ARG A 181 13.08 -4.44 -5.06
C ARG A 181 14.54 -3.97 -4.92
N HIS A 182 14.78 -2.99 -4.06
CA HIS A 182 16.12 -2.47 -3.85
C HIS A 182 16.81 -3.34 -2.81
N PHE A 183 17.85 -4.06 -3.23
CA PHE A 183 18.49 -5.08 -2.39
C PHE A 183 18.98 -4.48 -1.09
N HIS A 184 19.70 -3.35 -1.17
CA HIS A 184 20.32 -2.79 0.02
C HIS A 184 19.26 -2.40 1.05
N THR A 185 18.18 -1.74 0.60
CA THR A 185 17.09 -1.39 1.51
C THR A 185 16.45 -2.64 2.10
N ASN A 186 16.18 -3.63 1.25
CA ASN A 186 15.49 -4.82 1.75
C ASN A 186 16.33 -5.56 2.77
N LYS A 187 17.64 -5.58 2.57
CA LYS A 187 18.46 -6.27 3.57
C LYS A 187 18.57 -5.44 4.85
N LEU A 188 18.64 -4.10 4.74
CA LEU A 188 18.66 -3.29 5.95
C LEU A 188 17.38 -3.43 6.77
N ILE A 189 16.21 -3.46 6.10
CA ILE A 189 14.96 -3.62 6.84
C ILE A 189 15.00 -4.92 7.65
N ARG A 190 15.50 -5.99 7.03
CA ARG A 190 15.57 -7.28 7.71
C ARG A 190 16.53 -7.25 8.90
N PHE A 191 17.70 -6.63 8.75
CA PHE A 191 18.62 -6.42 9.86
C PHE A 191 17.89 -5.73 11.00
N MET A 192 17.22 -4.63 10.69
CA MET A 192 16.61 -3.80 11.71
C MET A 192 15.55 -4.57 12.48
N VAL A 193 14.68 -5.30 11.76
CA VAL A 193 13.63 -6.05 12.44
C VAL A 193 14.22 -7.14 13.33
N ALA A 194 15.18 -7.89 12.80
CA ALA A 194 15.78 -8.98 13.58
C ALA A 194 16.43 -8.43 14.85
N ASN A 195 17.15 -7.32 14.74
CA ASN A 195 17.93 -6.81 15.88
C ASN A 195 17.06 -6.08 16.89
N THR A 196 16.12 -5.23 16.44
CA THR A 196 15.22 -4.60 17.40
C THR A 196 14.38 -5.63 18.13
N SER A 197 13.94 -6.68 17.43
CA SER A 197 13.15 -7.72 18.08
C SER A 197 13.95 -8.45 19.17
N HIS A 198 15.20 -8.82 18.86
CA HIS A 198 16.04 -9.48 19.85
C HIS A 198 16.25 -8.60 21.07
N LEU A 199 16.63 -7.35 20.85
CA LEU A 199 16.92 -6.49 22.00
C LEU A 199 15.66 -6.22 22.82
N ALA A 200 14.49 -6.17 22.17
CA ALA A 200 13.26 -5.98 22.93
C ALA A 200 13.00 -7.17 23.85
N ARG A 201 13.17 -8.39 23.32
CA ARG A 201 12.99 -9.58 24.15
C ARG A 201 14.00 -9.59 25.29
N MET A 202 15.24 -9.21 25.02
CA MET A 202 16.25 -9.09 26.07
C MET A 202 15.81 -8.15 27.17
N LEU A 203 15.41 -6.93 26.80
CA LEU A 203 15.08 -5.94 27.82
C LEU A 203 13.79 -6.27 28.56
N GLN A 204 12.91 -7.06 27.95
CA GLN A 204 11.74 -7.55 28.67
C GLN A 204 12.15 -8.49 29.79
N GLU A 205 13.18 -9.30 29.56
CA GLU A 205 13.61 -10.25 30.58
C GLU A 205 14.55 -9.61 31.60
N THR A 206 15.47 -8.75 31.17
CA THR A 206 16.49 -8.19 32.05
C THR A 206 16.57 -6.68 31.83
N PRO A 207 15.60 -5.93 32.35
CA PRO A 207 15.62 -4.48 32.18
C PRO A 207 16.80 -3.85 32.90
N TYR A 208 17.14 -2.61 32.47
CA TYR A 208 18.10 -1.82 33.23
C TYR A 208 17.62 -1.69 34.66
N THR A 209 18.54 -1.83 35.62
CA THR A 209 18.24 -1.62 37.03
C THR A 209 18.79 -0.28 37.53
N THR A 210 19.35 0.52 36.63
CA THR A 210 19.92 1.81 36.99
C THR A 210 18.91 2.66 37.74
N ASP A 211 19.34 3.22 38.86
CA ASP A 211 18.56 4.15 39.67
C ASP A 211 19.06 5.56 39.33
N LEU A 212 18.35 6.27 38.46
CA LEU A 212 18.81 7.60 38.04
C LEU A 212 18.78 8.59 39.20
N GLU A 213 17.87 8.39 40.15
CA GLU A 213 17.81 9.26 41.32
C GLU A 213 19.08 9.13 42.15
N ALA A 214 19.54 7.89 42.34
CA ALA A 214 20.78 7.65 43.08
C ALA A 214 21.99 8.19 42.33
N CYS A 215 22.06 7.95 41.02
CA CYS A 215 23.12 8.54 40.22
C CYS A 215 23.16 10.04 40.40
N ALA A 216 21.97 10.68 40.43
CA ALA A 216 21.90 12.12 40.56
C ALA A 216 22.33 12.59 41.94
N GLN A 217 21.97 11.83 42.97
CA GLN A 217 22.38 12.21 44.32
C GLN A 217 23.87 12.10 44.49
N ALA A 218 24.47 11.01 43.99
CA ALA A 218 25.93 10.91 44.01
C ALA A 218 26.57 12.06 43.22
N ALA A 219 25.94 12.45 42.11
CA ALA A 219 26.45 13.57 41.33
C ALA A 219 26.29 14.89 42.09
N ARG A 220 25.18 15.06 42.81
CA ARG A 220 25.03 16.26 43.63
C ARG A 220 26.12 16.32 44.70
N GLU A 221 26.39 15.18 45.35
CA GLU A 221 27.37 15.11 46.44
C GLU A 221 28.79 15.34 45.96
N GLU A 222 29.03 15.45 44.66
CA GLU A 222 30.38 15.72 44.14
C GLU A 222 30.44 16.97 43.27
N SER A 223 29.38 17.78 43.25
CA SER A 223 29.32 18.92 42.34
C SER A 223 28.93 20.21 43.07
N ASP A 224 29.12 21.33 42.37
CA ASP A 224 28.66 22.65 42.79
C ASP A 224 27.25 22.89 42.27
N ASP A 225 26.56 23.86 42.88
CA ASP A 225 25.25 24.28 42.42
C ASP A 225 25.27 25.63 41.72
N VAL A 226 26.46 26.10 41.34
CA VAL A 226 26.62 27.35 40.60
C VAL A 226 27.67 27.14 39.52
N PHE A 227 27.35 27.52 38.30
CA PHE A 227 28.32 27.60 37.23
C PHE A 227 28.68 29.06 37.03
N ALA A 228 29.97 29.37 37.02
CA ALA A 228 30.39 30.75 36.77
C ALA A 228 31.77 30.75 36.15
N ILE A 229 31.95 31.60 35.13
CA ILE A 229 33.24 31.78 34.48
C ILE A 229 33.36 33.24 34.05
N ARG A 230 34.59 33.75 34.05
CA ARG A 230 34.86 35.08 33.51
C ARG A 230 34.95 35.04 31.99
N VAL A 231 34.59 36.17 31.37
CA VAL A 231 34.58 36.30 29.92
C VAL A 231 35.58 37.39 29.52
N ASN A 232 36.39 37.09 28.51
CA ASN A 232 37.26 38.11 27.92
C ASN A 232 36.41 38.97 27.00
N VAL A 233 36.13 40.21 27.42
CA VAL A 233 35.28 41.11 26.66
C VAL A 233 36.08 42.09 25.82
N ASN A 234 37.37 41.83 25.62
CA ASN A 234 38.25 42.78 24.95
C ASN A 234 38.73 42.30 23.59
N THR A 235 37.99 41.41 22.93
CA THR A 235 38.43 40.91 21.65
C THR A 235 37.22 40.60 20.78
N PRO A 236 37.27 40.92 19.49
CA PRO A 236 36.25 40.42 18.55
C PRO A 236 36.47 38.98 18.13
N ALA A 237 37.59 38.37 18.53
CA ALA A 237 37.92 37.03 18.05
C ALA A 237 36.92 36.00 18.54
N ILE A 238 36.67 34.99 17.71
CA ILE A 238 35.80 33.88 18.05
C ILE A 238 36.55 32.56 18.06
N ARG A 239 37.88 32.59 17.93
CA ARG A 239 38.67 31.37 17.97
C ARG A 239 38.65 30.78 19.38
N TYR A 240 38.73 29.46 19.46
CA TYR A 240 38.58 28.77 20.72
C TYR A 240 39.87 28.80 21.52
N LYS A 241 39.74 29.06 22.82
CA LYS A 241 40.87 28.99 23.75
C LYS A 241 40.41 28.26 25.01
N ARG A 242 40.96 27.06 25.24
CA ARG A 242 40.58 26.24 26.38
C ARG A 242 41.17 26.76 27.69
N PHE A 243 42.29 27.47 27.61
CA PHE A 243 42.93 28.13 28.74
C PHE A 243 42.90 29.62 28.44
N GLN A 244 42.27 30.41 29.32
CA GLN A 244 42.24 31.85 29.10
C GLN A 244 42.84 32.66 30.25
N LYS A 245 43.13 32.04 31.39
CA LYS A 245 43.87 32.68 32.48
C LYS A 245 43.22 34.00 32.91
N LEU A 246 41.90 34.03 32.98
CA LEU A 246 41.21 35.27 33.31
C LEU A 246 40.97 35.43 34.81
N GLY A 247 41.14 34.37 35.59
CA GLY A 247 40.82 34.39 37.01
C GLY A 247 39.52 33.68 37.31
N GLU A 248 39.46 32.92 38.40
CA GLU A 248 38.21 32.28 38.74
C GLU A 248 37.25 33.29 39.39
N VAL A 249 35.99 32.89 39.49
CA VAL A 249 34.92 33.72 40.05
C VAL A 249 34.58 33.20 41.43
N LYS A 250 34.26 34.12 42.34
CA LYS A 250 33.73 33.77 43.66
C LYS A 250 32.36 34.42 43.82
N VAL A 251 31.43 33.67 44.41
CA VAL A 251 30.01 34.02 44.42
C VAL A 251 29.66 34.72 45.73
N GLU A 252 28.84 35.77 45.63
CA GLU A 252 28.44 36.70 46.69
C GLU A 252 28.63 36.24 48.13
N GLU A 253 27.54 35.86 48.80
CA GLU A 253 27.54 35.61 50.23
C GLU A 253 28.48 34.48 50.64
N ALA B 2 35.50 -11.86 32.62
CA ALA B 2 35.52 -10.44 32.92
C ALA B 2 35.12 -9.61 31.70
N LEU B 3 34.48 -8.47 31.94
CA LEU B 3 34.19 -7.51 30.88
C LEU B 3 35.27 -6.45 30.83
N LYS B 4 35.62 -6.02 29.62
CA LYS B 4 36.62 -4.99 29.39
C LYS B 4 35.99 -3.78 28.75
N ALA B 5 36.37 -2.60 29.25
CA ALA B 5 36.00 -1.33 28.65
C ALA B 5 37.27 -0.65 28.15
N LEU B 6 37.25 -0.21 26.91
CA LEU B 6 38.33 0.57 26.31
C LEU B 6 37.86 1.98 26.05
N ILE B 7 38.57 2.95 26.61
CA ILE B 7 38.25 4.37 26.47
C ILE B 7 39.34 5.00 25.62
N LEU B 8 38.95 5.55 24.46
CA LEU B 8 39.89 6.17 23.53
C LEU B 8 39.82 7.68 23.69
N ASN B 9 40.83 8.27 24.32
CA ASN B 9 40.97 9.71 24.32
C ASN B 9 41.48 10.14 22.96
N THR B 10 40.69 10.93 22.22
CA THR B 10 41.08 11.34 20.88
C THR B 10 41.54 12.79 20.81
N THR B 11 42.09 13.31 21.92
CA THR B 11 42.71 14.63 21.92
C THR B 11 43.88 14.69 20.94
N LEU B 12 44.12 15.88 20.39
CA LEU B 12 45.19 16.08 19.44
C LEU B 12 46.53 16.39 20.10
N ARG B 13 46.59 16.38 21.42
CA ARG B 13 47.84 16.72 22.11
C ARG B 13 48.42 15.47 22.75
N ARG B 14 49.71 15.26 22.53
CA ARG B 14 50.42 14.07 23.01
C ARG B 14 50.61 14.12 24.53
N SER B 15 50.57 12.95 25.16
CA SER B 15 50.88 12.84 26.59
C SER B 15 52.30 13.35 26.85
N PRO B 16 52.52 13.99 28.00
CA PRO B 16 51.55 14.18 29.09
C PRO B 16 50.85 15.53 29.11
N SER B 17 50.76 16.23 27.97
CA SER B 17 50.04 17.50 27.94
C SER B 17 48.64 17.33 28.51
N ARG B 18 48.21 18.30 29.32
CA ARG B 18 46.93 18.23 30.00
C ARG B 18 45.79 18.31 29.00
N SER B 19 44.88 17.35 29.07
CA SER B 19 43.72 17.26 28.18
C SER B 19 42.45 17.55 28.96
N GLN B 20 41.61 18.45 28.42
CA GLN B 20 40.31 18.73 29.02
C GLN B 20 39.44 17.47 29.05
N THR B 21 39.41 16.75 27.93
CA THR B 21 38.57 15.56 27.82
C THR B 21 38.97 14.51 28.85
N GLN B 22 40.26 14.45 29.20
CA GLN B 22 40.72 13.45 30.16
C GLN B 22 40.02 13.61 31.51
N GLY B 23 39.54 14.81 31.82
CA GLY B 23 38.81 15.01 33.06
C GLY B 23 37.54 14.17 33.14
N LEU B 24 36.83 14.04 32.01
CA LEU B 24 35.67 13.17 32.01
C LEU B 24 36.07 11.71 32.13
N ILE B 25 37.14 11.33 31.44
CA ILE B 25 37.66 9.97 31.53
C ILE B 25 38.00 9.64 32.96
N ASP B 26 38.64 10.58 33.66
CA ASP B 26 39.05 10.32 35.05
C ASP B 26 37.85 10.09 35.95
N LYS B 27 36.68 10.66 35.62
CA LYS B 27 35.48 10.32 36.38
C LYS B 27 34.98 8.93 36.00
N ALA B 28 35.06 8.58 34.72
CA ALA B 28 34.42 7.35 34.27
C ALA B 28 35.17 6.10 34.73
N VAL B 29 36.51 6.15 34.73
CA VAL B 29 37.29 4.94 35.01
C VAL B 29 36.96 4.33 36.37
N PRO B 30 37.01 5.06 37.49
CA PRO B 30 36.62 4.42 38.77
C PRO B 30 35.20 3.92 38.79
N LEU B 31 34.27 4.54 38.05
CA LEU B 31 32.89 4.08 38.06
C LEU B 31 32.76 2.73 37.36
N TYR B 32 33.49 2.54 36.24
CA TYR B 32 33.52 1.24 35.60
C TYR B 32 34.17 0.20 36.50
N GLU B 33 35.27 0.57 37.15
CA GLU B 33 35.93 -0.38 38.02
C GLU B 33 35.05 -0.80 39.19
N LYS B 34 34.22 0.10 39.71
CA LYS B 34 33.25 -0.31 40.73
C LYS B 34 32.16 -1.22 40.16
N GLU B 35 31.92 -1.15 38.85
CA GLU B 35 31.00 -2.05 38.17
C GLU B 35 31.59 -3.45 37.95
N GLY B 36 32.86 -3.65 38.29
CA GLY B 36 33.49 -4.93 38.03
C GLY B 36 34.09 -5.05 36.66
N ILE B 37 34.28 -3.93 35.95
CA ILE B 37 34.66 -3.94 34.55
C ILE B 37 36.08 -3.41 34.42
N GLU B 38 36.96 -4.25 33.87
CA GLU B 38 38.35 -3.90 33.65
C GLU B 38 38.45 -2.78 32.61
N THR B 39 39.12 -1.70 32.95
CA THR B 39 39.17 -0.53 32.09
C THR B 39 40.59 -0.28 31.60
N GLU B 40 40.68 0.24 30.38
CA GLU B 40 41.95 0.67 29.80
C GLU B 40 41.71 1.95 29.03
N VAL B 41 42.58 2.93 29.22
CA VAL B 41 42.51 4.22 28.53
C VAL B 41 43.68 4.31 27.56
N VAL B 42 43.38 4.59 26.30
CA VAL B 42 44.38 4.82 25.27
C VAL B 42 44.19 6.23 24.74
N ARG B 43 45.27 7.01 24.72
CA ARG B 43 45.30 8.29 24.00
C ARG B 43 45.84 7.98 22.62
N VAL B 44 44.95 7.95 21.63
CA VAL B 44 45.34 7.39 20.32
C VAL B 44 46.40 8.23 19.65
N ILE B 45 46.43 9.55 19.92
CA ILE B 45 47.41 10.41 19.28
C ILE B 45 48.83 10.08 19.72
N ASP B 46 49.01 9.41 20.86
CA ASP B 46 50.33 8.95 21.26
C ASP B 46 50.87 7.86 20.34
N HIS B 47 50.02 7.29 19.49
CA HIS B 47 50.40 6.12 18.71
C HIS B 47 50.41 6.44 17.23
N ASP B 48 51.27 5.71 16.52
CA ASP B 48 51.52 5.94 15.11
C ASP B 48 50.44 5.21 14.30
N ILE B 49 49.46 5.96 13.81
CA ILE B 49 48.33 5.43 13.05
C ILE B 49 48.32 6.13 11.70
N GLU B 50 48.52 5.37 10.62
CA GLU B 50 48.64 5.97 9.30
C GLU B 50 47.27 6.37 8.74
N GLN B 51 47.16 7.63 8.29
CA GLN B 51 45.91 8.18 7.78
C GLN B 51 45.67 7.82 6.31
N GLU B 52 46.72 7.71 5.51
CA GLU B 52 46.55 7.49 4.08
C GLU B 52 45.93 6.13 3.79
N TYR B 53 45.26 6.04 2.63
CA TYR B 53 44.53 4.85 2.23
C TYR B 53 45.20 4.20 1.02
N TRP B 54 45.19 2.87 0.99
CA TRP B 54 45.54 2.12 -0.21
C TRP B 54 44.72 0.84 -0.23
N ASP B 55 44.24 0.47 -1.42
CA ASP B 55 43.86 -0.91 -1.66
C ASP B 55 44.28 -1.26 -3.09
N ASP B 56 43.98 -2.49 -3.52
CA ASP B 56 44.60 -2.91 -4.77
C ASP B 56 44.00 -2.27 -6.02
N TYR B 57 42.94 -1.46 -5.91
CA TYR B 57 42.55 -0.64 -7.06
C TYR B 57 43.42 0.60 -7.21
N ASP B 58 44.13 1.00 -6.16
CA ASP B 58 44.97 2.19 -6.24
C ASP B 58 46.31 1.88 -6.89
N ASP B 59 47.09 2.93 -7.15
CA ASP B 59 48.46 2.76 -7.64
C ASP B 59 49.35 2.13 -6.57
N TRP B 60 50.17 1.15 -6.97
CA TRP B 60 50.93 0.40 -5.97
C TRP B 60 51.99 1.27 -5.31
N ASN B 61 52.76 2.03 -6.10
CA ASN B 61 53.81 2.86 -5.52
C ASN B 61 53.23 3.97 -4.66
N ALA B 62 52.14 4.60 -5.10
CA ALA B 62 51.54 5.68 -4.32
C ALA B 62 51.11 5.21 -2.95
N GLY B 63 50.72 3.95 -2.82
CA GLY B 63 50.21 3.39 -1.58
C GLY B 63 51.26 2.89 -0.60
N GLU B 64 52.55 3.05 -0.90
CA GLU B 64 53.57 2.46 -0.04
C GLU B 64 53.49 3.01 1.38
N LYS B 65 53.34 4.32 1.53
CA LYS B 65 53.23 4.90 2.87
C LYS B 65 51.97 4.39 3.58
N ALA B 66 50.85 4.29 2.86
CA ALA B 66 49.63 3.75 3.46
C ALA B 66 49.82 2.31 3.93
N ARG B 67 50.65 1.53 3.25
CA ARG B 67 50.83 0.12 3.62
C ARG B 67 51.86 -0.09 4.72
N ARG B 68 52.54 0.97 5.18
CA ARG B 68 53.66 0.80 6.09
C ARG B 68 53.20 0.22 7.43
N GLU B 69 54.17 -0.32 8.16
CA GLU B 69 53.91 -0.90 9.47
C GLU B 69 53.66 0.20 10.49
N ASP B 70 52.51 0.16 11.16
CA ASP B 70 52.17 1.17 12.15
C ASP B 70 51.57 0.44 13.35
N GLU B 71 50.89 1.18 14.23
CA GLU B 71 50.30 0.60 15.43
C GLU B 71 48.82 0.29 15.29
N TRP B 72 48.27 0.37 14.06
CA TRP B 72 46.83 0.16 13.91
C TRP B 72 46.41 -1.28 14.22
N PRO B 73 47.16 -2.31 13.78
CA PRO B 73 46.73 -3.68 14.15
C PRO B 73 46.69 -3.90 15.65
N TRP B 74 47.63 -3.30 16.39
CA TRP B 74 47.57 -3.37 17.84
C TRP B 74 46.28 -2.72 18.36
N LEU B 75 45.96 -1.52 17.88
CA LEU B 75 44.77 -0.81 18.37
C LEU B 75 43.51 -1.52 17.93
N LEU B 76 43.46 -2.00 16.69
CA LEU B 76 42.31 -2.76 16.22
C LEU B 76 42.07 -3.99 17.09
N GLU B 77 43.14 -4.70 17.46
CA GLU B 77 42.96 -5.87 18.31
C GLU B 77 42.39 -5.48 19.67
N LYS B 78 42.78 -4.32 20.22
CA LYS B 78 42.20 -3.91 21.50
C LYS B 78 40.72 -3.60 21.37
N ILE B 79 40.33 -2.91 20.29
CA ILE B 79 38.91 -2.66 20.03
C ILE B 79 38.15 -3.97 19.89
N ARG B 80 38.73 -4.93 19.15
CA ARG B 80 38.07 -6.23 18.98
C ARG B 80 37.87 -6.93 20.32
N GLU B 81 38.82 -6.77 21.25
CA GLU B 81 38.73 -7.46 22.54
C GLU B 81 37.79 -6.76 23.52
N ALA B 82 37.57 -5.46 23.39
CA ALA B 82 36.82 -4.72 24.40
C ALA B 82 35.33 -4.93 24.20
N ASP B 83 34.63 -5.20 25.31
CA ASP B 83 33.18 -5.38 25.24
C ASP B 83 32.47 -4.04 25.20
N ILE B 84 33.10 -3.01 25.76
CA ILE B 84 32.57 -1.64 25.76
C ILE B 84 33.63 -0.75 25.15
N LEU B 85 33.22 0.02 24.15
CA LEU B 85 34.09 1.03 23.55
C LEU B 85 33.51 2.39 23.91
N VAL B 86 34.33 3.23 24.54
CA VAL B 86 33.94 4.59 24.85
C VAL B 86 34.85 5.52 24.07
N ILE B 87 34.31 6.20 23.08
CA ILE B 87 35.04 7.28 22.42
C ILE B 87 34.97 8.50 23.33
N ALA B 88 36.13 9.03 23.69
CA ALA B 88 36.21 10.22 24.54
C ALA B 88 36.87 11.28 23.69
N THR B 89 36.07 12.17 23.11
CA THR B 89 36.61 13.07 22.12
C THR B 89 36.33 14.53 22.45
N PRO B 90 37.32 15.40 22.25
CA PRO B 90 37.04 16.84 22.11
C PRO B 90 36.22 17.10 20.87
N ILE B 91 35.56 18.24 20.86
CA ILE B 91 34.80 18.69 19.70
C ILE B 91 35.67 19.65 18.91
N THR B 92 35.86 19.37 17.62
CA THR B 92 36.44 20.36 16.71
C THR B 92 35.53 20.47 15.50
N LEU B 93 35.24 21.71 15.10
CA LEU B 93 34.43 21.99 13.91
C LEU B 93 33.04 21.34 14.00
N ASN B 94 32.51 21.24 15.23
CA ASN B 94 31.23 20.59 15.50
C ASN B 94 31.24 19.12 15.11
N MET B 95 32.43 18.52 15.13
CA MET B 95 32.64 17.10 14.88
C MET B 95 33.50 16.54 16.00
N CYS B 96 33.65 15.22 16.03
CA CYS B 96 34.74 14.63 16.79
C CYS B 96 36.06 15.18 16.28
N THR B 97 37.17 14.85 16.95
CA THR B 97 38.44 15.33 16.42
C THR B 97 38.83 14.57 15.16
N SER B 98 39.77 15.14 14.42
CA SER B 98 40.32 14.44 13.26
C SER B 98 40.97 13.11 13.66
N ALA B 99 41.47 13.01 14.89
CA ALA B 99 42.08 11.75 15.32
C ALA B 99 41.00 10.68 15.52
N ALA B 100 39.90 11.05 16.17
CA ALA B 100 38.78 10.12 16.26
C ALA B 100 38.32 9.74 14.87
N HIS B 101 38.37 10.70 13.95
CA HIS B 101 37.87 10.52 12.59
C HIS B 101 38.70 9.49 11.84
N VAL B 102 40.03 9.59 11.97
CA VAL B 102 40.94 8.62 11.36
C VAL B 102 40.70 7.23 11.91
N ILE B 103 40.55 7.12 13.24
CA ILE B 103 40.28 5.81 13.86
C ILE B 103 38.98 5.20 13.32
N LEU B 104 37.93 6.02 13.25
CA LEU B 104 36.65 5.52 12.73
C LEU B 104 36.75 5.14 11.26
N GLU B 105 37.49 5.93 10.49
CA GLU B 105 37.68 5.58 9.07
C GLU B 105 38.32 4.19 8.94
N LYS B 106 39.38 3.93 9.69
CA LYS B 106 40.05 2.63 9.60
C LYS B 106 39.19 1.51 10.17
N LEU B 107 38.40 1.81 11.21
CA LEU B 107 37.55 0.81 11.81
C LEU B 107 36.41 0.40 10.89
N ASN B 108 35.97 1.31 10.01
CA ASN B 108 34.90 0.95 9.10
C ASN B 108 35.34 0.00 8.00
N LEU B 109 36.66 -0.21 7.88
N LEU B 109 36.52 -0.60 8.04
CA LEU B 109 37.27 -0.82 6.70
CA LEU B 109 36.72 -1.83 7.28
C LEU B 109 37.40 -2.34 6.82
C LEU B 109 35.96 -3.02 7.90
N MET B 110 37.28 -2.89 8.03
N MET B 110 35.41 -2.89 9.11
CA MET B 110 37.30 -4.33 8.21
CA MET B 110 34.83 -4.01 9.85
C MET B 110 36.25 -4.97 7.30
C MET B 110 33.37 -4.26 9.51
N ASP B 111 36.70 -5.82 6.37
N ASP B 111 32.94 -4.04 8.28
CA ASP B 111 35.79 -6.56 5.49
CA ASP B 111 31.54 -4.31 7.97
C ASP B 111 35.86 -8.02 5.88
C ASP B 111 31.41 -5.52 7.05
N GLU B 112 34.98 -8.42 6.80
N GLU B 112 32.05 -6.63 7.44
CA GLU B 112 34.90 -9.82 7.17
CA GLU B 112 31.93 -7.94 6.79
C GLU B 112 33.53 -10.07 7.77
C GLU B 112 31.90 -9.00 7.89
N LEU B 113 32.94 -11.19 7.39
N LEU B 113 31.87 -10.29 7.53
CA LEU B 113 31.77 -11.71 8.09
CA LEU B 113 31.31 -11.30 8.41
C LEU B 113 32.25 -12.85 8.97
C LEU B 113 32.32 -12.01 9.34
N ASN B 114 31.74 -12.89 10.19
CA ASN B 114 32.37 -13.73 11.20
C ASN B 114 31.92 -15.17 10.98
N GLY B 115 32.87 -16.09 11.04
CA GLY B 115 32.62 -17.53 11.04
C GLY B 115 31.32 -18.07 10.47
N ASP B 116 30.38 -18.70 11.20
CA ASP B 116 30.25 -19.04 12.66
C ASP B 116 29.02 -18.31 13.21
N THR B 117 29.15 -17.01 13.46
CA THR B 117 28.00 -16.22 13.89
C THR B 117 27.29 -15.53 12.74
N LYS B 118 27.95 -15.38 11.59
CA LYS B 118 27.39 -14.67 10.44
C LYS B 118 27.04 -13.24 10.81
N GLN B 119 27.91 -12.60 11.60
CA GLN B 119 27.72 -11.23 12.05
C GLN B 119 29.01 -10.46 11.80
N PHE B 120 28.89 -9.12 11.75
CA PHE B 120 30.08 -8.28 11.66
C PHE B 120 30.92 -8.46 12.92
N PRO B 121 32.23 -8.20 12.84
CA PRO B 121 33.11 -8.54 13.97
C PRO B 121 32.84 -7.80 15.27
N LEU B 122 32.27 -6.59 15.22
CA LEU B 122 32.02 -5.83 16.44
C LEU B 122 30.60 -5.97 16.95
N TYR B 123 29.85 -6.94 16.42
CA TYR B 123 28.52 -7.24 16.95
C TYR B 123 28.63 -7.67 18.41
N ASN B 124 27.58 -7.35 19.16
CA ASN B 124 27.38 -7.69 20.57
C ASN B 124 28.22 -6.82 21.50
N LYS B 125 28.91 -5.81 20.98
CA LYS B 125 29.62 -4.85 21.81
C LYS B 125 28.70 -3.67 22.12
N VAL B 126 29.16 -2.81 23.04
CA VAL B 126 28.39 -1.69 23.54
C VAL B 126 29.22 -0.42 23.37
N ALA B 127 28.55 0.65 22.97
CA ALA B 127 29.21 1.94 22.75
C ALA B 127 28.71 2.98 23.74
N GLY B 128 29.63 3.80 24.22
CA GLY B 128 29.28 5.03 24.92
C GLY B 128 30.21 6.14 24.47
N LEU B 129 29.92 7.34 24.93
CA LEU B 129 30.58 8.51 24.41
C LEU B 129 30.82 9.51 25.52
N LEU B 130 32.06 9.99 25.62
CA LEU B 130 32.39 11.16 26.44
C LEU B 130 32.84 12.27 25.50
N MET B 131 32.39 13.48 25.75
CA MET B 131 32.72 14.58 24.85
C MET B 131 32.99 15.83 25.66
N CYS B 132 33.89 16.66 25.14
CA CYS B 132 34.24 17.92 25.79
C CYS B 132 34.40 18.99 24.72
N GLY B 133 33.70 20.11 24.88
CA GLY B 133 33.88 21.23 23.99
C GLY B 133 33.79 22.54 24.77
N ASN B 134 34.28 23.61 24.17
CA ASN B 134 34.18 24.89 24.87
C ASN B 134 32.75 25.43 24.91
N GLU B 135 31.92 25.10 23.91
CA GLU B 135 30.60 25.74 23.83
C GLU B 135 29.49 24.93 23.16
N ASP B 136 29.79 24.12 22.14
CA ASP B 136 28.65 23.65 21.34
C ASP B 136 29.05 22.46 20.48
N GLY B 137 28.12 21.52 20.31
CA GLY B 137 28.31 20.42 19.37
C GLY B 137 28.15 19.02 19.94
N ALA B 138 27.87 18.88 21.23
CA ALA B 138 27.88 17.54 21.82
C ALA B 138 26.82 16.63 21.21
N HIS B 139 25.57 17.10 21.09
CA HIS B 139 24.55 16.17 20.58
C HIS B 139 24.73 15.90 19.10
N HIS B 140 25.21 16.90 18.35
CA HIS B 140 25.51 16.67 16.93
C HIS B 140 26.61 15.61 16.78
N VAL B 141 27.68 15.75 17.56
CA VAL B 141 28.74 14.76 17.51
C VAL B 141 28.23 13.39 17.97
N ALA B 142 27.41 13.38 19.03
CA ALA B 142 26.85 12.13 19.50
C ALA B 142 26.04 11.43 18.42
N GLY B 143 25.20 12.19 17.71
CA GLY B 143 24.44 11.59 16.63
C GLY B 143 25.34 10.94 15.60
N THR B 144 26.37 11.67 15.16
CA THR B 144 27.24 11.19 14.08
C THR B 144 28.05 9.98 14.54
N VAL B 145 28.68 10.06 15.71
CA VAL B 145 29.60 9.00 16.11
C VAL B 145 28.83 7.73 16.46
N LEU B 146 27.73 7.88 17.21
CA LEU B 146 27.02 6.68 17.67
C LEU B 146 26.27 6.01 16.53
N ASN B 147 25.80 6.79 15.55
CA ASN B 147 25.19 6.19 14.36
C ASN B 147 26.21 5.35 13.62
N ASN B 148 27.43 5.84 13.50
CA ASN B 148 28.44 5.09 12.78
C ASN B 148 28.82 3.82 13.53
N LEU B 149 28.93 3.89 14.86
CA LEU B 149 29.28 2.69 15.62
C LEU B 149 28.16 1.66 15.53
N GLY B 150 26.90 2.10 15.51
CA GLY B 150 25.80 1.17 15.34
C GLY B 150 25.84 0.43 14.01
N ARG B 151 26.31 1.10 12.95
CA ARG B 151 26.45 0.41 11.66
C ARG B 151 27.46 -0.73 11.72
N LEU B 152 28.41 -0.67 12.66
CA LEU B 152 29.45 -1.68 12.78
C LEU B 152 29.04 -2.84 13.68
N GLY B 153 28.03 -2.67 14.51
CA GLY B 153 27.61 -3.75 15.36
C GLY B 153 27.43 -3.38 16.81
N TYR B 154 27.81 -2.15 17.19
CA TYR B 154 27.62 -1.68 18.57
C TYR B 154 26.15 -1.44 18.86
N SER B 155 25.74 -1.80 20.08
CA SER B 155 24.46 -1.41 20.65
C SER B 155 24.68 -0.24 21.59
N VAL B 156 23.66 0.62 21.68
CA VAL B 156 23.76 1.89 22.39
C VAL B 156 22.65 1.95 23.43
N PRO B 157 22.96 2.01 24.71
CA PRO B 157 21.91 2.08 25.72
C PRO B 157 21.36 3.50 25.81
N PRO B 158 20.26 3.72 26.56
CA PRO B 158 19.83 5.11 26.80
C PRO B 158 20.90 5.89 27.55
N ASN B 159 20.94 7.20 27.27
CA ASN B 159 21.80 8.12 28.02
C ASN B 159 23.27 7.70 27.94
N ALA B 160 23.71 7.32 26.72
CA ALA B 160 25.03 6.75 26.51
C ALA B 160 26.09 7.81 26.22
N ALA B 161 25.72 9.08 26.14
CA ALA B 161 26.61 10.16 25.76
C ALA B 161 26.67 11.18 26.89
N ALA B 162 27.84 11.36 27.47
CA ALA B 162 28.05 12.35 28.51
C ALA B 162 29.04 13.41 28.01
N TYR B 163 28.87 14.64 28.47
CA TYR B 163 29.63 15.73 27.87
C TYR B 163 29.68 16.90 28.82
N TRP B 164 30.65 17.77 28.56
CA TRP B 164 30.75 19.09 29.17
C TRP B 164 30.84 20.12 28.06
N LEU B 165 30.14 21.24 28.25
CA LEU B 165 30.22 22.42 27.40
C LEU B 165 30.09 23.63 28.30
N GLY B 166 30.79 24.71 27.94
CA GLY B 166 30.53 26.00 28.54
C GLY B 166 29.39 26.70 27.81
N PRO B 167 29.13 27.95 28.16
CA PRO B 167 28.13 28.72 27.43
C PRO B 167 28.68 29.16 26.08
N ALA B 168 27.78 29.72 25.27
CA ALA B 168 28.15 30.36 24.02
C ALA B 168 29.37 31.27 24.22
N GLY B 169 30.44 31.02 23.47
CA GLY B 169 31.67 31.77 23.68
C GLY B 169 32.85 31.02 23.08
N THR B 170 34.05 31.45 23.50
CA THR B 170 35.31 30.90 23.04
C THR B 170 35.93 29.91 24.03
N GLY B 171 35.33 29.74 25.19
CA GLY B 171 35.92 28.94 26.26
C GLY B 171 35.88 29.76 27.53
N PRO B 172 36.64 29.37 28.56
CA PRO B 172 37.63 28.29 28.52
C PRO B 172 37.03 26.88 28.63
N GLY B 173 37.90 25.90 28.78
CA GLY B 173 37.49 24.51 28.79
C GLY B 173 37.17 23.95 30.15
N TYR B 174 37.11 22.62 30.20
CA TYR B 174 36.65 21.87 31.37
C TYR B 174 37.44 22.20 32.63
N ILE B 175 38.75 22.36 32.50
CA ILE B 175 39.58 22.53 33.70
C ILE B 175 39.32 23.88 34.35
N GLU B 176 39.57 24.97 33.61
CA GLU B 176 39.28 26.30 34.13
C GLU B 176 37.79 26.51 34.41
N GLY B 177 36.93 25.83 33.66
CA GLY B 177 35.51 25.94 33.88
C GLY B 177 34.98 25.14 35.03
N LYS B 178 35.86 24.39 35.69
CA LYS B 178 35.52 23.62 36.88
C LYS B 178 34.48 22.57 36.55
N GLY B 179 34.61 21.96 35.36
CA GLY B 179 33.74 20.87 34.95
C GLY B 179 33.80 19.66 35.85
N ASP B 180 34.89 19.48 36.62
CA ASP B 180 34.92 18.33 37.50
CA ASP B 180 34.98 18.37 37.56
C ASP B 180 33.86 18.43 38.59
N ARG B 181 33.33 19.63 38.84
CA ARG B 181 32.22 19.79 39.78
C ARG B 181 30.93 20.21 39.08
N HIS B 182 30.82 19.97 37.77
CA HIS B 182 29.62 20.35 37.02
C HIS B 182 28.58 19.25 37.16
N PHE B 183 27.46 19.56 37.82
CA PHE B 183 26.48 18.55 38.18
C PHE B 183 25.95 17.79 36.96
N HIS B 184 25.55 18.52 35.93
CA HIS B 184 24.94 17.87 34.77
C HIS B 184 25.90 16.86 34.15
N THR B 185 27.15 17.25 33.95
CA THR B 185 28.14 16.32 33.41
C THR B 185 28.32 15.11 34.33
N ASN B 186 28.47 15.36 35.64
CA ASN B 186 28.73 14.24 36.54
C ASN B 186 27.58 13.25 36.56
N LYS B 187 26.34 13.72 36.46
CA LYS B 187 25.25 12.76 36.47
C LYS B 187 25.17 12.01 35.15
N LEU B 188 25.41 12.69 34.01
CA LEU B 188 25.42 12.00 32.73
C LEU B 188 26.53 10.95 32.67
N ILE B 189 27.71 11.26 33.19
CA ILE B 189 28.76 10.25 33.22
C ILE B 189 28.30 9.03 33.99
N ARG B 190 27.60 9.23 35.12
CA ARG B 190 27.15 8.08 35.92
C ARG B 190 26.07 7.28 35.20
N PHE B 191 25.10 7.96 34.58
CA PHE B 191 24.11 7.28 33.73
C PHE B 191 24.82 6.40 32.70
N MET B 192 25.76 7.00 31.97
CA MET B 192 26.43 6.31 30.88
C MET B 192 27.17 5.07 31.36
N VAL B 193 27.88 5.18 32.47
CA VAL B 193 28.61 4.02 32.97
C VAL B 193 27.64 2.94 33.43
N ALA B 194 26.59 3.30 34.18
CA ALA B 194 25.66 2.28 34.65
C ALA B 194 24.96 1.58 33.50
N ASN B 195 24.54 2.35 32.50
CA ASN B 195 23.76 1.77 31.41
C ASN B 195 24.63 0.94 30.46
N THR B 196 25.83 1.42 30.12
CA THR B 196 26.69 0.64 29.24
C THR B 196 27.13 -0.66 29.91
N SER B 197 27.47 -0.60 31.21
CA SER B 197 27.86 -1.80 31.93
C SER B 197 26.74 -2.84 31.94
N HIS B 198 25.50 -2.37 32.18
CA HIS B 198 24.37 -3.31 32.20
C HIS B 198 24.19 -3.95 30.83
N LEU B 199 24.19 -3.14 29.78
CA LEU B 199 23.93 -3.69 28.45
C LEU B 199 25.06 -4.63 28.03
N ALA B 200 26.30 -4.33 28.41
CA ALA B 200 27.40 -5.25 28.12
C ALA B 200 27.18 -6.59 28.80
N ARG B 201 26.73 -6.58 30.04
CA ARG B 201 26.49 -7.85 30.73
C ARG B 201 25.36 -8.62 30.05
N MET B 202 24.31 -7.93 29.63
CA MET B 202 23.22 -8.59 28.92
C MET B 202 23.71 -9.25 27.65
N LEU B 203 24.48 -8.52 26.83
CA LEU B 203 24.90 -9.05 25.55
C LEU B 203 25.93 -10.16 25.70
N GLN B 204 26.70 -10.13 26.80
CA GLN B 204 27.59 -11.26 27.08
C GLN B 204 26.80 -12.55 27.26
N GLU B 205 25.65 -12.46 27.92
CA GLU B 205 24.83 -13.61 28.25
C GLU B 205 23.89 -14.02 27.13
N THR B 206 23.33 -13.06 26.40
CA THR B 206 22.34 -13.35 25.35
C THR B 206 22.65 -12.51 24.13
N PRO B 207 23.68 -12.87 23.37
CA PRO B 207 24.03 -12.07 22.19
C PRO B 207 22.97 -12.17 21.12
N TYR B 208 23.00 -11.20 20.21
CA TYR B 208 22.21 -11.30 18.98
C TYR B 208 22.53 -12.62 18.30
N THR B 209 21.49 -13.31 17.84
CA THR B 209 21.66 -14.51 17.03
C THR B 209 21.32 -14.24 15.58
N THR B 210 21.08 -12.98 15.23
CA THR B 210 20.79 -12.61 13.85
C THR B 210 21.84 -13.17 12.90
N ASP B 211 21.38 -13.77 11.82
CA ASP B 211 22.25 -14.29 10.78
C ASP B 211 22.17 -13.30 9.63
N LEU B 212 23.17 -12.41 9.54
CA LEU B 212 23.16 -11.38 8.50
C LEU B 212 23.23 -12.00 7.11
N GLU B 213 23.99 -13.09 6.97
CA GLU B 213 24.04 -13.79 5.69
C GLU B 213 22.66 -14.27 5.26
N ALA B 214 21.89 -14.83 6.18
CA ALA B 214 20.57 -15.33 5.83
C ALA B 214 19.61 -14.17 5.51
N CYS B 215 19.70 -13.08 6.28
CA CYS B 215 18.94 -11.87 5.94
C CYS B 215 19.27 -11.40 4.54
N ALA B 216 20.55 -11.43 4.16
CA ALA B 216 20.93 -10.98 2.83
C ALA B 216 20.42 -11.92 1.75
N GLN B 217 20.39 -13.22 2.04
CA GLN B 217 19.89 -14.16 1.04
C GLN B 217 18.40 -13.94 0.81
N ALA B 218 17.64 -13.70 1.88
CA ALA B 218 16.22 -13.39 1.73
C ALA B 218 16.02 -12.10 0.93
N ALA B 219 16.84 -11.08 1.20
CA ALA B 219 16.71 -9.84 0.45
C ALA B 219 17.03 -10.05 -1.03
N ARG B 220 18.03 -10.87 -1.33
CA ARG B 220 18.38 -11.16 -2.72
C ARG B 220 17.20 -11.77 -3.47
N GLU B 221 16.44 -12.67 -2.83
CA GLU B 221 15.32 -13.29 -3.51
C GLU B 221 14.18 -12.32 -3.82
N GLU B 222 14.09 -11.19 -3.11
CA GLU B 222 12.97 -10.27 -3.30
C GLU B 222 13.41 -8.98 -3.98
N SER B 223 14.61 -8.96 -4.58
CA SER B 223 15.24 -7.73 -5.07
C SER B 223 15.83 -7.90 -6.47
N ASP B 224 16.03 -6.76 -7.14
CA ASP B 224 16.72 -6.67 -8.44
C ASP B 224 18.23 -6.53 -8.21
N ASP B 225 19.00 -6.86 -9.23
CA ASP B 225 20.45 -6.65 -9.14
C ASP B 225 20.89 -5.48 -10.00
N VAL B 226 19.94 -4.66 -10.47
CA VAL B 226 20.21 -3.43 -11.20
C VAL B 226 19.32 -2.34 -10.63
N PHE B 227 19.88 -1.16 -10.41
CA PHE B 227 19.15 0.06 -10.11
C PHE B 227 19.19 0.95 -11.34
N ALA B 228 18.02 1.41 -11.81
CA ALA B 228 18.02 2.25 -13.01
C ALA B 228 16.79 3.16 -13.00
N ILE B 229 17.01 4.46 -13.25
CA ILE B 229 15.93 5.43 -13.36
C ILE B 229 16.23 6.41 -14.48
N ARG B 230 15.17 6.89 -15.12
CA ARG B 230 15.31 7.99 -16.06
C ARG B 230 15.44 9.31 -15.31
N VAL B 231 16.09 10.26 -15.96
CA VAL B 231 16.39 11.56 -15.38
C VAL B 231 15.77 12.63 -16.25
N ASN B 232 15.20 13.65 -15.62
CA ASN B 232 14.67 14.81 -16.34
C ASN B 232 15.82 15.78 -16.60
N VAL B 233 16.35 15.76 -17.83
CA VAL B 233 17.52 16.56 -18.16
C VAL B 233 17.10 17.91 -18.75
N ASN B 234 15.81 18.25 -18.66
CA ASN B 234 15.27 19.43 -19.32
C ASN B 234 14.87 20.53 -18.34
N THR B 235 15.49 20.58 -17.15
CA THR B 235 15.09 21.62 -16.22
C THR B 235 16.24 22.01 -15.30
N PRO B 236 16.35 23.28 -14.92
CA PRO B 236 17.34 23.65 -13.90
C PRO B 236 16.83 23.45 -12.49
N ALA B 237 15.56 23.08 -12.33
CA ALA B 237 14.94 22.99 -11.01
C ALA B 237 15.61 21.91 -10.17
N ILE B 238 15.71 22.17 -8.87
CA ILE B 238 16.19 21.19 -7.91
C ILE B 238 15.14 20.86 -6.86
N ARG B 239 13.94 21.42 -6.99
CA ARG B 239 12.77 21.03 -6.21
C ARG B 239 12.57 19.52 -6.28
N TYR B 240 12.26 18.90 -5.13
CA TYR B 240 12.09 17.44 -5.12
C TYR B 240 10.78 17.05 -5.77
N LYS B 241 10.82 15.99 -6.58
CA LYS B 241 9.61 15.48 -7.24
C LYS B 241 9.63 13.97 -7.11
N ARG B 242 8.79 13.44 -6.21
CA ARG B 242 8.79 12.00 -5.98
C ARG B 242 8.16 11.21 -7.13
N PHE B 243 7.33 11.84 -7.94
CA PHE B 243 6.78 11.24 -9.16
C PHE B 243 7.17 12.12 -10.34
N GLN B 244 7.83 11.54 -11.34
CA GLN B 244 8.24 12.33 -12.49
C GLN B 244 7.76 11.79 -13.84
N LYS B 245 7.15 10.61 -13.88
CA LYS B 245 6.50 10.09 -15.09
C LYS B 245 7.43 10.12 -16.30
N LEU B 246 8.69 9.74 -16.09
CA LEU B 246 9.67 9.78 -17.17
C LEU B 246 9.75 8.49 -17.96
N GLY B 247 9.06 7.45 -17.55
CA GLY B 247 9.16 6.16 -18.23
C GLY B 247 10.11 5.21 -17.51
N GLU B 248 9.83 3.91 -17.62
CA GLU B 248 10.72 2.93 -17.02
C GLU B 248 11.98 2.76 -17.88
N VAL B 249 13.01 2.20 -17.25
CA VAL B 249 14.26 1.90 -17.93
C VAL B 249 14.30 0.42 -18.26
N LYS B 250 14.34 0.10 -19.55
CA LYS B 250 14.48 -1.27 -20.01
C LYS B 250 15.96 -1.66 -20.02
N VAL B 251 16.30 -2.72 -19.31
CA VAL B 251 17.68 -3.16 -19.16
C VAL B 251 17.90 -4.44 -19.96
N GLU B 252 19.00 -4.48 -20.72
CA GLU B 252 19.37 -5.64 -21.53
C GLU B 252 20.04 -6.71 -20.67
N GLU B 253 19.70 -7.97 -20.92
CA GLU B 253 20.10 -9.11 -20.11
C GLU B 253 19.89 -8.83 -18.63
N ALA C 2 42.54 39.99 -11.34
CA ALA C 2 42.90 38.60 -11.62
C ALA C 2 42.64 37.70 -10.42
N LEU C 3 41.45 37.09 -10.37
CA LEU C 3 41.05 36.29 -9.22
C LEU C 3 41.66 34.89 -9.28
N LYS C 4 41.92 34.33 -8.10
CA LYS C 4 42.45 32.97 -7.94
C LYS C 4 41.44 32.10 -7.22
N ALA C 5 41.22 30.90 -7.74
CA ALA C 5 40.41 29.88 -7.09
C ALA C 5 41.32 28.72 -6.71
N LEU C 6 41.29 28.34 -5.43
CA LEU C 6 42.08 27.21 -4.93
C LEU C 6 41.14 26.07 -4.59
N ILE C 7 41.36 24.91 -5.22
CA ILE C 7 40.51 23.72 -5.07
C ILE C 7 41.32 22.66 -4.33
N LEU C 8 40.86 22.27 -3.15
CA LEU C 8 41.56 21.29 -2.33
C LEU C 8 40.87 19.94 -2.43
N ASN C 9 41.51 18.99 -3.12
CA ASN C 9 41.04 17.60 -3.12
C ASN C 9 41.51 16.94 -1.83
N THR C 10 40.57 16.57 -0.96
CA THR C 10 40.91 15.98 0.33
C THR C 10 40.75 14.45 0.36
N THR C 11 40.91 13.77 -0.78
CA THR C 11 40.96 12.31 -0.80
C THR C 11 42.07 11.79 0.11
N LEU C 12 41.89 10.57 0.60
CA LEU C 12 42.93 9.96 1.43
C LEU C 12 43.94 9.14 0.65
N ARG C 13 43.83 9.10 -0.67
CA ARG C 13 44.77 8.30 -1.46
C ARG C 13 45.74 9.21 -2.19
N ARG C 14 47.01 8.82 -2.16
CA ARG C 14 48.08 9.61 -2.74
C ARG C 14 48.05 9.56 -4.27
N SER C 15 48.43 10.68 -4.90
CA SER C 15 48.64 10.69 -6.35
C SER C 15 49.69 9.66 -6.76
N PRO C 16 49.56 9.07 -7.96
CA PRO C 16 48.55 9.31 -8.99
C PRO C 16 47.30 8.41 -8.92
N SER C 17 47.07 7.74 -7.79
CA SER C 17 45.87 6.92 -7.66
C SER C 17 44.64 7.70 -8.09
N ARG C 18 43.77 7.05 -8.86
CA ARG C 18 42.56 7.70 -9.35
C ARG C 18 41.64 8.00 -8.19
N SER C 19 41.16 9.24 -8.13
CA SER C 19 40.25 9.72 -7.09
C SER C 19 38.88 9.94 -7.71
N GLN C 20 37.83 9.44 -7.05
CA GLN C 20 36.47 9.68 -7.54
C GLN C 20 36.14 11.16 -7.50
N THR C 21 36.49 11.82 -6.39
CA THR C 21 36.21 13.24 -6.21
C THR C 21 36.85 14.08 -7.30
N GLN C 22 38.04 13.67 -7.74
CA GLN C 22 38.77 14.42 -8.77
C GLN C 22 37.93 14.61 -10.03
N GLY C 23 36.99 13.68 -10.29
CA GLY C 23 36.11 13.84 -11.43
C GLY C 23 35.31 15.12 -11.43
N LEU C 24 34.81 15.53 -10.25
CA LEU C 24 34.07 16.79 -10.15
C LEU C 24 35.01 17.98 -10.33
N ILE C 25 36.21 17.90 -9.75
CA ILE C 25 37.20 18.96 -9.92
C ILE C 25 37.50 19.19 -11.40
N ASP C 26 37.63 18.10 -12.16
CA ASP C 26 37.98 18.20 -13.58
C ASP C 26 36.89 18.90 -14.38
N LYS C 27 35.62 18.80 -13.97
CA LYS C 27 34.57 19.63 -14.57
C LYS C 27 34.72 21.09 -14.15
N ALA C 28 35.06 21.33 -12.89
CA ALA C 28 35.00 22.70 -12.38
C ALA C 28 36.12 23.56 -12.92
N VAL C 29 37.33 23.00 -13.05
CA VAL C 29 38.52 23.76 -13.43
C VAL C 29 38.32 24.53 -14.74
N PRO C 30 37.95 23.89 -15.86
CA PRO C 30 37.78 24.68 -17.10
C PRO C 30 36.65 25.67 -17.04
N LEU C 31 35.63 25.43 -16.21
CA LEU C 31 34.57 26.42 -16.07
C LEU C 31 35.09 27.69 -15.40
N TYR C 32 35.88 27.54 -14.33
CA TYR C 32 36.48 28.71 -13.70
C TYR C 32 37.40 29.43 -14.68
N GLU C 33 38.16 28.68 -15.47
CA GLU C 33 39.07 29.32 -16.39
C GLU C 33 38.33 30.09 -17.48
N LYS C 34 37.17 29.59 -17.94
CA LYS C 34 36.33 30.37 -18.83
C LYS C 34 35.80 31.63 -18.17
N GLU C 35 35.61 31.61 -16.84
CA GLU C 35 35.25 32.82 -16.12
C GLU C 35 36.42 33.80 -16.02
N GLY C 36 37.61 33.40 -16.43
CA GLY C 36 38.78 34.25 -16.28
C GLY C 36 39.41 34.17 -14.91
N ILE C 37 39.20 33.07 -14.20
CA ILE C 37 39.70 32.90 -12.85
C ILE C 37 40.81 31.86 -12.87
N GLU C 38 41.97 32.23 -12.34
CA GLU C 38 43.10 31.32 -12.25
C GLU C 38 42.81 30.24 -11.22
N THR C 39 43.05 28.98 -11.58
CA THR C 39 42.72 27.88 -10.69
C THR C 39 43.96 27.05 -10.38
N GLU C 40 44.03 26.56 -9.15
CA GLU C 40 45.07 25.64 -8.74
C GLU C 40 44.42 24.53 -7.93
N VAL C 41 44.74 23.29 -8.27
CA VAL C 41 44.26 22.12 -7.53
C VAL C 41 45.41 21.59 -6.70
N VAL C 42 45.16 21.38 -5.41
CA VAL C 42 46.09 20.73 -4.51
C VAL C 42 45.42 19.49 -3.93
N ARG C 43 46.06 18.34 -4.08
CA ARG C 43 45.65 17.14 -3.36
C ARG C 43 46.41 17.12 -2.03
N VAL C 44 45.70 17.46 -0.95
CA VAL C 44 46.40 17.79 0.30
C VAL C 44 47.11 16.58 0.91
N ILE C 45 46.57 15.38 0.70
CA ILE C 45 47.21 14.18 1.23
C ILE C 45 48.58 13.93 0.59
N ASP C 46 48.88 14.58 -0.54
CA ASP C 46 50.20 14.50 -1.14
C ASP C 46 51.24 15.33 -0.40
N HIS C 47 50.83 16.12 0.58
CA HIS C 47 51.73 17.03 1.30
C HIS C 47 51.77 16.66 2.78
N ASP C 48 52.90 16.96 3.41
CA ASP C 48 53.16 16.58 4.79
C ASP C 48 52.56 17.66 5.68
N ILE C 49 51.43 17.35 6.31
CA ILE C 49 50.73 18.29 7.20
C ILE C 49 50.61 17.62 8.56
N GLU C 50 51.21 18.22 9.58
CA GLU C 50 51.22 17.61 10.90
C GLU C 50 49.88 17.84 11.58
N GLN C 51 49.31 16.76 12.13
CA GLN C 51 48.01 16.75 12.78
C GLN C 51 48.06 17.15 14.25
N GLU C 52 49.12 16.73 14.95
CA GLU C 52 49.20 16.93 16.40
C GLU C 52 49.25 18.43 16.75
N TYR C 53 48.91 18.71 18.00
CA TYR C 53 48.76 20.10 18.47
C TYR C 53 49.73 20.39 19.61
N TRP C 54 50.28 21.60 19.62
CA TRP C 54 51.03 22.11 20.76
C TRP C 54 50.85 23.62 20.85
N ASP C 55 50.69 24.12 22.07
CA ASP C 55 50.92 25.54 22.36
C ASP C 55 51.59 25.64 23.73
N ASP C 56 51.75 26.88 24.20
CA ASP C 56 52.52 27.14 25.42
C ASP C 56 51.96 26.46 26.67
N TYR C 57 50.67 26.09 26.66
CA TYR C 57 50.09 25.43 27.83
C TYR C 57 50.38 23.94 27.87
N ASP C 58 50.82 23.36 26.75
CA ASP C 58 51.11 21.95 26.65
C ASP C 58 52.49 21.64 27.23
N ASP C 59 52.78 20.34 27.35
CA ASP C 59 54.11 19.89 27.71
C ASP C 59 55.07 20.11 26.55
N TRP C 60 56.26 20.69 26.84
CA TRP C 60 57.19 21.04 25.77
C TRP C 60 57.66 19.81 25.01
N ASN C 61 58.12 18.78 25.72
CA ASN C 61 58.69 17.63 25.02
C ASN C 61 57.62 16.87 24.24
N ALA C 62 56.41 16.77 24.80
CA ALA C 62 55.31 16.11 24.09
C ALA C 62 54.99 16.80 22.77
N GLY C 63 55.18 18.12 22.69
CA GLY C 63 54.84 18.90 21.54
C GLY C 63 55.86 18.97 20.43
N GLU C 64 57.02 18.32 20.58
CA GLU C 64 58.08 18.46 19.58
C GLU C 64 57.60 18.05 18.19
N LYS C 65 56.90 16.92 18.09
CA LYS C 65 56.36 16.50 16.80
C LYS C 65 55.39 17.55 16.24
N ALA C 66 54.50 18.07 17.09
CA ALA C 66 53.55 19.08 16.64
C ALA C 66 54.24 20.31 16.08
N ARG C 67 55.40 20.69 16.65
CA ARG C 67 56.07 21.93 16.23
C ARG C 67 56.95 21.74 15.01
N ARG C 68 57.06 20.52 14.51
CA ARG C 68 58.06 20.22 13.49
C ARG C 68 57.76 20.89 12.17
N GLU C 69 58.78 20.85 11.30
CA GLU C 69 58.62 21.40 9.97
C GLU C 69 57.75 20.53 9.08
N ASP C 70 56.75 21.17 8.48
CA ASP C 70 55.84 20.50 7.56
C ASP C 70 55.49 21.46 6.43
N GLU C 71 54.46 21.12 5.66
CA GLU C 71 54.07 21.89 4.50
C GLU C 71 52.86 22.76 4.78
N TRP C 72 52.46 22.88 6.05
CA TRP C 72 51.29 23.70 6.36
C TRP C 72 51.52 25.18 6.04
N PRO C 73 52.66 25.80 6.40
CA PRO C 73 52.83 27.21 6.02
C PRO C 73 52.69 27.45 4.52
N TRP C 74 53.22 26.54 3.69
CA TRP C 74 53.01 26.64 2.25
C TRP C 74 51.53 26.60 1.90
N LEU C 75 50.79 25.65 2.47
CA LEU C 75 49.38 25.52 2.12
C LEU C 75 48.56 26.68 2.70
N LEU C 76 48.87 27.08 3.93
CA LEU C 76 48.14 28.19 4.56
C LEU C 76 48.29 29.46 3.74
N GLU C 77 49.51 29.74 3.26
CA GLU C 77 49.71 30.92 2.42
C GLU C 77 48.85 30.85 1.17
N LYS C 78 48.71 29.65 0.59
CA LYS C 78 47.88 29.53 -0.61
C LYS C 78 46.41 29.84 -0.30
N ILE C 79 45.88 29.29 0.81
CA ILE C 79 44.50 29.59 1.20
C ILE C 79 44.33 31.09 1.41
N ARG C 80 45.28 31.70 2.12
CA ARG C 80 45.22 33.14 2.41
C ARG C 80 45.16 33.97 1.14
N GLU C 81 45.80 33.49 0.07
CA GLU C 81 45.91 34.26 -1.15
C GLU C 81 44.72 34.07 -2.09
N ALA C 82 44.04 32.93 -2.02
CA ALA C 82 42.98 32.63 -2.97
C ALA C 82 41.71 33.41 -2.66
N ASP C 83 41.08 33.95 -3.71
CA ASP C 83 39.82 34.65 -3.51
C ASP C 83 38.65 33.68 -3.34
N ILE C 84 38.75 32.50 -3.94
CA ILE C 84 37.74 31.45 -3.84
C ILE C 84 38.43 30.21 -3.32
N LEU C 85 37.90 29.64 -2.26
CA LEU C 85 38.32 28.34 -1.74
C LEU C 85 37.21 27.33 -2.04
N VAL C 86 37.56 26.24 -2.70
CA VAL C 86 36.63 25.15 -2.95
C VAL C 86 37.19 23.90 -2.28
N ILE C 87 36.54 23.46 -1.21
CA ILE C 87 36.86 22.16 -0.65
C ILE C 87 36.22 21.11 -1.53
N ALA C 88 37.02 20.15 -2.00
CA ALA C 88 36.55 19.06 -2.84
C ALA C 88 36.80 17.81 -2.03
N THR C 89 35.79 17.37 -1.29
CA THR C 89 35.99 16.29 -0.33
C THR C 89 35.14 15.06 -0.64
N PRO C 90 35.74 13.88 -0.59
CA PRO C 90 34.92 12.66 -0.46
C PRO C 90 34.20 12.68 0.88
N ILE C 91 33.14 11.89 0.99
CA ILE C 91 32.41 11.75 2.25
C ILE C 91 32.91 10.50 2.98
N THR C 92 33.28 10.64 4.25
CA THR C 92 33.54 9.49 5.11
C THR C 92 32.79 9.67 6.42
N LEU C 93 32.03 8.64 6.82
CA LEU C 93 31.29 8.65 8.08
C LEU C 93 30.32 9.81 8.15
N ASN C 94 29.68 10.13 7.02
CA ASN C 94 28.75 11.25 6.94
C ASN C 94 29.43 12.58 7.25
N MET C 95 30.74 12.63 7.10
CA MET C 95 31.53 13.83 7.31
C MET C 95 32.41 14.05 6.08
N CYS C 96 33.04 15.22 6.00
CA CYS C 96 34.20 15.36 5.12
C CYS C 96 35.26 14.32 5.52
N THR C 97 36.34 14.22 4.74
CA THR C 97 37.36 13.26 5.13
C THR C 97 38.15 13.77 6.34
N SER C 98 38.86 12.84 6.99
CA SER C 98 39.76 13.26 8.06
C SER C 98 40.84 14.20 7.55
N ALA C 99 41.26 14.06 6.29
CA ALA C 99 42.24 14.98 5.71
C ALA C 99 41.67 16.41 5.64
N ALA C 100 40.42 16.55 5.18
CA ALA C 100 39.80 17.87 5.20
C ALA C 100 39.65 18.37 6.64
N HIS C 101 39.32 17.45 7.56
CA HIS C 101 39.16 17.76 8.97
C HIS C 101 40.44 18.36 9.55
N VAL C 102 41.60 17.78 9.23
CA VAL C 102 42.88 18.30 9.72
C VAL C 102 43.12 19.71 9.18
N ILE C 103 42.95 19.90 7.87
CA ILE C 103 43.16 21.22 7.27
C ILE C 103 42.29 22.26 7.96
N LEU C 104 41.01 21.93 8.17
CA LEU C 104 40.10 22.89 8.79
C LEU C 104 40.44 23.10 10.26
N GLU C 105 40.88 22.06 10.97
CA GLU C 105 41.35 22.25 12.34
C GLU C 105 42.48 23.27 12.37
N LYS C 106 43.47 23.11 11.49
CA LYS C 106 44.61 24.01 11.49
C LYS C 106 44.23 25.40 10.98
N LEU C 107 43.34 25.46 9.98
CA LEU C 107 42.89 26.75 9.48
C LEU C 107 42.16 27.54 10.57
N ASN C 108 41.49 26.85 11.49
CA ASN C 108 40.74 27.47 12.58
C ASN C 108 41.65 28.00 13.68
N LEU C 109 42.94 27.72 13.63
CA LEU C 109 43.88 28.16 14.65
C LEU C 109 44.38 29.57 14.42
N MET C 110 43.91 30.25 13.39
CA MET C 110 44.35 31.62 13.17
C MET C 110 43.79 32.51 14.27
N ASP C 111 44.61 33.45 14.72
CA ASP C 111 44.21 34.39 15.78
C ASP C 111 44.65 35.80 15.42
N GLU C 112 44.14 36.31 14.30
CA GLU C 112 44.56 37.62 13.82
C GLU C 112 43.36 38.49 13.55
N LEU C 113 43.65 39.79 13.47
CA LEU C 113 42.68 40.79 13.08
C LEU C 113 43.44 41.80 12.24
N ASN C 114 42.93 42.08 11.05
CA ASN C 114 43.65 42.96 10.13
C ASN C 114 43.65 44.38 10.69
N GLY C 115 44.85 44.93 10.90
CA GLY C 115 44.98 46.24 11.52
C GLY C 115 44.24 47.33 10.79
N ASP C 116 44.17 47.25 9.45
CA ASP C 116 43.54 48.30 8.66
C ASP C 116 42.04 48.11 8.54
N THR C 117 41.60 46.87 8.30
CA THR C 117 40.19 46.59 8.08
C THR C 117 39.48 46.09 9.33
N LYS C 118 40.22 45.65 10.35
CA LYS C 118 39.64 45.14 11.60
C LYS C 118 38.71 43.95 11.31
N GLN C 119 39.17 43.07 10.43
CA GLN C 119 38.44 41.86 10.06
C GLN C 119 39.34 40.65 10.17
N PHE C 120 38.72 39.46 10.17
CA PHE C 120 39.51 38.25 10.15
C PHE C 120 40.21 38.12 8.80
N PRO C 121 41.33 37.37 8.75
CA PRO C 121 42.12 37.29 7.51
C PRO C 121 41.36 36.79 6.30
N LEU C 122 40.38 35.89 6.46
CA LEU C 122 39.70 35.32 5.30
C LEU C 122 38.42 36.06 4.94
N TYR C 123 38.15 37.21 5.55
CA TYR C 123 37.05 38.06 5.13
C TYR C 123 37.16 38.41 3.65
N ASN C 124 36.00 38.57 3.01
CA ASN C 124 35.81 38.96 1.61
C ASN C 124 36.20 37.88 0.62
N LYS C 125 36.41 36.65 1.09
CA LYS C 125 36.62 35.51 0.21
C LYS C 125 35.31 34.74 0.05
N VAL C 126 35.30 33.81 -0.89
CA VAL C 126 34.10 33.09 -1.27
C VAL C 126 34.40 31.59 -1.18
N ALA C 127 33.41 30.83 -0.71
CA ALA C 127 33.56 29.38 -0.53
C ALA C 127 32.57 28.65 -1.42
N GLY C 128 33.07 27.59 -2.09
CA GLY C 128 32.23 26.62 -2.75
C GLY C 128 32.63 25.24 -2.27
N LEU C 129 31.84 24.24 -2.68
CA LEU C 129 32.05 22.91 -2.17
C LEU C 129 31.78 21.86 -3.25
N LEU C 130 32.69 20.91 -3.40
CA LEU C 130 32.43 19.74 -4.23
C LEU C 130 32.53 18.52 -3.32
N MET C 131 31.60 17.58 -3.47
CA MET C 131 31.60 16.39 -2.64
C MET C 131 31.30 15.17 -3.48
N CYS C 132 31.79 14.02 -3.03
CA CYS C 132 31.55 12.76 -3.70
C CYS C 132 31.41 11.69 -2.65
N GLY C 133 30.29 10.99 -2.69
CA GLY C 133 30.06 9.87 -1.80
C GLY C 133 29.44 8.72 -2.58
N ASN C 134 29.52 7.52 -1.99
CA ASN C 134 28.88 6.39 -2.67
C ASN C 134 27.36 6.44 -2.56
N GLU C 135 26.80 7.07 -1.49
CA GLU C 135 25.35 7.04 -1.30
C GLU C 135 24.72 8.21 -0.55
N ASP C 136 25.41 8.81 0.43
CA ASP C 136 24.66 9.62 1.39
C ASP C 136 25.59 10.54 2.19
N GLY C 137 25.17 11.79 2.38
CA GLY C 137 25.92 12.63 3.29
C GLY C 137 26.21 14.03 2.78
N ALA C 138 25.81 14.32 1.53
CA ALA C 138 26.23 15.57 0.88
C ALA C 138 25.70 16.81 1.61
N HIS C 139 24.40 16.87 1.90
CA HIS C 139 23.89 18.10 2.50
C HIS C 139 24.35 18.26 3.95
N HIS C 140 24.51 17.16 4.67
CA HIS C 140 25.05 17.23 6.03
C HIS C 140 26.48 17.77 6.04
N VAL C 141 27.33 17.25 5.14
CA VAL C 141 28.70 17.72 5.05
C VAL C 141 28.73 19.19 4.60
N ALA C 142 27.87 19.56 3.66
CA ALA C 142 27.83 20.96 3.23
C ALA C 142 27.46 21.86 4.39
N GLY C 143 26.46 21.46 5.19
CA GLY C 143 26.08 22.26 6.34
C GLY C 143 27.24 22.48 7.27
N THR C 144 27.96 21.41 7.59
CA THR C 144 29.03 21.50 8.57
C THR C 144 30.21 22.31 8.04
N VAL C 145 30.67 21.98 6.83
CA VAL C 145 31.86 22.65 6.30
C VAL C 145 31.58 24.12 5.99
N LEU C 146 30.47 24.41 5.30
CA LEU C 146 30.21 25.79 4.91
C LEU C 146 29.87 26.66 6.12
N ASN C 147 29.31 26.07 7.17
CA ASN C 147 29.09 26.85 8.39
C ASN C 147 30.42 27.21 9.03
N ASN C 148 31.39 26.30 8.99
CA ASN C 148 32.67 26.59 9.60
C ASN C 148 33.42 27.65 8.82
N LEU C 149 33.34 27.63 7.49
CA LEU C 149 34.04 28.60 6.67
C LEU C 149 33.42 29.97 6.79
N GLY C 150 32.10 30.02 6.93
CA GLY C 150 31.43 31.29 7.18
C GLY C 150 31.90 31.96 8.45
N ARG C 151 32.22 31.17 9.48
CA ARG C 151 32.71 31.75 10.72
C ARG C 151 34.07 32.40 10.52
N LEU C 152 34.86 31.91 9.55
CA LEU C 152 36.19 32.46 9.30
C LEU C 152 36.17 33.71 8.44
N GLY C 153 35.07 33.98 7.73
CA GLY C 153 35.05 35.15 6.87
C GLY C 153 34.58 34.90 5.46
N TYR C 154 34.34 33.64 5.09
CA TYR C 154 33.89 33.34 3.73
C TYR C 154 32.42 33.69 3.58
N SER C 155 32.07 34.19 2.40
CA SER C 155 30.68 34.34 2.00
C SER C 155 30.31 33.15 1.13
N VAL C 156 29.03 32.77 1.15
CA VAL C 156 28.57 31.60 0.43
C VAL C 156 27.44 32.05 -0.51
N PRO C 157 27.60 31.87 -1.82
CA PRO C 157 26.50 32.19 -2.75
C PRO C 157 25.44 31.10 -2.71
N PRO C 158 24.26 31.34 -3.29
CA PRO C 158 23.29 30.25 -3.44
C PRO C 158 23.89 29.15 -4.31
N ASN C 159 23.40 27.92 -4.11
CA ASN C 159 23.78 26.77 -4.91
C ASN C 159 25.29 26.61 -4.98
N ALA C 160 25.95 26.79 -3.83
CA ALA C 160 27.41 26.74 -3.76
C ALA C 160 28.00 25.35 -3.53
N ALA C 161 27.17 24.33 -3.36
CA ALA C 161 27.67 22.98 -3.09
C ALA C 161 27.18 22.05 -4.18
N ALA C 162 28.11 21.41 -4.88
CA ALA C 162 27.80 20.45 -5.92
C ALA C 162 28.35 19.09 -5.52
N TYR C 163 27.66 18.03 -5.93
CA TYR C 163 28.01 16.72 -5.39
C TYR C 163 27.49 15.63 -6.29
N TRP C 164 28.06 14.44 -6.10
CA TRP C 164 27.59 13.22 -6.68
C TRP C 164 27.37 12.21 -5.58
N LEU C 165 26.30 11.43 -5.71
CA LEU C 165 25.95 10.31 -4.83
C LEU C 165 25.25 9.27 -5.69
N GLY C 166 25.53 7.98 -5.42
CA GLY C 166 24.73 6.90 -5.95
C GLY C 166 23.49 6.66 -5.09
N PRO C 167 22.71 5.62 -5.40
CA PRO C 167 21.54 5.30 -4.56
C PRO C 167 21.98 4.66 -3.25
N ALA C 168 21.00 4.45 -2.35
CA ALA C 168 21.30 3.76 -1.09
C ALA C 168 22.04 2.46 -1.37
N GLY C 169 23.20 2.29 -0.73
CA GLY C 169 24.03 1.15 -1.06
C GLY C 169 25.47 1.34 -0.65
N THR C 170 26.31 0.46 -1.17
CA THR C 170 27.73 0.44 -0.84
C THR C 170 28.58 1.07 -1.93
N GLY C 171 27.98 1.47 -3.05
CA GLY C 171 28.74 1.93 -4.19
C GLY C 171 28.20 1.27 -5.44
N PRO C 172 28.92 1.36 -6.57
CA PRO C 172 30.25 1.95 -6.69
C PRO C 172 30.27 3.47 -6.69
N GLY C 173 31.46 4.04 -6.90
CA GLY C 173 31.65 5.49 -6.87
C GLY C 173 31.40 6.18 -8.19
N TYR C 174 31.87 7.42 -8.25
CA TYR C 174 31.64 8.31 -9.40
C TYR C 174 32.11 7.70 -10.71
N ILE C 175 33.26 7.05 -10.72
CA ILE C 175 33.84 6.58 -11.98
C ILE C 175 32.99 5.45 -12.56
N GLU C 176 32.86 4.33 -11.83
CA GLU C 176 32.02 3.25 -12.32
C GLU C 176 30.55 3.64 -12.43
N GLY C 177 30.07 4.52 -11.55
CA GLY C 177 28.69 4.98 -11.70
C GLY C 177 28.46 6.00 -12.79
N LYS C 178 29.50 6.37 -13.54
CA LYS C 178 29.38 7.29 -14.69
C LYS C 178 28.97 8.69 -14.25
N GLY C 179 29.50 9.13 -13.10
CA GLY C 179 29.18 10.47 -12.61
C GLY C 179 29.55 11.58 -13.56
N ASP C 180 30.56 11.35 -14.41
CA ASP C 180 30.96 12.39 -15.35
CA ASP C 180 30.98 12.36 -15.39
C ASP C 180 29.84 12.75 -16.31
N ARG C 181 28.84 11.88 -16.47
CA ARG C 181 27.68 12.14 -17.32
C ARG C 181 26.39 12.25 -16.50
N HIS C 182 26.51 12.53 -15.20
CA HIS C 182 25.34 12.64 -14.33
C HIS C 182 24.79 14.06 -14.40
N PHE C 183 23.61 14.23 -15.00
CA PHE C 183 23.04 15.55 -15.26
C PHE C 183 22.98 16.42 -14.02
N HIS C 184 22.40 15.88 -12.93
CA HIS C 184 22.22 16.69 -11.73
C HIS C 184 23.57 17.24 -11.24
N THR C 185 24.57 16.38 -11.17
CA THR C 185 25.88 16.82 -10.69
C THR C 185 26.46 17.87 -11.62
N ASN C 186 26.35 17.63 -12.92
CA ASN C 186 26.96 18.56 -13.88
C ASN C 186 26.29 19.92 -13.85
N LYS C 187 24.98 19.98 -13.60
CA LYS C 187 24.34 21.29 -13.52
C LYS C 187 24.66 21.98 -12.20
N LEU C 188 24.77 21.25 -11.09
CA LEU C 188 25.15 21.89 -9.84
C LEU C 188 26.55 22.47 -9.92
N ILE C 189 27.48 21.73 -10.55
CA ILE C 189 28.84 22.27 -10.71
C ILE C 189 28.81 23.55 -11.51
N ARG C 190 27.98 23.61 -12.55
CA ARG C 190 27.89 24.86 -13.32
C ARG C 190 27.29 25.98 -12.49
N PHE C 191 26.27 25.68 -11.66
CA PHE C 191 25.71 26.73 -10.78
C PHE C 191 26.79 27.24 -9.84
N MET C 192 27.52 26.32 -9.21
CA MET C 192 28.55 26.66 -8.24
C MET C 192 29.60 27.58 -8.83
N VAL C 193 30.18 27.20 -9.97
CA VAL C 193 31.24 28.01 -10.57
C VAL C 193 30.72 29.39 -10.93
N ALA C 194 29.55 29.45 -11.55
CA ALA C 194 29.02 30.74 -11.97
C ALA C 194 28.75 31.65 -10.78
N ASN C 195 28.14 31.11 -9.73
CA ASN C 195 27.77 31.96 -8.61
C ASN C 195 28.96 32.34 -7.75
N THR C 196 29.89 31.42 -7.49
CA THR C 196 31.06 31.79 -6.71
C THR C 196 31.89 32.83 -7.45
N SER C 197 31.99 32.69 -8.78
CA SER C 197 32.76 33.64 -9.57
C SER C 197 32.16 35.03 -9.47
N HIS C 198 30.85 35.15 -9.63
CA HIS C 198 30.20 36.44 -9.52
C HIS C 198 30.41 37.05 -8.13
N LEU C 199 30.20 36.28 -7.07
CA LEU C 199 30.31 36.82 -5.72
C LEU C 199 31.75 37.25 -5.42
N ALA C 200 32.73 36.51 -5.95
CA ALA C 200 34.13 36.87 -5.75
C ALA C 200 34.44 38.22 -6.38
N ARG C 201 34.03 38.40 -7.64
CA ARG C 201 34.17 39.69 -8.30
C ARG C 201 33.49 40.80 -7.51
N MET C 202 32.25 40.56 -7.05
CA MET C 202 31.55 41.58 -6.27
C MET C 202 32.36 42.02 -5.06
N LEU C 203 32.84 41.05 -4.28
CA LEU C 203 33.55 41.39 -3.06
C LEU C 203 34.89 42.04 -3.33
N GLN C 204 35.48 41.74 -4.50
CA GLN C 204 36.71 42.41 -4.89
C GLN C 204 36.48 43.91 -5.09
N GLU C 205 35.30 44.30 -5.58
CA GLU C 205 34.97 45.71 -5.73
C GLU C 205 34.41 46.33 -4.45
N THR C 206 33.52 45.62 -3.76
CA THR C 206 32.80 46.14 -2.61
C THR C 206 32.96 45.19 -1.42
N PRO C 207 34.16 45.13 -0.85
CA PRO C 207 34.36 44.27 0.32
C PRO C 207 33.53 44.77 1.49
N TYR C 208 33.28 43.86 2.43
CA TYR C 208 32.70 44.25 3.70
C TYR C 208 33.56 45.34 4.34
N THR C 209 32.90 46.35 4.88
CA THR C 209 33.57 47.39 5.63
C THR C 209 33.37 47.25 7.12
N THR C 210 32.70 46.17 7.55
CA THR C 210 32.45 45.91 8.95
C THR C 210 33.73 46.01 9.77
N ASP C 211 33.65 46.71 10.89
CA ASP C 211 34.75 46.82 11.83
C ASP C 211 34.46 45.87 12.99
N LEU C 212 35.07 44.68 12.95
CA LEU C 212 34.77 43.70 13.99
C LEU C 212 35.19 44.22 15.36
N GLU C 213 36.29 44.95 15.41
CA GLU C 213 36.76 45.50 16.68
C GLU C 213 35.73 46.47 17.27
N ALA C 214 35.16 47.33 16.43
CA ALA C 214 34.20 48.31 16.92
C ALA C 214 32.87 47.67 17.29
N CYS C 215 32.45 46.62 16.58
CA CYS C 215 31.28 45.85 17.00
C CYS C 215 31.50 45.26 18.39
N ALA C 216 32.68 44.67 18.60
CA ALA C 216 32.96 44.04 19.89
C ALA C 216 33.01 45.08 21.00
N GLN C 217 33.45 46.29 20.69
CA GLN C 217 33.50 47.34 21.71
C GLN C 217 32.10 47.80 22.07
N ALA C 218 31.23 47.97 21.07
CA ALA C 218 29.83 48.22 21.36
C ALA C 218 29.24 47.12 22.24
N ALA C 219 29.56 45.86 21.93
CA ALA C 219 29.05 44.75 22.74
C ALA C 219 29.61 44.77 24.15
N ARG C 220 30.90 45.12 24.29
CA ARG C 220 31.49 45.21 25.62
C ARG C 220 30.72 46.18 26.51
N GLU C 221 30.32 47.31 25.95
CA GLU C 221 29.61 48.33 26.73
C GLU C 221 28.26 47.83 27.22
N GLU C 222 27.62 46.93 26.47
CA GLU C 222 26.27 46.48 26.80
C GLU C 222 26.27 45.11 27.49
N SER C 223 27.43 44.62 27.92
CA SER C 223 27.54 43.24 28.38
C SER C 223 28.33 43.15 29.67
N ASP C 224 28.13 42.03 30.37
CA ASP C 224 28.90 41.67 31.56
C ASP C 224 30.19 40.97 31.15
N ASP C 225 31.13 40.88 32.11
CA ASP C 225 32.36 40.12 31.90
C ASP C 225 32.39 38.85 32.76
N VAL C 226 31.24 38.45 33.30
CA VAL C 226 31.11 37.21 34.05
C VAL C 226 29.82 36.56 33.58
N PHE C 227 29.89 35.26 33.29
CA PHE C 227 28.69 34.45 33.10
C PHE C 227 28.47 33.62 34.35
N ALA C 228 27.26 33.68 34.90
CA ALA C 228 26.97 32.95 36.14
C ALA C 228 25.50 32.56 36.18
N ILE C 229 25.24 31.30 36.55
CA ILE C 229 23.88 30.81 36.72
C ILE C 229 23.87 29.79 37.84
N ARG C 230 22.72 29.68 38.51
CA ARG C 230 22.52 28.59 39.45
C ARG C 230 22.05 27.34 38.73
N VAL C 231 22.29 26.20 39.36
CA VAL C 231 22.03 24.90 38.79
C VAL C 231 21.11 24.14 39.73
N ASN C 232 20.09 23.48 39.17
CA ASN C 232 19.24 22.62 39.99
C ASN C 232 19.96 21.29 40.19
N VAL C 233 20.50 21.07 41.39
CA VAL C 233 21.26 19.86 41.65
C VAL C 233 20.41 18.78 42.32
N ASN C 234 19.09 18.95 42.36
CA ASN C 234 18.23 18.05 43.11
C ASN C 234 17.35 17.18 42.23
N THR C 235 17.69 17.02 40.96
CA THR C 235 16.85 16.20 40.11
C THR C 235 17.70 15.37 39.15
N PRO C 236 17.27 14.13 38.87
CA PRO C 236 17.87 13.35 37.79
C PRO C 236 17.33 13.73 36.43
N ALA C 237 16.28 14.55 36.37
CA ALA C 237 15.65 14.90 35.11
C ALA C 237 16.61 15.65 34.20
N ILE C 238 16.49 15.42 32.89
CA ILE C 238 17.22 16.19 31.91
C ILE C 238 16.28 16.94 30.98
N ARG C 239 15.02 17.02 31.35
CA ARG C 239 14.08 17.85 30.64
C ARG C 239 14.49 19.32 30.62
N TYR C 240 14.38 19.95 29.45
CA TYR C 240 14.74 21.36 29.32
C TYR C 240 13.74 22.26 30.04
N LYS C 241 14.25 23.20 30.83
CA LYS C 241 13.41 24.17 31.51
C LYS C 241 14.02 25.55 31.33
N ARG C 242 13.39 26.38 30.51
CA ARG C 242 13.94 27.68 30.21
C ARG C 242 13.81 28.64 31.39
N PHE C 243 12.87 28.39 32.30
CA PHE C 243 12.74 29.13 33.56
C PHE C 243 12.85 28.12 34.69
N GLN C 244 13.71 28.37 35.68
CA GLN C 244 13.90 27.36 36.71
C GLN C 244 13.75 27.84 38.15
N LYS C 245 13.59 29.14 38.39
CA LYS C 245 13.28 29.64 39.73
C LYS C 245 14.32 29.20 40.75
N LEU C 246 15.59 29.49 40.43
CA LEU C 246 16.69 29.14 41.32
C LEU C 246 17.31 30.34 42.01
N GLY C 247 17.08 31.53 41.50
CA GLY C 247 17.70 32.71 42.06
C GLY C 247 18.84 33.20 41.20
N GLU C 248 19.03 34.51 41.20
CA GLU C 248 20.17 35.10 40.52
C GLU C 248 21.45 34.85 41.31
N VAL C 249 22.57 34.79 40.60
CA VAL C 249 23.89 34.75 41.20
C VAL C 249 24.45 36.16 41.14
N LYS C 250 24.94 36.65 42.27
CA LYS C 250 25.58 37.96 42.32
C LYS C 250 27.08 37.77 42.48
N VAL C 251 27.84 38.38 41.59
CA VAL C 251 29.29 38.27 41.60
C VAL C 251 29.85 39.48 42.35
N GLU C 252 31.05 39.30 42.90
CA GLU C 252 31.61 40.29 43.81
C GLU C 252 32.48 41.34 43.15
N GLU C 253 32.66 41.28 41.83
CA GLU C 253 33.35 42.37 41.12
C GLU C 253 32.40 43.01 40.12
N ALA D 2 14.80 51.21 -0.46
CA ALA D 2 14.68 50.82 0.94
C ALA D 2 14.61 49.30 1.10
N LEU D 3 15.70 48.72 1.57
CA LEU D 3 15.74 47.28 1.83
C LEU D 3 14.77 46.91 2.94
N LYS D 4 14.28 45.67 2.89
CA LYS D 4 13.39 45.12 3.90
C LYS D 4 14.04 43.89 4.51
N ALA D 5 14.03 43.82 5.83
CA ALA D 5 14.44 42.62 6.55
C ALA D 5 13.22 42.01 7.23
N LEU D 6 12.99 40.73 6.98
CA LEU D 6 11.90 39.99 7.59
C LEU D 6 12.50 39.02 8.61
N ILE D 7 12.08 39.13 9.86
CA ILE D 7 12.58 38.26 10.92
C ILE D 7 11.44 37.37 11.39
N LEU D 8 11.61 36.06 11.24
CA LEU D 8 10.58 35.09 11.63
C LEU D 8 10.97 34.46 12.97
N ASN D 9 10.26 34.83 14.03
CA ASN D 9 10.41 34.15 15.31
C ASN D 9 9.61 32.85 15.24
N THR D 10 10.30 31.71 15.34
CA THR D 10 9.65 30.41 15.19
C THR D 10 9.46 29.69 16.53
N THR D 11 9.35 30.45 17.62
CA THR D 11 8.96 29.89 18.90
C THR D 11 7.63 29.15 18.80
N LEU D 12 7.45 28.13 19.64
CA LEU D 12 6.20 27.38 19.68
C LEU D 12 5.14 28.00 20.60
N ARG D 13 5.44 29.13 21.24
CA ARG D 13 4.49 29.74 22.16
C ARG D 13 3.83 30.97 21.54
N ARG D 14 2.51 31.02 21.64
CA ARG D 14 1.73 32.08 21.01
C ARG D 14 1.94 33.42 21.73
N SER D 15 1.95 34.51 20.97
CA SER D 15 1.96 35.86 21.55
C SER D 15 0.76 36.06 22.47
N PRO D 16 0.93 36.84 23.57
CA PRO D 16 2.12 37.60 23.95
C PRO D 16 3.04 36.87 24.96
N SER D 17 3.00 35.54 25.04
CA SER D 17 3.91 34.83 25.93
C SER D 17 5.36 35.19 25.65
N ARG D 18 6.13 35.40 26.72
CA ARG D 18 7.50 35.87 26.58
C ARG D 18 8.36 34.77 25.97
N SER D 19 9.08 35.13 24.91
CA SER D 19 9.94 34.21 24.19
C SER D 19 11.41 34.54 24.48
N GLN D 20 12.20 33.52 24.82
CA GLN D 20 13.65 33.69 24.93
C GLN D 20 14.24 34.21 23.62
N THR D 21 13.84 33.63 22.50
CA THR D 21 14.44 33.99 21.22
C THR D 21 14.17 35.44 20.87
N GLN D 22 12.99 35.95 21.27
CA GLN D 22 12.65 37.35 21.01
C GLN D 22 13.67 38.31 21.60
N GLY D 23 14.37 37.88 22.66
CA GLY D 23 15.43 38.71 23.22
C GLY D 23 16.50 39.05 22.20
N LEU D 24 16.94 38.05 21.43
CA LEU D 24 17.93 38.30 20.39
C LEU D 24 17.36 39.17 19.28
N ILE D 25 16.09 38.93 18.93
CA ILE D 25 15.40 39.76 17.93
C ILE D 25 15.40 41.22 18.36
N ASP D 26 15.13 41.47 19.65
CA ASP D 26 15.03 42.84 20.18
C ASP D 26 16.35 43.57 20.11
N LYS D 27 17.49 42.85 20.15
CA LYS D 27 18.77 43.47 19.87
C LYS D 27 18.92 43.80 18.38
N ALA D 28 18.50 42.89 17.50
CA ALA D 28 18.79 43.02 16.08
C ALA D 28 17.95 44.07 15.38
N VAL D 29 16.69 44.24 15.80
CA VAL D 29 15.78 45.14 15.08
C VAL D 29 16.29 46.57 15.07
N PRO D 30 16.66 47.19 16.19
CA PRO D 30 17.20 48.56 16.11
C PRO D 30 18.50 48.66 15.33
N LEU D 31 19.35 47.62 15.37
CA LEU D 31 20.58 47.65 14.59
C LEU D 31 20.27 47.67 13.10
N TYR D 32 19.28 46.88 12.63
CA TYR D 32 18.86 46.92 11.24
C TYR D 32 18.27 48.29 10.85
N GLU D 33 17.43 48.85 11.71
CA GLU D 33 16.81 50.14 11.41
C GLU D 33 17.85 51.25 11.37
N LYS D 34 18.89 51.13 12.20
CA LYS D 34 20.02 52.06 12.12
C LYS D 34 20.76 51.93 10.80
N GLU D 35 20.73 50.74 10.19
CA GLU D 35 21.29 50.55 8.86
C GLU D 35 20.38 51.09 7.76
N GLY D 36 19.23 51.66 8.12
CA GLY D 36 18.29 52.10 7.12
C GLY D 36 17.47 51.00 6.50
N ILE D 37 17.32 49.87 7.17
CA ILE D 37 16.57 48.73 6.66
C ILE D 37 15.26 48.62 7.42
N GLU D 38 14.16 48.61 6.69
CA GLU D 38 12.85 48.44 7.30
C GLU D 38 12.69 47.00 7.77
N THR D 39 12.30 46.81 9.03
CA THR D 39 12.29 45.48 9.64
C THR D 39 10.91 45.11 10.12
N GLU D 40 10.47 43.91 9.75
CA GLU D 40 9.22 43.34 10.21
C GLU D 40 9.54 42.06 10.97
N VAL D 41 8.89 41.86 12.11
CA VAL D 41 9.01 40.62 12.89
C VAL D 41 7.66 39.92 12.82
N VAL D 42 7.68 38.64 12.43
CA VAL D 42 6.48 37.80 12.43
C VAL D 42 6.73 36.61 13.34
N ARG D 43 5.83 36.38 14.29
CA ARG D 43 5.89 35.17 15.11
C ARG D 43 5.00 34.14 14.44
N VAL D 44 5.60 33.17 13.74
CA VAL D 44 4.82 32.41 12.76
C VAL D 44 3.79 31.53 13.45
N ILE D 45 4.03 31.15 14.70
CA ILE D 45 3.11 30.25 15.40
C ILE D 45 1.77 30.94 15.69
N ASP D 46 1.75 32.27 15.65
CA ASP D 46 0.52 33.05 15.80
C ASP D 46 -0.43 32.90 14.62
N HIS D 47 0.04 32.31 13.51
CA HIS D 47 -0.67 32.33 12.25
C HIS D 47 -1.06 30.91 11.85
N ASP D 48 -2.23 30.80 11.21
CA ASP D 48 -2.78 29.50 10.82
C ASP D 48 -2.15 29.11 9.49
N ILE D 49 -1.12 28.26 9.56
CA ILE D 49 -0.39 27.76 8.40
C ILE D 49 -0.57 26.25 8.39
N GLU D 50 -1.14 25.71 7.31
CA GLU D 50 -1.45 24.29 7.26
C GLU D 50 -0.20 23.47 6.98
N GLN D 51 -0.02 22.39 7.73
CA GLN D 51 1.17 21.55 7.65
C GLN D 51 1.03 20.43 6.62
N GLU D 52 -0.18 19.96 6.37
CA GLU D 52 -0.41 18.85 5.47
C GLU D 52 -0.05 19.21 4.03
N TYR D 53 0.32 18.20 3.26
CA TYR D 53 0.73 18.35 1.88
C TYR D 53 -0.31 17.72 0.96
N TRP D 54 -0.60 18.39 -0.16
CA TRP D 54 -1.37 17.77 -1.24
C TRP D 54 -0.84 18.26 -2.57
N ASP D 55 -0.71 17.34 -3.52
CA ASP D 55 -0.61 17.68 -4.93
C ASP D 55 -1.46 16.67 -5.70
N ASP D 56 -1.46 16.75 -7.03
CA ASP D 56 -2.47 15.96 -7.71
C ASP D 56 -2.14 14.47 -7.77
N TYR D 57 -0.96 14.02 -7.34
CA TYR D 57 -0.73 12.59 -7.21
C TYR D 57 -1.36 12.01 -5.95
N ASP D 58 -1.69 12.88 -4.98
CA ASP D 58 -2.31 12.48 -3.73
C ASP D 58 -3.81 12.24 -3.94
N ASP D 59 -4.50 11.87 -2.85
CA ASP D 59 -5.93 11.62 -2.87
C ASP D 59 -6.66 12.96 -2.80
N TRP D 60 -7.39 13.29 -3.86
CA TRP D 60 -8.15 14.54 -3.87
C TRP D 60 -9.00 14.68 -2.61
N ASN D 61 -9.81 13.67 -2.31
CA ASN D 61 -10.74 13.80 -1.19
C ASN D 61 -10.00 14.06 0.12
N ALA D 62 -8.89 13.36 0.34
CA ALA D 62 -8.17 13.52 1.60
C ALA D 62 -7.36 14.79 1.63
N GLY D 63 -7.04 15.35 0.48
CA GLY D 63 -6.26 16.56 0.42
C GLY D 63 -7.02 17.83 0.68
N GLU D 64 -8.31 17.75 0.98
CA GLU D 64 -9.10 18.97 1.18
C GLU D 64 -8.51 19.86 2.27
N LYS D 65 -8.09 19.27 3.39
CA LYS D 65 -7.56 20.08 4.48
C LYS D 65 -6.25 20.74 4.06
N ALA D 66 -5.37 20.00 3.35
CA ALA D 66 -4.12 20.58 2.89
C ALA D 66 -4.34 21.73 1.92
N ARG D 67 -5.40 21.66 1.10
CA ARG D 67 -5.69 22.71 0.12
C ARG D 67 -6.42 23.91 0.72
N ARG D 68 -6.76 23.88 2.01
CA ARG D 68 -7.67 24.87 2.56
C ARG D 68 -7.07 26.28 2.55
N GLU D 69 -7.96 27.26 2.70
CA GLU D 69 -7.52 28.66 2.78
C GLU D 69 -6.86 28.89 4.14
N ASP D 70 -5.59 29.25 4.13
CA ASP D 70 -4.87 29.50 5.37
C ASP D 70 -4.10 30.80 5.23
N GLU D 71 -3.13 31.06 6.11
CA GLU D 71 -2.38 32.30 6.06
C GLU D 71 -1.05 32.19 5.33
N TRP D 72 -0.80 31.09 4.61
CA TRP D 72 0.51 30.91 3.99
C TRP D 72 0.74 31.94 2.88
N PRO D 73 -0.23 32.19 1.98
CA PRO D 73 0.01 33.24 0.96
C PRO D 73 0.34 34.60 1.56
N TRP D 74 -0.28 34.95 2.69
CA TRP D 74 0.06 36.19 3.38
C TRP D 74 1.51 36.21 3.81
N LEU D 75 2.00 35.11 4.39
CA LEU D 75 3.39 35.05 4.84
C LEU D 75 4.35 34.95 3.66
N LEU D 76 3.99 34.17 2.64
CA LEU D 76 4.90 33.97 1.51
C LEU D 76 5.14 35.28 0.78
N GLU D 77 4.09 36.09 0.63
CA GLU D 77 4.28 37.40 0.00
C GLU D 77 5.37 38.20 0.72
N LYS D 78 5.37 38.16 2.06
CA LYS D 78 6.40 38.88 2.79
C LYS D 78 7.78 38.29 2.52
N ILE D 79 7.88 36.96 2.44
CA ILE D 79 9.16 36.34 2.13
C ILE D 79 9.62 36.71 0.71
N ARG D 80 8.69 36.74 -0.24
CA ARG D 80 9.05 37.13 -1.60
C ARG D 80 9.57 38.56 -1.66
N GLU D 81 9.03 39.43 -0.81
CA GLU D 81 9.40 40.84 -0.87
C GLU D 81 10.65 41.16 -0.06
N ALA D 82 10.96 40.37 0.96
CA ALA D 82 12.03 40.72 1.89
C ALA D 82 13.40 40.49 1.26
N ASP D 83 14.28 41.47 1.38
CA ASP D 83 15.62 41.32 0.84
C ASP D 83 16.50 40.54 1.79
N ILE D 84 16.20 40.58 3.08
CA ILE D 84 16.91 39.84 4.12
C ILE D 84 15.89 38.99 4.87
N LEU D 85 16.16 37.70 4.96
CA LEU D 85 15.35 36.80 5.75
C LEU D 85 16.21 36.35 6.91
N VAL D 86 15.74 36.61 8.13
CA VAL D 86 16.39 36.12 9.34
C VAL D 86 15.44 35.11 9.99
N ILE D 87 15.85 33.85 10.01
CA ILE D 87 15.17 32.85 10.81
C ILE D 87 15.66 33.01 12.24
N ALA D 88 14.74 33.28 13.17
CA ALA D 88 15.06 33.42 14.59
C ALA D 88 14.42 32.26 15.32
N THR D 89 15.19 31.20 15.53
CA THR D 89 14.57 29.98 16.01
C THR D 89 15.17 29.55 17.34
N PRO D 90 14.34 29.16 18.31
CA PRO D 90 14.81 28.32 19.40
C PRO D 90 15.29 26.99 18.83
N ILE D 91 16.03 26.25 19.66
CA ILE D 91 16.53 24.93 19.30
C ILE D 91 15.64 23.89 19.98
N THR D 92 15.07 22.96 19.20
CA THR D 92 14.47 21.76 19.79
C THR D 92 15.07 20.52 19.14
N LEU D 93 15.52 19.59 19.97
CA LEU D 93 16.01 18.29 19.49
C LEU D 93 17.21 18.47 18.58
N ASN D 94 18.05 19.45 18.89
CA ASN D 94 19.25 19.74 18.10
C ASN D 94 18.89 20.17 16.68
N MET D 95 17.68 20.68 16.49
CA MET D 95 17.17 21.20 15.23
C MET D 95 16.57 22.58 15.47
N CYS D 96 16.19 23.25 14.39
CA CYS D 96 15.26 24.38 14.53
C CYS D 96 13.93 23.84 15.10
N THR D 97 12.99 24.74 15.39
CA THR D 97 11.71 24.24 15.90
C THR D 97 10.89 23.62 14.77
N SER D 98 9.88 22.84 15.15
CA SER D 98 8.94 22.30 14.17
C SER D 98 8.20 23.41 13.44
N ALA D 99 8.02 24.58 14.07
CA ALA D 99 7.41 25.70 13.36
C ALA D 99 8.31 26.21 12.23
N ALA D 100 9.61 26.43 12.51
CA ALA D 100 10.54 26.77 11.44
C ALA D 100 10.55 25.69 10.37
N HIS D 101 10.47 24.43 10.80
CA HIS D 101 10.48 23.29 9.90
C HIS D 101 9.34 23.33 8.90
N VAL D 102 8.12 23.62 9.39
CA VAL D 102 6.95 23.71 8.51
C VAL D 102 7.14 24.83 7.49
N ILE D 103 7.58 26.01 7.96
CA ILE D 103 7.75 27.15 7.08
C ILE D 103 8.75 26.83 5.97
N LEU D 104 9.89 26.24 6.34
CA LEU D 104 10.88 25.90 5.34
C LEU D 104 10.37 24.81 4.41
N GLU D 105 9.62 23.85 4.94
CA GLU D 105 9.00 22.84 4.07
C GLU D 105 8.14 23.51 3.01
N LYS D 106 7.28 24.44 3.42
CA LYS D 106 6.38 25.06 2.46
C LYS D 106 7.15 25.98 1.52
N LEU D 107 8.18 26.65 2.05
CA LEU D 107 8.99 27.50 1.19
C LEU D 107 9.68 26.69 0.10
N ASN D 108 10.07 25.45 0.42
CA ASN D 108 10.77 24.57 -0.51
C ASN D 108 9.85 23.99 -1.58
N LEU D 109 8.54 24.26 -1.50
CA LEU D 109 7.57 23.77 -2.47
C LEU D 109 7.39 24.70 -3.65
N MET D 110 8.06 25.85 -3.67
CA MET D 110 7.96 26.74 -4.83
C MET D 110 8.59 26.05 -6.03
N ASP D 111 7.89 26.12 -7.17
CA ASP D 111 8.41 25.60 -8.44
C ASP D 111 8.24 26.73 -9.46
N GLU D 112 9.22 27.63 -9.49
CA GLU D 112 9.16 28.80 -10.37
C GLU D 112 10.56 29.12 -10.86
N LEU D 113 10.59 29.76 -12.02
CA LEU D 113 11.79 30.36 -12.57
C LEU D 113 11.40 31.75 -13.06
N ASN D 114 12.16 32.76 -12.65
CA ASN D 114 11.92 34.11 -13.14
C ASN D 114 12.08 34.12 -14.65
N GLY D 115 11.01 34.52 -15.35
CA GLY D 115 11.04 34.49 -16.80
C GLY D 115 12.12 35.37 -17.40
N ASP D 116 12.54 36.42 -16.68
CA ASP D 116 13.52 37.35 -17.23
C ASP D 116 14.95 36.97 -16.86
N THR D 117 15.20 36.68 -15.58
CA THR D 117 16.54 36.34 -15.13
C THR D 117 16.84 34.85 -15.19
N LYS D 118 15.83 33.99 -15.33
CA LYS D 118 16.03 32.55 -15.31
C LYS D 118 16.71 32.10 -14.02
N GLN D 119 16.24 32.65 -12.90
CA GLN D 119 16.72 32.31 -11.57
C GLN D 119 15.54 31.89 -10.72
N PHE D 120 15.82 31.13 -9.66
CA PHE D 120 14.80 30.80 -8.68
C PHE D 120 14.27 32.10 -8.05
N PRO D 121 13.03 32.10 -7.54
CA PRO D 121 12.44 33.37 -7.11
C PRO D 121 13.13 34.02 -5.93
N LEU D 122 13.82 33.26 -5.07
CA LEU D 122 14.47 33.87 -3.91
C LEU D 122 15.94 34.24 -4.18
N TYR D 123 16.37 34.19 -5.43
CA TYR D 123 17.72 34.62 -5.79
C TYR D 123 17.93 36.09 -5.45
N ASN D 124 19.18 36.41 -5.12
CA ASN D 124 19.67 37.76 -4.81
C ASN D 124 19.23 38.26 -3.44
N LYS D 125 18.68 37.37 -2.60
CA LYS D 125 18.36 37.71 -1.21
C LYS D 125 19.49 37.23 -0.30
N VAL D 126 19.43 37.68 0.96
CA VAL D 126 20.45 37.42 1.96
C VAL D 126 19.79 36.79 3.18
N ALA D 127 20.44 35.77 3.73
CA ALA D 127 19.90 35.06 4.88
C ALA D 127 20.80 35.26 6.09
N GLY D 128 20.18 35.40 7.25
CA GLY D 128 20.90 35.37 8.50
C GLY D 128 20.11 34.55 9.49
N LEU D 129 20.69 34.37 10.66
CA LEU D 129 20.13 33.41 11.61
C LEU D 129 20.34 33.92 13.02
N LEU D 130 19.30 33.82 13.83
CA LEU D 130 19.36 34.04 15.27
C LEU D 130 18.88 32.74 15.91
N MET D 131 19.62 32.23 16.88
CA MET D 131 19.20 31.01 17.55
C MET D 131 19.32 31.14 19.07
N CYS D 132 18.47 30.40 19.78
CA CYS D 132 18.49 30.38 21.22
C CYS D 132 18.26 28.96 21.69
N GLY D 133 19.22 28.39 22.44
CA GLY D 133 19.00 27.12 23.11
C GLY D 133 19.44 27.20 24.56
N ASN D 134 18.99 26.21 25.35
CA ASN D 134 19.44 26.15 26.73
C ASN D 134 20.90 25.71 26.83
N GLU D 135 21.38 24.87 25.89
CA GLU D 135 22.74 24.35 26.06
C GLU D 135 23.52 24.06 24.78
N ASP D 136 22.86 23.67 23.68
CA ASP D 136 23.62 22.97 22.66
C ASP D 136 22.83 22.90 21.36
N GLY D 137 23.51 23.12 20.23
CA GLY D 137 22.91 22.84 18.92
C GLY D 137 23.01 23.95 17.90
N ALA D 138 23.61 25.08 18.30
CA ALA D 138 23.58 26.26 17.44
C ALA D 138 24.26 26.01 16.11
N HIS D 139 25.48 25.46 16.12
CA HIS D 139 26.19 25.31 14.86
C HIS D 139 25.56 24.24 13.98
N HIS D 140 25.00 23.20 14.60
CA HIS D 140 24.31 22.18 13.83
C HIS D 140 23.09 22.75 13.13
N VAL D 141 22.27 23.51 13.86
CA VAL D 141 21.09 24.16 13.27
C VAL D 141 21.51 25.14 12.19
N ALA D 142 22.56 25.92 12.46
CA ALA D 142 23.03 26.88 11.46
C ALA D 142 23.43 26.18 10.16
N GLY D 143 24.17 25.09 10.27
CA GLY D 143 24.53 24.35 9.07
C GLY D 143 23.31 23.89 8.31
N THR D 144 22.34 23.28 9.01
CA THR D 144 21.16 22.73 8.33
C THR D 144 20.31 23.82 7.71
N VAL D 145 20.03 24.88 8.48
CA VAL D 145 19.08 25.88 7.98
C VAL D 145 19.70 26.72 6.87
N LEU D 146 20.94 27.16 7.05
CA LEU D 146 21.56 28.01 6.03
C LEU D 146 21.93 27.23 4.77
N ASN D 147 22.24 25.94 4.89
CA ASN D 147 22.43 25.14 3.69
C ASN D 147 21.15 25.07 2.89
N ASN D 148 20.01 24.91 3.57
CA ASN D 148 18.74 24.83 2.87
C ASN D 148 18.37 26.15 2.21
N LEU D 149 18.59 27.27 2.89
CA LEU D 149 18.27 28.57 2.30
C LEU D 149 19.19 28.87 1.12
N GLY D 150 20.45 28.41 1.17
CA GLY D 150 21.33 28.56 0.03
C GLY D 150 20.81 27.83 -1.20
N ARG D 151 20.19 26.67 -1.00
CA ARG D 151 19.67 25.94 -2.15
C ARG D 151 18.56 26.72 -2.84
N LEU D 152 17.85 27.57 -2.08
CA LEU D 152 16.72 28.35 -2.59
C LEU D 152 17.11 29.64 -3.28
N GLY D 153 18.35 30.11 -3.09
CA GLY D 153 18.76 31.36 -3.72
C GLY D 153 19.35 32.39 -2.78
N TYR D 154 19.33 32.13 -1.47
CA TYR D 154 19.91 33.05 -0.50
C TYR D 154 21.43 32.96 -0.50
N SER D 155 22.07 34.13 -0.40
CA SER D 155 23.49 34.25 -0.10
C SER D 155 23.66 34.42 1.40
N VAL D 156 24.79 33.95 1.90
CA VAL D 156 25.10 33.94 3.32
C VAL D 156 26.41 34.68 3.52
N PRO D 157 26.43 35.80 4.23
CA PRO D 157 27.69 36.48 4.52
C PRO D 157 28.46 35.75 5.60
N PRO D 158 29.70 36.13 5.87
CA PRO D 158 30.40 35.57 7.04
C PRO D 158 29.71 35.96 8.34
N ASN D 159 29.86 35.10 9.35
CA ASN D 159 29.33 35.35 10.69
C ASN D 159 27.86 35.75 10.62
N ALA D 160 27.09 34.98 9.86
CA ALA D 160 25.67 35.26 9.64
C ALA D 160 24.77 34.63 10.69
N ALA D 161 25.33 33.86 11.62
CA ALA D 161 24.54 33.13 12.61
C ALA D 161 24.94 33.59 14.01
N ALA D 162 23.98 34.17 14.73
CA ALA D 162 24.20 34.68 16.08
C ALA D 162 23.32 33.88 17.02
N TYR D 163 23.81 33.59 18.21
CA TYR D 163 23.09 32.67 19.08
C TYR D 163 23.47 32.88 20.53
N TRP D 164 22.63 32.33 21.40
CA TRP D 164 22.90 32.21 22.82
C TRP D 164 22.69 30.77 23.24
N LEU D 165 23.58 30.29 24.12
CA LEU D 165 23.47 28.98 24.74
C LEU D 165 24.03 29.09 26.14
N GLY D 166 23.39 28.40 27.10
CA GLY D 166 23.99 28.19 28.39
C GLY D 166 25.00 27.05 28.34
N PRO D 167 25.55 26.71 29.50
CA PRO D 167 26.44 25.53 29.56
C PRO D 167 25.63 24.25 29.50
N ALA D 168 26.36 23.15 29.35
CA ALA D 168 25.78 21.80 29.41
C ALA D 168 24.80 21.68 30.57
N GLY D 169 23.56 21.31 30.26
CA GLY D 169 22.55 21.27 31.29
C GLY D 169 21.16 21.44 30.70
N THR D 170 20.22 21.75 31.59
CA THR D 170 18.81 21.80 31.25
C THR D 170 18.29 23.22 31.07
N GLY D 171 19.10 24.22 31.38
CA GLY D 171 18.68 25.60 31.39
C GLY D 171 19.30 26.32 32.58
N PRO D 172 18.81 27.53 32.89
CA PRO D 172 17.69 28.14 32.17
C PRO D 172 18.09 28.82 30.87
N GLY D 173 17.13 29.53 30.27
CA GLY D 173 17.31 30.14 28.98
C GLY D 173 17.83 31.56 29.04
N TYR D 174 17.68 32.24 27.90
CA TYR D 174 18.25 33.57 27.66
C TYR D 174 17.85 34.57 28.75
N ILE D 175 16.59 34.58 29.16
CA ILE D 175 16.11 35.63 30.05
C ILE D 175 16.70 35.46 31.45
N GLU D 176 16.49 34.30 32.08
CA GLU D 176 17.03 34.05 33.41
C GLU D 176 18.55 33.95 33.40
N GLY D 177 19.15 33.51 32.30
CA GLY D 177 20.60 33.45 32.16
C GLY D 177 21.28 34.75 31.81
N LYS D 178 20.50 35.83 31.72
CA LYS D 178 21.02 37.19 31.48
C LYS D 178 21.70 37.30 30.12
N GLY D 179 21.13 36.63 29.13
CA GLY D 179 21.70 36.64 27.81
C GLY D 179 21.72 38.00 27.15
N ASP D 180 20.85 38.92 27.60
CA ASP D 180 20.87 40.24 26.97
C ASP D 180 22.15 40.99 27.30
N ARG D 181 22.89 40.54 28.31
CA ARG D 181 24.19 41.11 28.63
C ARG D 181 25.33 40.11 28.40
N HIS D 182 25.12 39.15 27.51
CA HIS D 182 26.14 38.15 27.18
C HIS D 182 27.01 38.67 26.05
N PHE D 183 28.29 38.92 26.35
CA PHE D 183 29.19 39.55 25.40
C PHE D 183 29.26 38.81 24.06
N HIS D 184 29.47 37.50 24.10
CA HIS D 184 29.66 36.74 22.86
C HIS D 184 28.43 36.85 21.96
N THR D 185 27.24 36.66 22.53
CA THR D 185 26.00 36.80 21.78
C THR D 185 25.83 38.23 21.25
N ASN D 186 26.06 39.24 22.09
CA ASN D 186 25.84 40.61 21.64
C ASN D 186 26.78 40.97 20.48
N LYS D 187 28.01 40.48 20.51
CA LYS D 187 28.89 40.81 19.40
C LYS D 187 28.53 40.04 18.13
N LEU D 188 28.07 38.78 18.27
CA LEU D 188 27.68 38.03 17.08
C LEU D 188 26.46 38.66 16.41
N ILE D 189 25.52 39.17 17.20
CA ILE D 189 24.37 39.86 16.62
C ILE D 189 24.83 41.07 15.81
N ARG D 190 25.79 41.83 16.35
CA ARG D 190 26.28 43.00 15.61
C ARG D 190 26.99 42.59 14.32
N PHE D 191 27.85 41.57 14.37
CA PHE D 191 28.48 41.06 13.15
C PHE D 191 27.43 40.72 12.10
N MET D 192 26.38 40.02 12.53
CA MET D 192 25.40 39.49 11.60
C MET D 192 24.59 40.59 10.94
N VAL D 193 24.14 41.57 11.72
CA VAL D 193 23.38 42.69 11.15
C VAL D 193 24.25 43.46 10.17
N ALA D 194 25.50 43.74 10.57
CA ALA D 194 26.39 44.51 9.71
C ALA D 194 26.66 43.77 8.39
N ASN D 195 26.94 42.46 8.47
CA ASN D 195 27.31 41.72 7.27
C ASN D 195 26.10 41.44 6.37
N THR D 196 24.95 41.05 6.96
CA THR D 196 23.78 40.83 6.11
C THR D 196 23.34 42.13 5.44
N SER D 197 23.40 43.25 6.16
CA SER D 197 23.01 44.53 5.56
C SER D 197 23.93 44.87 4.40
N HIS D 198 25.24 44.69 4.58
CA HIS D 198 26.17 44.99 3.50
C HIS D 198 25.89 44.12 2.29
N LEU D 199 25.76 42.81 2.49
CA LEU D 199 25.56 41.92 1.36
C LEU D 199 24.23 42.18 0.66
N ALA D 200 23.19 42.58 1.40
CA ALA D 200 21.93 42.91 0.76
C ALA D 200 22.07 44.13 -0.14
N ARG D 201 22.78 45.15 0.33
CA ARG D 201 23.03 46.33 -0.50
C ARG D 201 23.81 45.97 -1.76
N MET D 202 24.85 45.14 -1.62
CA MET D 202 25.61 44.71 -2.78
C MET D 202 24.71 44.05 -3.82
N LEU D 203 23.90 43.08 -3.39
CA LEU D 203 23.10 42.31 -4.33
C LEU D 203 22.00 43.14 -4.96
N GLN D 204 21.53 44.17 -4.27
CA GLN D 204 20.58 45.08 -4.89
C GLN D 204 21.22 45.84 -6.05
N GLU D 205 22.52 46.13 -5.94
CA GLU D 205 23.23 46.86 -6.98
C GLU D 205 23.63 45.95 -8.12
N THR D 206 24.25 44.81 -7.81
CA THR D 206 24.81 43.90 -8.80
C THR D 206 24.31 42.49 -8.52
N PRO D 207 23.08 42.18 -8.88
CA PRO D 207 22.56 40.83 -8.66
C PRO D 207 23.34 39.80 -9.45
N TYR D 208 23.19 38.53 -9.05
CA TYR D 208 23.69 37.44 -9.87
C TYR D 208 23.04 37.51 -11.25
N THR D 209 23.84 37.32 -12.28
CA THR D 209 23.31 37.25 -13.63
C THR D 209 23.29 35.83 -14.16
N THR D 210 23.59 34.86 -13.31
CA THR D 210 23.54 33.46 -13.71
C THR D 210 22.20 33.13 -14.35
N ASP D 211 22.27 32.50 -15.51
CA ASP D 211 21.13 31.92 -16.19
C ASP D 211 21.12 30.44 -15.81
N LEU D 212 20.27 30.06 -14.84
CA LEU D 212 20.23 28.66 -14.44
C LEU D 212 19.77 27.76 -15.58
N GLU D 213 18.83 28.25 -16.39
CA GLU D 213 18.34 27.48 -17.52
C GLU D 213 19.44 27.19 -18.53
N ALA D 214 20.26 28.20 -18.84
CA ALA D 214 21.41 28.00 -19.72
C ALA D 214 22.42 27.03 -19.11
N CYS D 215 22.70 27.15 -17.82
CA CYS D 215 23.58 26.19 -17.15
C CYS D 215 23.02 24.78 -17.28
N ALA D 216 21.71 24.62 -17.06
CA ALA D 216 21.12 23.28 -17.16
C ALA D 216 21.18 22.76 -18.58
N GLN D 217 20.97 23.64 -19.56
CA GLN D 217 21.07 23.21 -20.95
C GLN D 217 22.48 22.74 -21.28
N ALA D 218 23.50 23.46 -20.80
CA ALA D 218 24.87 23.01 -21.04
C ALA D 218 25.16 21.70 -20.35
N ALA D 219 24.59 21.49 -19.15
CA ALA D 219 24.76 20.22 -18.46
C ALA D 219 24.07 19.10 -19.21
N ARG D 220 22.89 19.37 -19.77
CA ARG D 220 22.17 18.39 -20.56
C ARG D 220 23.03 17.86 -21.71
N GLU D 221 23.84 18.73 -22.33
CA GLU D 221 24.61 18.31 -23.49
C GLU D 221 25.74 17.35 -23.14
N GLU D 222 26.24 17.41 -21.91
CA GLU D 222 27.36 16.59 -21.46
C GLU D 222 26.94 15.41 -20.59
N SER D 223 25.66 15.07 -20.56
CA SER D 223 25.14 14.15 -19.56
C SER D 223 24.19 13.13 -20.20
N ASP D 224 23.96 12.04 -19.45
CA ASP D 224 23.00 11.00 -19.81
C ASP D 224 21.63 11.33 -19.21
N ASP D 225 20.58 10.81 -19.84
CA ASP D 225 19.24 10.95 -19.28
C ASP D 225 18.77 9.69 -18.57
N VAL D 226 19.70 8.77 -18.26
CA VAL D 226 19.40 7.57 -17.47
C VAL D 226 20.54 7.35 -16.48
N PHE D 227 20.19 7.06 -15.24
CA PHE D 227 21.15 6.59 -14.26
C PHE D 227 20.95 5.09 -14.07
N ALA D 228 22.01 4.31 -14.24
CA ALA D 228 21.86 2.86 -14.07
C ALA D 228 23.17 2.26 -13.59
N ILE D 229 23.08 1.41 -12.55
CA ILE D 229 24.23 0.72 -11.98
C ILE D 229 23.83 -0.69 -11.60
N ARG D 230 24.78 -1.60 -11.71
CA ARG D 230 24.57 -2.95 -11.19
C ARG D 230 24.84 -2.98 -9.69
N VAL D 231 24.16 -3.89 -9.01
CA VAL D 231 24.24 -4.05 -7.56
C VAL D 231 24.79 -5.44 -7.27
N ASN D 232 25.68 -5.54 -6.28
CA ASN D 232 26.12 -6.84 -5.78
C ASN D 232 25.09 -7.35 -4.77
N VAL D 233 24.28 -8.33 -5.17
CA VAL D 233 23.22 -8.86 -4.31
C VAL D 233 23.67 -10.10 -3.54
N ASN D 234 24.97 -10.40 -3.54
CA ASN D 234 25.45 -11.64 -2.97
C ASN D 234 26.25 -11.43 -1.69
N THR D 235 26.03 -10.33 -0.98
CA THR D 235 26.77 -10.08 0.26
C THR D 235 25.88 -9.40 1.29
N PRO D 236 26.04 -9.75 2.58
CA PRO D 236 25.43 -8.95 3.65
C PRO D 236 26.23 -7.72 4.01
N ALA D 237 27.48 -7.64 3.55
CA ALA D 237 28.38 -6.55 3.89
C ALA D 237 27.78 -5.20 3.50
N ILE D 238 28.04 -4.20 4.34
CA ILE D 238 27.69 -2.81 4.04
C ILE D 238 28.94 -1.95 3.98
N ARG D 239 30.10 -2.58 3.96
CA ARG D 239 31.35 -1.87 3.71
C ARG D 239 31.32 -1.14 2.36
N TYR D 240 31.81 0.10 2.37
CA TYR D 240 31.79 0.91 1.15
C TYR D 240 32.87 0.46 0.18
N LYS D 241 32.50 0.38 -1.10
CA LYS D 241 33.41 -0.08 -2.15
C LYS D 241 33.16 0.79 -3.38
N ARG D 242 34.08 1.73 -3.63
CA ARG D 242 33.96 2.65 -4.73
C ARG D 242 34.15 1.97 -6.09
N PHE D 243 34.87 0.84 -6.10
CA PHE D 243 35.12 0.03 -7.29
C PHE D 243 34.56 -1.35 -7.01
N GLN D 244 33.60 -1.78 -7.83
CA GLN D 244 33.02 -3.09 -7.63
C GLN D 244 33.10 -3.99 -8.86
N LYS D 245 33.53 -3.47 -10.01
CA LYS D 245 33.83 -4.28 -11.19
C LYS D 245 32.65 -5.18 -11.57
N LEU D 246 31.44 -4.65 -11.45
CA LEU D 246 30.24 -5.42 -11.78
C LEU D 246 29.90 -5.37 -13.25
N GLY D 247 30.37 -4.36 -13.97
CA GLY D 247 30.01 -4.17 -15.35
C GLY D 247 28.95 -3.09 -15.54
N GLU D 248 28.96 -2.48 -16.72
CA GLU D 248 28.02 -1.42 -17.05
C GLU D 248 26.61 -2.00 -17.26
N VAL D 249 25.62 -1.15 -17.05
CA VAL D 249 24.26 -1.43 -17.46
C VAL D 249 24.07 -0.85 -18.86
N LYS D 250 23.70 -1.69 -19.79
CA LYS D 250 23.26 -1.21 -21.09
C LYS D 250 21.73 -1.09 -21.06
N VAL D 251 21.21 0.00 -21.65
CA VAL D 251 19.79 0.34 -21.61
C VAL D 251 19.20 0.17 -23.00
N GLU D 252 18.02 -0.45 -23.06
CA GLU D 252 17.38 -0.81 -24.33
C GLU D 252 17.04 0.44 -25.14
N GLU D 253 16.97 0.27 -26.46
CA GLU D 253 16.75 1.37 -27.41
C GLU D 253 17.73 2.53 -27.18
N ALA E 2 -21.08 -41.18 16.47
CA ALA E 2 -21.94 -41.67 15.39
C ALA E 2 -22.44 -40.52 14.51
N LEU E 3 -21.77 -40.32 13.37
CA LEU E 3 -22.10 -39.20 12.51
C LEU E 3 -23.41 -39.41 11.79
N LYS E 4 -24.11 -38.32 11.51
CA LYS E 4 -25.38 -38.36 10.78
C LYS E 4 -25.28 -37.51 9.52
N ALA E 5 -25.74 -38.07 8.41
CA ALA E 5 -25.96 -37.36 7.16
C ALA E 5 -27.46 -37.22 6.90
N LEU E 6 -27.89 -36.01 6.58
CA LEU E 6 -29.28 -35.74 6.20
C LEU E 6 -29.28 -35.37 4.72
N ILE E 7 -30.08 -36.08 3.93
CA ILE E 7 -30.20 -35.81 2.51
C ILE E 7 -31.61 -35.28 2.27
N LEU E 8 -31.69 -34.06 1.74
CA LEU E 8 -32.97 -33.38 1.48
C LEU E 8 -33.27 -33.44 -0.02
N ASN E 9 -34.23 -34.28 -0.41
CA ASN E 9 -34.73 -34.25 -1.78
C ASN E 9 -35.71 -33.10 -1.92
N THR E 10 -35.37 -32.12 -2.77
CA THR E 10 -36.18 -30.92 -2.92
C THR E 10 -37.02 -30.93 -4.20
N THR E 11 -37.37 -32.11 -4.70
CA THR E 11 -38.29 -32.23 -5.83
C THR E 11 -39.63 -31.59 -5.50
N LEU E 12 -40.31 -31.12 -6.53
CA LEU E 12 -41.62 -30.48 -6.36
C LEU E 12 -42.78 -31.47 -6.37
N ARG E 13 -42.53 -32.77 -6.55
CA ARG E 13 -43.61 -33.74 -6.64
C ARG E 13 -43.70 -34.55 -5.35
N ARG E 14 -44.92 -34.63 -4.82
CA ARG E 14 -45.17 -35.35 -3.57
C ARG E 14 -44.95 -36.85 -3.76
N SER E 15 -44.44 -37.52 -2.72
CA SER E 15 -44.37 -38.98 -2.68
C SER E 15 -45.77 -39.57 -2.85
N PRO E 16 -45.90 -40.72 -3.54
CA PRO E 16 -44.81 -41.59 -4.02
C PRO E 16 -44.39 -41.39 -5.48
N SER E 17 -44.76 -40.27 -6.10
CA SER E 17 -44.39 -40.03 -7.49
C SER E 17 -42.89 -40.23 -7.71
N ARG E 18 -42.55 -40.83 -8.84
CA ARG E 18 -41.15 -41.13 -9.14
C ARG E 18 -40.38 -39.83 -9.32
N SER E 19 -39.25 -39.70 -8.61
CA SER E 19 -38.38 -38.54 -8.70
C SER E 19 -37.08 -38.90 -9.41
N GLN E 20 -36.74 -38.14 -10.46
CA GLN E 20 -35.46 -38.37 -11.11
C GLN E 20 -34.31 -38.20 -10.14
N THR E 21 -34.38 -37.16 -9.29
CA THR E 21 -33.30 -36.85 -8.37
C THR E 21 -33.09 -37.97 -7.34
N GLN E 22 -34.18 -38.65 -6.96
CA GLN E 22 -34.08 -39.73 -5.97
C GLN E 22 -33.10 -40.81 -6.43
N GLY E 23 -32.88 -40.96 -7.74
CA GLY E 23 -31.92 -41.95 -8.21
C GLY E 23 -30.51 -41.71 -7.71
N LEU E 24 -30.07 -40.45 -7.68
CA LEU E 24 -28.76 -40.14 -7.13
C LEU E 24 -28.72 -40.39 -5.62
N ILE E 25 -29.80 -40.05 -4.91
CA ILE E 25 -29.84 -40.30 -3.47
C ILE E 25 -29.71 -41.79 -3.21
N ASP E 26 -30.36 -42.62 -4.03
CA ASP E 26 -30.31 -44.05 -3.81
C ASP E 26 -28.90 -44.62 -3.99
N LYS E 27 -28.06 -44.00 -4.82
CA LYS E 27 -26.66 -44.40 -4.86
C LYS E 27 -25.93 -43.95 -3.61
N ALA E 28 -26.21 -42.73 -3.14
CA ALA E 28 -25.40 -42.15 -2.06
C ALA E 28 -25.66 -42.84 -0.73
N VAL E 29 -26.91 -43.18 -0.44
CA VAL E 29 -27.27 -43.68 0.89
C VAL E 29 -26.45 -44.93 1.26
N PRO E 30 -26.40 -45.99 0.46
CA PRO E 30 -25.57 -47.13 0.86
C PRO E 30 -24.09 -46.79 0.99
N LEU E 31 -23.59 -45.83 0.21
CA LEU E 31 -22.18 -45.45 0.35
C LEU E 31 -21.93 -44.83 1.72
N TYR E 32 -22.85 -43.97 2.19
CA TYR E 32 -22.67 -43.38 3.51
C TYR E 32 -22.72 -44.45 4.59
N GLU E 33 -23.64 -45.41 4.45
CA GLU E 33 -23.76 -46.45 5.46
C GLU E 33 -22.50 -47.31 5.52
N LYS E 34 -21.89 -47.58 4.36
CA LYS E 34 -20.59 -48.24 4.34
C LYS E 34 -19.54 -47.43 5.09
N GLU E 35 -19.62 -46.10 5.02
CA GLU E 35 -18.73 -45.25 5.80
C GLU E 35 -19.01 -45.29 7.29
N GLY E 36 -20.06 -45.97 7.72
CA GLY E 36 -20.43 -45.98 9.12
C GLY E 36 -21.23 -44.78 9.53
N ILE E 37 -21.99 -44.19 8.61
CA ILE E 37 -22.64 -42.91 8.82
C ILE E 37 -24.14 -43.10 8.72
N GLU E 38 -24.84 -42.79 9.82
CA GLU E 38 -26.30 -42.80 9.89
C GLU E 38 -26.89 -41.86 8.87
N THR E 39 -27.77 -42.35 8.00
CA THR E 39 -28.27 -41.53 6.91
C THR E 39 -29.80 -41.46 6.95
N GLU E 40 -30.34 -40.28 6.66
CA GLU E 40 -31.78 -40.08 6.60
C GLU E 40 -32.11 -39.21 5.39
N VAL E 41 -33.15 -39.60 4.65
CA VAL E 41 -33.63 -38.87 3.49
C VAL E 41 -34.98 -38.26 3.84
N VAL E 42 -35.16 -36.99 3.53
CA VAL E 42 -36.44 -36.29 3.66
C VAL E 42 -36.78 -35.69 2.31
N ARG E 43 -37.98 -35.97 1.81
CA ARG E 43 -38.51 -35.25 0.64
C ARG E 43 -39.28 -34.06 1.19
N VAL E 44 -38.68 -32.87 1.11
CA VAL E 44 -39.22 -31.75 1.87
C VAL E 44 -40.61 -31.34 1.39
N ILE E 45 -40.95 -31.62 0.13
CA ILE E 45 -42.24 -31.19 -0.38
C ILE E 45 -43.38 -31.98 0.28
N ASP E 46 -43.07 -33.14 0.87
CA ASP E 46 -44.08 -33.92 1.58
C ASP E 46 -44.52 -33.25 2.87
N HIS E 47 -43.80 -32.23 3.33
CA HIS E 47 -43.99 -31.65 4.65
C HIS E 47 -44.43 -30.20 4.52
N ASP E 48 -45.15 -29.74 5.55
CA ASP E 48 -45.80 -28.44 5.54
C ASP E 48 -44.79 -27.41 6.06
N ILE E 49 -44.27 -26.60 5.15
CA ILE E 49 -43.23 -25.62 5.46
C ILE E 49 -43.72 -24.29 4.92
N GLU E 50 -43.99 -23.36 5.82
CA GLU E 50 -44.56 -22.08 5.42
C GLU E 50 -43.49 -21.20 4.77
N GLN E 51 -43.81 -20.69 3.58
CA GLN E 51 -42.94 -19.81 2.79
C GLN E 51 -43.08 -18.34 3.17
N GLU E 52 -44.24 -17.93 3.68
CA GLU E 52 -44.43 -16.52 3.99
C GLU E 52 -43.56 -16.09 5.17
N TYR E 53 -43.20 -14.81 5.18
CA TYR E 53 -42.27 -14.30 6.18
C TYR E 53 -42.97 -13.31 7.09
N TRP E 54 -42.63 -13.36 8.37
CA TRP E 54 -43.02 -12.31 9.29
C TRP E 54 -41.91 -12.11 10.31
N ASP E 55 -41.66 -10.85 10.67
CA ASP E 55 -41.02 -10.53 11.94
C ASP E 55 -41.67 -9.28 12.49
N ASP E 56 -41.23 -8.85 13.68
CA ASP E 56 -41.99 -7.85 14.41
C ASP E 56 -41.96 -6.46 13.78
N TYR E 57 -41.16 -6.24 12.74
CA TYR E 57 -41.29 -5.00 11.98
C TYR E 57 -42.48 -5.03 11.04
N ASP E 58 -43.02 -6.20 10.73
CA ASP E 58 -44.11 -6.31 9.77
C ASP E 58 -45.45 -6.08 10.45
N ASP E 59 -46.49 -6.02 9.63
CA ASP E 59 -47.85 -5.94 10.17
C ASP E 59 -48.22 -7.24 10.87
N TRP E 60 -48.81 -7.12 12.06
CA TRP E 60 -49.01 -8.29 12.91
C TRP E 60 -50.07 -9.22 12.33
N ASN E 61 -51.22 -8.67 11.92
CA ASN E 61 -52.27 -9.52 11.37
C ASN E 61 -51.83 -10.13 10.05
N ALA E 62 -51.12 -9.36 9.23
CA ALA E 62 -50.67 -9.88 7.93
C ALA E 62 -49.81 -11.12 8.10
N GLY E 63 -49.00 -11.16 9.16
CA GLY E 63 -48.08 -12.26 9.39
C GLY E 63 -48.65 -13.47 10.08
N GLU E 64 -49.97 -13.55 10.26
CA GLU E 64 -50.56 -14.68 10.97
C GLU E 64 -50.22 -16.00 10.28
N LYS E 65 -50.42 -16.06 8.96
CA LYS E 65 -50.10 -17.29 8.24
C LYS E 65 -48.62 -17.62 8.33
N ALA E 66 -47.76 -16.61 8.24
CA ALA E 66 -46.32 -16.85 8.36
C ALA E 66 -45.94 -17.40 9.73
N ARG E 67 -46.69 -17.03 10.79
CA ARG E 67 -46.40 -17.47 12.14
C ARG E 67 -47.00 -18.83 12.50
N ARG E 68 -47.85 -19.39 11.64
CA ARG E 68 -48.63 -20.56 12.00
C ARG E 68 -47.73 -21.75 12.35
N GLU E 69 -48.34 -22.77 12.95
CA GLU E 69 -47.61 -23.99 13.27
C GLU E 69 -47.42 -24.80 12.00
N ASP E 70 -46.19 -25.25 11.77
CA ASP E 70 -45.88 -26.07 10.60
C ASP E 70 -44.80 -27.06 11.02
N GLU E 71 -44.18 -27.69 10.02
CA GLU E 71 -43.18 -28.71 10.27
C GLU E 71 -41.75 -28.18 10.19
N TRP E 72 -41.57 -26.87 10.14
CA TRP E 72 -40.23 -26.33 10.01
C TRP E 72 -39.39 -26.57 11.26
N PRO E 73 -39.92 -26.39 12.49
CA PRO E 73 -39.09 -26.72 13.67
C PRO E 73 -38.61 -28.16 13.67
N TRP E 74 -39.44 -29.09 13.20
CA TRP E 74 -39.03 -30.49 13.10
C TRP E 74 -37.85 -30.63 12.13
N LEU E 75 -37.94 -29.99 10.96
CA LEU E 75 -36.89 -30.11 9.95
C LEU E 75 -35.61 -29.40 10.39
N LEU E 76 -35.76 -28.18 10.93
CA LEU E 76 -34.58 -27.43 11.38
C LEU E 76 -33.81 -28.19 12.45
N GLU E 77 -34.52 -28.90 13.33
CA GLU E 77 -33.84 -29.70 14.34
C GLU E 77 -33.03 -30.82 13.70
N LYS E 78 -33.59 -31.47 12.68
CA LYS E 78 -32.82 -32.49 11.95
C LYS E 78 -31.59 -31.90 11.29
N ILE E 79 -31.72 -30.68 10.75
CA ILE E 79 -30.57 -30.02 10.15
C ILE E 79 -29.54 -29.66 11.22
N ARG E 80 -29.98 -29.13 12.35
CA ARG E 80 -29.04 -28.80 13.43
C ARG E 80 -28.32 -30.03 13.96
N GLU E 81 -28.96 -31.19 13.89
CA GLU E 81 -28.34 -32.41 14.42
C GLU E 81 -27.45 -33.12 13.41
N ALA E 82 -27.65 -32.92 12.12
CA ALA E 82 -26.90 -33.68 11.11
C ALA E 82 -25.52 -33.08 10.93
N ASP E 83 -24.49 -33.94 10.95
CA ASP E 83 -23.13 -33.47 10.74
C ASP E 83 -22.83 -33.20 9.27
N ILE E 84 -23.54 -33.88 8.37
CA ILE E 84 -23.42 -33.69 6.93
C ILE E 84 -24.81 -33.38 6.40
N LEU E 85 -24.94 -32.27 5.66
CA LEU E 85 -26.15 -31.92 4.96
C LEU E 85 -25.89 -32.06 3.46
N VAL E 86 -26.73 -32.85 2.79
CA VAL E 86 -26.68 -33.01 1.34
C VAL E 86 -28.00 -32.49 0.80
N ILE E 87 -27.96 -31.36 0.12
CA ILE E 87 -29.09 -30.91 -0.67
C ILE E 87 -29.10 -31.75 -1.95
N ALA E 88 -30.22 -32.42 -2.21
CA ALA E 88 -30.39 -33.20 -3.43
C ALA E 88 -31.50 -32.51 -4.21
N THR E 89 -31.13 -31.71 -5.22
CA THR E 89 -32.10 -30.84 -5.84
C THR E 89 -32.14 -31.09 -7.35
N PRO E 90 -33.32 -31.18 -7.93
CA PRO E 90 -33.44 -30.96 -9.36
C PRO E 90 -33.08 -29.51 -9.67
N ILE E 91 -32.91 -29.26 -10.95
CA ILE E 91 -32.60 -27.93 -11.42
C ILE E 91 -33.87 -27.37 -12.07
N THR E 92 -34.32 -26.21 -11.59
CA THR E 92 -35.32 -25.43 -12.31
C THR E 92 -34.79 -24.03 -12.57
N LEU E 93 -34.91 -23.58 -13.82
CA LEU E 93 -34.57 -22.21 -14.20
C LEU E 93 -33.10 -21.89 -13.94
N ASN E 94 -32.22 -22.89 -14.09
CA ASN E 94 -30.79 -22.78 -13.81
C ASN E 94 -30.54 -22.53 -12.32
N MET E 95 -31.50 -22.87 -11.46
CA MET E 95 -31.39 -22.73 -10.02
C MET E 95 -31.69 -24.06 -9.36
N CYS E 96 -31.50 -24.13 -8.05
CA CYS E 96 -32.15 -25.18 -7.28
C CYS E 96 -33.67 -25.05 -7.44
N THR E 97 -34.44 -26.00 -6.91
CA THR E 97 -35.89 -25.84 -6.98
C THR E 97 -36.37 -24.77 -6.01
N SER E 98 -37.60 -24.27 -6.25
CA SER E 98 -38.17 -23.31 -5.31
C SER E 98 -38.33 -23.92 -3.92
N ALA E 99 -38.45 -25.25 -3.83
CA ALA E 99 -38.55 -25.88 -2.51
C ALA E 99 -37.22 -25.83 -1.77
N ALA E 100 -36.12 -26.10 -2.48
CA ALA E 100 -34.81 -25.89 -1.89
C ALA E 100 -34.65 -24.44 -1.47
N HIS E 101 -35.12 -23.53 -2.33
CA HIS E 101 -35.01 -22.09 -2.11
C HIS E 101 -35.72 -21.68 -0.81
N VAL E 102 -36.94 -22.18 -0.59
CA VAL E 102 -37.66 -21.87 0.64
C VAL E 102 -36.88 -22.36 1.85
N ILE E 103 -36.40 -23.61 1.80
CA ILE E 103 -35.63 -24.16 2.92
C ILE E 103 -34.41 -23.30 3.22
N LEU E 104 -33.67 -22.92 2.18
CA LEU E 104 -32.47 -22.11 2.38
C LEU E 104 -32.81 -20.73 2.91
N GLU E 105 -33.92 -20.12 2.44
CA GLU E 105 -34.34 -18.84 3.00
C GLU E 105 -34.56 -18.95 4.50
N LYS E 106 -35.28 -19.99 4.93
CA LYS E 106 -35.58 -20.14 6.36
C LYS E 106 -34.34 -20.52 7.16
N LEU E 107 -33.40 -21.24 6.55
CA LEU E 107 -32.18 -21.59 7.24
C LEU E 107 -31.26 -20.38 7.41
N ASN E 108 -31.44 -19.34 6.60
CA ASN E 108 -30.50 -18.22 6.63
C ASN E 108 -30.76 -17.24 7.77
N LEU E 109 -31.63 -17.59 8.71
CA LEU E 109 -31.66 -16.93 10.00
C LEU E 109 -30.55 -17.40 10.94
N MET E 110 -29.83 -18.48 10.57
CA MET E 110 -28.80 -19.08 11.41
C MET E 110 -27.44 -18.38 11.31
N ASP E 111 -27.36 -17.26 10.61
N ASP E 111 -27.34 -17.26 10.60
CA ASP E 111 -26.13 -16.49 10.49
CA ASP E 111 -26.07 -16.55 10.50
C ASP E 111 -25.98 -15.51 11.66
C ASP E 111 -25.84 -15.58 11.65
N GLU E 112 -26.20 -16.03 12.86
CA GLU E 112 -26.13 -15.26 14.10
C GLU E 112 -25.56 -16.17 15.17
N LEU E 113 -24.95 -15.58 16.19
CA LEU E 113 -24.61 -16.35 17.38
C LEU E 113 -25.90 -16.70 18.12
N ASN E 114 -25.99 -17.95 18.61
CA ASN E 114 -27.18 -18.33 19.37
C ASN E 114 -27.00 -18.15 20.87
N GLY E 115 -25.89 -17.53 21.29
CA GLY E 115 -25.57 -17.36 22.69
C GLY E 115 -24.88 -18.54 23.32
N ASP E 116 -25.00 -19.73 22.70
CA ASP E 116 -24.36 -20.92 23.23
C ASP E 116 -22.91 -21.08 22.80
N THR E 117 -22.51 -20.59 21.63
CA THR E 117 -21.12 -20.74 21.24
C THR E 117 -20.60 -19.40 20.72
N LYS E 118 -19.34 -19.36 20.33
CA LYS E 118 -18.80 -18.17 19.69
C LYS E 118 -18.82 -18.28 18.17
N GLN E 119 -19.62 -19.19 17.61
CA GLN E 119 -19.72 -19.44 16.18
C GLN E 119 -21.19 -19.55 15.80
N PHE E 120 -21.48 -19.39 14.51
CA PHE E 120 -22.84 -19.61 14.05
C PHE E 120 -23.23 -21.07 14.34
N PRO E 121 -24.53 -21.35 14.51
CA PRO E 121 -24.94 -22.68 14.97
C PRO E 121 -24.54 -23.82 14.04
N LEU E 122 -24.45 -23.58 12.73
CA LEU E 122 -24.11 -24.66 11.80
C LEU E 122 -22.62 -24.79 11.55
N TYR E 123 -21.77 -24.12 12.34
CA TYR E 123 -20.34 -24.31 12.24
C TYR E 123 -19.94 -25.76 12.52
N ASN E 124 -18.87 -26.18 11.86
CA ASN E 124 -18.25 -27.49 11.98
C ASN E 124 -19.06 -28.59 11.29
N LYS E 125 -20.10 -28.23 10.55
CA LYS E 125 -20.79 -29.19 9.72
C LYS E 125 -20.22 -29.18 8.30
N VAL E 126 -20.64 -30.17 7.51
CA VAL E 126 -20.09 -30.44 6.18
C VAL E 126 -21.24 -30.48 5.17
N ALA E 127 -21.02 -29.87 4.00
CA ALA E 127 -22.03 -29.82 2.95
C ALA E 127 -21.59 -30.62 1.74
N GLY E 128 -22.54 -31.30 1.12
CA GLY E 128 -22.39 -31.85 -0.22
C GLY E 128 -23.66 -31.61 -1.01
N LEU E 129 -23.61 -31.95 -2.30
CA LEU E 129 -24.72 -31.57 -3.15
C LEU E 129 -24.96 -32.66 -4.19
N LEU E 130 -26.23 -33.00 -4.40
CA LEU E 130 -26.67 -33.85 -5.50
C LEU E 130 -27.63 -33.06 -6.38
N MET E 131 -27.39 -33.04 -7.69
CA MET E 131 -28.26 -32.32 -8.61
C MET E 131 -28.65 -33.18 -9.79
N CYS E 132 -29.84 -32.90 -10.31
CA CYS E 132 -30.36 -33.60 -11.48
C CYS E 132 -31.04 -32.58 -12.37
N GLY E 133 -30.56 -32.43 -13.61
CA GLY E 133 -31.23 -31.61 -14.59
C GLY E 133 -31.34 -32.35 -15.91
N ASN E 134 -32.27 -31.89 -16.74
CA ASN E 134 -32.38 -32.48 -18.07
C ASN E 134 -31.18 -32.12 -18.95
N GLU E 135 -30.57 -30.94 -18.75
CA GLU E 135 -29.54 -30.51 -19.69
C GLU E 135 -28.45 -29.60 -19.13
N ASP E 136 -28.72 -28.78 -18.11
CA ASP E 136 -27.77 -27.69 -17.87
C ASP E 136 -28.06 -27.00 -16.54
N GLY E 137 -27.00 -26.55 -15.88
CA GLY E 137 -27.11 -25.74 -14.68
C GLY E 137 -26.40 -26.29 -13.46
N ALA E 138 -25.72 -27.44 -13.53
CA ALA E 138 -25.21 -28.10 -12.32
C ALA E 138 -24.18 -27.23 -11.60
N HIS E 139 -23.15 -26.78 -12.32
CA HIS E 139 -22.10 -26.01 -11.63
C HIS E 139 -22.60 -24.64 -11.17
N HIS E 140 -23.53 -24.03 -11.91
CA HIS E 140 -24.11 -22.77 -11.48
C HIS E 140 -24.86 -22.94 -10.17
N VAL E 141 -25.75 -23.94 -10.13
CA VAL E 141 -26.47 -24.28 -8.90
C VAL E 141 -25.49 -24.58 -7.77
N ALA E 142 -24.48 -25.41 -8.05
CA ALA E 142 -23.49 -25.74 -7.04
C ALA E 142 -22.82 -24.50 -6.48
N GLY E 143 -22.44 -23.54 -7.32
CA GLY E 143 -21.81 -22.34 -6.81
C GLY E 143 -22.74 -21.56 -5.90
N THR E 144 -23.99 -21.40 -6.33
CA THR E 144 -24.94 -20.60 -5.56
C THR E 144 -25.25 -21.27 -4.23
N VAL E 145 -25.59 -22.56 -4.27
CA VAL E 145 -26.05 -23.25 -3.07
C VAL E 145 -24.89 -23.46 -2.11
N LEU E 146 -23.74 -23.90 -2.60
CA LEU E 146 -22.63 -24.15 -1.68
C LEU E 146 -22.05 -22.86 -1.13
N ASN E 147 -22.12 -21.77 -1.88
CA ASN E 147 -21.68 -20.49 -1.33
C ASN E 147 -22.55 -20.10 -0.16
N ASN E 148 -23.86 -20.25 -0.31
CA ASN E 148 -24.78 -19.87 0.76
CA ASN E 148 -24.78 -19.87 0.76
C ASN E 148 -24.58 -20.74 1.99
N LEU E 149 -24.40 -22.05 1.79
CA LEU E 149 -24.17 -22.92 2.94
C LEU E 149 -22.85 -22.58 3.63
N GLY E 150 -21.83 -22.19 2.86
CA GLY E 150 -20.58 -21.76 3.47
C GLY E 150 -20.75 -20.54 4.35
N ARG E 151 -21.60 -19.59 3.92
CA ARG E 151 -21.89 -18.41 4.73
C ARG E 151 -22.47 -18.79 6.09
N LEU E 152 -23.22 -19.89 6.16
CA LEU E 152 -23.86 -20.33 7.39
C LEU E 152 -22.90 -21.07 8.32
N GLY E 153 -21.81 -21.62 7.82
CA GLY E 153 -20.93 -22.36 8.69
C GLY E 153 -20.51 -23.72 8.16
N TYR E 154 -21.03 -24.13 7.02
CA TYR E 154 -20.65 -25.42 6.46
C TYR E 154 -19.25 -25.34 5.83
N SER E 155 -18.50 -26.42 5.98
CA SER E 155 -17.28 -26.62 5.21
C SER E 155 -17.57 -27.51 4.01
N VAL E 156 -16.85 -27.26 2.93
CA VAL E 156 -17.08 -27.96 1.67
C VAL E 156 -15.78 -28.64 1.25
N PRO E 157 -15.75 -29.97 1.17
CA PRO E 157 -14.54 -30.67 0.75
C PRO E 157 -14.37 -30.57 -0.76
N PRO E 158 -13.24 -31.01 -1.31
CA PRO E 158 -13.14 -31.06 -2.78
C PRO E 158 -14.13 -32.04 -3.37
N ASN E 159 -14.54 -31.78 -4.61
CA ASN E 159 -15.42 -32.66 -5.36
C ASN E 159 -16.69 -33.00 -4.57
N ALA E 160 -17.30 -31.98 -3.96
CA ALA E 160 -18.47 -32.17 -3.09
C ALA E 160 -19.81 -32.17 -3.83
N ALA E 161 -19.82 -31.95 -5.13
CA ALA E 161 -21.07 -31.79 -5.87
C ALA E 161 -21.12 -32.83 -6.96
N ALA E 162 -22.12 -33.70 -6.91
CA ALA E 162 -22.32 -34.74 -7.90
C ALA E 162 -23.66 -34.52 -8.58
N TYR E 163 -23.76 -34.92 -9.84
CA TYR E 163 -24.91 -34.48 -10.62
C TYR E 163 -25.03 -35.32 -11.89
N TRP E 164 -26.24 -35.28 -12.46
CA TRP E 164 -26.54 -35.87 -13.75
C TRP E 164 -27.19 -34.81 -14.62
N LEU E 165 -26.78 -34.78 -15.88
CA LEU E 165 -27.37 -33.95 -16.91
C LEU E 165 -27.36 -34.75 -18.19
N GLY E 166 -28.36 -34.51 -19.04
CA GLY E 166 -28.32 -35.02 -20.39
C GLY E 166 -27.67 -34.00 -21.31
N PRO E 167 -27.69 -34.27 -22.62
CA PRO E 167 -27.15 -33.28 -23.56
C PRO E 167 -28.09 -32.10 -23.69
N ALA E 168 -27.62 -31.05 -24.35
CA ALA E 168 -28.49 -29.93 -24.71
C ALA E 168 -29.81 -30.44 -25.27
N GLY E 169 -30.91 -29.98 -24.68
CA GLY E 169 -32.22 -30.41 -25.13
C GLY E 169 -33.23 -30.34 -23.99
N THR E 170 -34.38 -31.01 -24.21
CA THR E 170 -35.53 -30.95 -23.32
C THR E 170 -35.60 -32.09 -22.34
N GLY E 171 -34.70 -33.07 -22.45
CA GLY E 171 -34.81 -34.29 -21.68
C GLY E 171 -34.56 -35.48 -22.60
N PRO E 172 -34.86 -36.70 -22.12
CA PRO E 172 -35.54 -37.00 -20.86
C PRO E 172 -34.59 -36.92 -19.68
N GLY E 173 -35.09 -37.24 -18.50
CA GLY E 173 -34.31 -37.15 -17.28
C GLY E 173 -33.56 -38.42 -16.95
N TYR E 174 -33.14 -38.50 -15.69
CA TYR E 174 -32.22 -39.52 -15.18
C TYR E 174 -32.73 -40.94 -15.43
N ILE E 175 -34.03 -41.16 -15.29
CA ILE E 175 -34.57 -42.51 -15.36
C ILE E 175 -34.53 -43.03 -16.80
N GLU E 176 -35.20 -42.33 -17.71
CA GLU E 176 -35.16 -42.76 -19.11
C GLU E 176 -33.76 -42.60 -19.69
N GLY E 177 -32.97 -41.66 -19.17
CA GLY E 177 -31.60 -41.49 -19.60
C GLY E 177 -30.63 -42.52 -19.08
N LYS E 178 -31.09 -43.44 -18.23
CA LYS E 178 -30.26 -44.51 -17.69
C LYS E 178 -29.12 -43.93 -16.85
N GLY E 179 -29.42 -42.85 -16.14
CA GLY E 179 -28.43 -42.21 -15.29
C GLY E 179 -27.88 -43.11 -14.21
N ASP E 180 -28.61 -44.16 -13.81
CA ASP E 180 -28.07 -45.05 -12.78
C ASP E 180 -26.83 -45.80 -13.26
N ARG E 181 -26.61 -45.86 -14.58
CA ARG E 181 -25.40 -46.46 -15.13
C ARG E 181 -24.51 -45.44 -15.83
N HIS E 182 -24.64 -44.16 -15.47
CA HIS E 182 -23.82 -43.12 -16.06
C HIS E 182 -22.53 -43.02 -15.26
N PHE E 183 -21.41 -43.40 -15.90
CA PHE E 183 -20.12 -43.48 -15.22
C PHE E 183 -19.74 -42.16 -14.53
N HIS E 184 -19.87 -41.05 -15.23
CA HIS E 184 -19.38 -39.80 -14.66
C HIS E 184 -20.13 -39.47 -13.39
N THR E 185 -21.46 -39.59 -13.41
CA THR E 185 -22.26 -39.36 -12.21
C THR E 185 -21.89 -40.34 -11.10
N ASN E 186 -21.83 -41.64 -11.43
CA ASN E 186 -21.53 -42.63 -10.40
C ASN E 186 -20.19 -42.37 -9.73
N LYS E 187 -19.20 -41.88 -10.47
CA LYS E 187 -17.92 -41.67 -9.82
C LYS E 187 -17.92 -40.39 -9.00
N LEU E 188 -18.59 -39.33 -9.49
CA LEU E 188 -18.72 -38.11 -8.69
C LEU E 188 -19.44 -38.38 -7.38
N ILE E 189 -20.53 -39.16 -7.42
CA ILE E 189 -21.23 -39.49 -6.19
C ILE E 189 -20.28 -40.18 -5.22
N ARG E 190 -19.44 -41.08 -5.71
CA ARG E 190 -18.48 -41.75 -4.83
C ARG E 190 -17.44 -40.78 -4.28
N PHE E 191 -16.97 -39.82 -5.10
CA PHE E 191 -16.04 -38.81 -4.58
C PHE E 191 -16.68 -38.02 -3.44
N MET E 192 -17.92 -37.58 -3.65
CA MET E 192 -18.58 -36.72 -2.68
C MET E 192 -18.76 -37.43 -1.36
N VAL E 193 -19.26 -38.68 -1.40
CA VAL E 193 -19.50 -39.42 -0.17
C VAL E 193 -18.19 -39.60 0.59
N ALA E 194 -17.13 -40.01 -0.12
CA ALA E 194 -15.86 -40.27 0.55
C ALA E 194 -15.30 -39.01 1.18
N ASN E 195 -15.39 -37.87 0.48
CA ASN E 195 -14.72 -36.66 0.94
C ASN E 195 -15.52 -35.94 2.04
N THR E 196 -16.85 -35.89 1.89
CA THR E 196 -17.69 -35.32 2.94
C THR E 196 -17.57 -36.15 4.22
N SER E 197 -17.50 -37.47 4.10
CA SER E 197 -17.37 -38.31 5.30
C SER E 197 -16.05 -38.03 6.01
N HIS E 198 -14.95 -37.92 5.25
CA HIS E 198 -13.67 -37.67 5.89
C HIS E 198 -13.66 -36.32 6.59
N LEU E 199 -14.14 -35.27 5.90
CA LEU E 199 -14.12 -33.93 6.49
C LEU E 199 -15.02 -33.86 7.72
N ALA E 200 -16.16 -34.56 7.69
CA ALA E 200 -17.03 -34.57 8.86
C ALA E 200 -16.34 -35.23 10.05
N ARG E 201 -15.63 -36.34 9.82
CA ARG E 201 -14.89 -36.95 10.90
C ARG E 201 -13.81 -36.02 11.43
N MET E 202 -13.15 -35.28 10.53
CA MET E 202 -12.10 -34.34 10.94
C MET E 202 -12.67 -33.26 11.86
N LEU E 203 -13.79 -32.67 11.45
CA LEU E 203 -14.32 -31.54 12.22
C LEU E 203 -14.92 -32.00 13.54
N GLN E 204 -15.38 -33.25 13.61
CA GLN E 204 -15.83 -33.80 14.89
C GLN E 204 -14.68 -33.85 15.88
N GLU E 205 -13.48 -34.22 15.42
CA GLU E 205 -12.31 -34.30 16.29
C GLU E 205 -11.68 -32.93 16.54
N THR E 206 -11.59 -32.08 15.51
CA THR E 206 -10.83 -30.83 15.61
C THR E 206 -11.66 -29.68 15.05
N PRO E 207 -12.70 -29.25 15.76
CA PRO E 207 -13.57 -28.19 15.25
C PRO E 207 -12.85 -26.86 15.14
N TYR E 208 -13.43 -25.97 14.33
CA TYR E 208 -12.96 -24.59 14.34
C TYR E 208 -13.07 -24.03 15.75
N THR E 209 -12.00 -23.33 16.18
CA THR E 209 -12.01 -22.62 17.45
C THR E 209 -12.17 -21.12 17.26
N THR E 210 -12.40 -20.68 16.02
CA THR E 210 -12.60 -19.26 15.75
C THR E 210 -13.65 -18.65 16.66
N ASP E 211 -13.30 -17.52 17.25
CA ASP E 211 -14.20 -16.74 18.09
C ASP E 211 -14.69 -15.59 17.22
N LEU E 212 -15.89 -15.75 16.65
CA LEU E 212 -16.40 -14.74 15.72
C LEU E 212 -16.67 -13.42 16.43
N GLU E 213 -17.13 -13.50 17.69
CA GLU E 213 -17.31 -12.30 18.49
C GLU E 213 -16.00 -11.54 18.64
N ALA E 214 -14.91 -12.26 18.94
CA ALA E 214 -13.62 -11.60 19.11
C ALA E 214 -13.11 -11.03 17.79
N CYS E 215 -13.31 -11.76 16.69
CA CYS E 215 -13.00 -11.20 15.38
C CYS E 215 -13.75 -9.90 15.16
N ALA E 216 -15.03 -9.88 15.49
CA ALA E 216 -15.84 -8.68 15.26
C ALA E 216 -15.39 -7.53 16.15
N GLN E 217 -15.02 -7.83 17.40
CA GLN E 217 -14.51 -6.78 18.28
C GLN E 217 -13.23 -6.17 17.72
N ALA E 218 -12.34 -7.01 17.18
CA ALA E 218 -11.14 -6.46 16.56
C ALA E 218 -11.50 -5.60 15.37
N ALA E 219 -12.48 -6.04 14.57
CA ALA E 219 -12.90 -5.25 13.42
C ALA E 219 -13.49 -3.91 13.86
N ARG E 220 -14.24 -3.90 14.96
CA ARG E 220 -14.81 -2.65 15.45
C ARG E 220 -13.73 -1.63 15.77
N GLU E 221 -12.63 -2.07 16.39
CA GLU E 221 -11.59 -1.12 16.79
C GLU E 221 -10.88 -0.48 15.61
N GLU E 222 -10.95 -1.09 14.42
CA GLU E 222 -10.24 -0.60 13.25
C GLU E 222 -11.21 -0.05 12.20
N SER E 223 -12.48 0.19 12.55
CA SER E 223 -13.50 0.50 11.56
C SER E 223 -14.37 1.67 12.00
N ASP E 224 -15.00 2.30 11.00
CA ASP E 224 -16.00 3.35 11.21
C ASP E 224 -17.37 2.73 11.44
N ASP E 225 -18.26 3.50 12.09
CA ASP E 225 -19.64 3.04 12.25
C ASP E 225 -20.60 3.80 11.35
N VAL E 226 -20.09 4.53 10.36
CA VAL E 226 -20.89 5.17 9.33
C VAL E 226 -20.21 4.93 7.99
N PHE E 227 -21.00 4.59 6.98
CA PHE E 227 -20.53 4.51 5.61
C PHE E 227 -21.11 5.68 4.86
N ALA E 228 -20.27 6.44 4.15
CA ALA E 228 -20.77 7.65 3.49
C ALA E 228 -19.90 7.98 2.29
N ILE E 229 -20.54 8.22 1.13
CA ILE E 229 -19.85 8.62 -0.09
C ILE E 229 -20.69 9.68 -0.82
N ARG E 230 -20.01 10.60 -1.49
CA ARG E 230 -20.68 11.47 -2.42
C ARG E 230 -20.93 10.74 -3.73
N VAL E 231 -21.97 11.19 -4.43
CA VAL E 231 -22.42 10.61 -5.69
C VAL E 231 -22.34 11.68 -6.78
N ASN E 232 -21.94 11.28 -7.98
CA ASN E 232 -21.97 12.19 -9.13
C ASN E 232 -23.38 12.17 -9.72
N VAL E 233 -24.18 13.17 -9.38
CA VAL E 233 -25.56 13.23 -9.86
C VAL E 233 -25.66 13.99 -11.18
N ASN E 234 -24.53 14.25 -11.83
CA ASN E 234 -24.49 15.06 -13.04
C ASN E 234 -24.31 14.26 -14.31
N THR E 235 -24.48 12.94 -14.28
CA THR E 235 -24.17 12.15 -15.47
C THR E 235 -25.18 11.02 -15.65
N PRO E 236 -25.52 10.69 -16.90
CA PRO E 236 -26.28 9.46 -17.15
C PRO E 236 -25.41 8.22 -17.26
N ALA E 237 -24.09 8.37 -17.22
CA ALA E 237 -23.19 7.25 -17.45
C ALA E 237 -23.27 6.22 -16.32
N ILE E 238 -23.08 4.96 -16.68
CA ILE E 238 -23.03 3.88 -15.71
C ILE E 238 -21.70 3.15 -15.74
N ARG E 239 -20.77 3.58 -16.58
CA ARG E 239 -19.39 3.10 -16.59
C ARG E 239 -18.78 3.21 -15.20
N TYR E 240 -18.08 2.15 -14.79
CA TYR E 240 -17.46 2.15 -13.47
C TYR E 240 -16.27 3.11 -13.39
N LYS E 241 -16.17 3.79 -12.26
CA LYS E 241 -15.12 4.76 -11.99
C LYS E 241 -14.67 4.59 -10.56
N ARG E 242 -13.50 3.98 -10.36
CA ARG E 242 -13.04 3.69 -8.99
C ARG E 242 -12.55 4.93 -8.28
N PHE E 243 -12.11 5.96 -9.01
CA PHE E 243 -11.70 7.24 -8.45
C PHE E 243 -12.62 8.30 -9.04
N GLN E 244 -13.32 9.04 -8.18
CA GLN E 244 -14.23 10.05 -8.69
C GLN E 244 -13.98 11.46 -8.16
N LYS E 245 -13.10 11.61 -7.17
CA LYS E 245 -12.67 12.94 -6.68
C LYS E 245 -13.86 13.84 -6.36
N LEU E 246 -14.87 13.29 -5.69
CA LEU E 246 -16.07 14.04 -5.38
C LEU E 246 -16.02 14.75 -4.03
N GLY E 247 -14.96 14.53 -3.27
CA GLY E 247 -14.88 15.07 -1.93
C GLY E 247 -15.35 14.08 -0.88
N GLU E 248 -14.75 14.17 0.31
CA GLU E 248 -15.20 13.37 1.44
C GLU E 248 -16.52 13.89 1.99
N VAL E 249 -17.20 13.02 2.74
CA VAL E 249 -18.44 13.35 3.42
C VAL E 249 -18.12 13.62 4.89
N LYS E 250 -18.46 14.81 5.36
CA LYS E 250 -18.34 15.15 6.77
C LYS E 250 -19.61 14.73 7.50
N VAL E 251 -19.47 13.92 8.55
CA VAL E 251 -20.62 13.41 9.31
C VAL E 251 -20.81 14.27 10.56
N GLU E 252 -22.07 14.51 10.94
CA GLU E 252 -22.38 15.48 11.98
C GLU E 252 -21.81 15.05 13.34
N GLU E 253 -21.88 13.77 13.65
CA GLU E 253 -21.45 13.26 14.94
C GLU E 253 -20.01 12.75 14.87
N ALA F 2 -28.81 -1.97 -45.60
CA ALA F 2 -27.97 -3.13 -45.33
C ALA F 2 -27.71 -3.27 -43.84
N LEU F 3 -27.56 -4.51 -43.37
CA LEU F 3 -27.27 -4.79 -41.96
C LEU F 3 -26.07 -5.71 -41.87
N LYS F 4 -25.29 -5.53 -40.80
CA LYS F 4 -24.07 -6.30 -40.58
C LYS F 4 -24.17 -7.03 -39.25
N ALA F 5 -23.82 -8.31 -39.25
CA ALA F 5 -23.66 -9.08 -38.03
C ALA F 5 -22.18 -9.44 -37.89
N LEU F 6 -21.60 -9.10 -36.73
CA LEU F 6 -20.23 -9.44 -36.42
C LEU F 6 -20.23 -10.62 -35.47
N ILE F 7 -19.54 -11.70 -35.84
CA ILE F 7 -19.52 -12.92 -35.03
C ILE F 7 -18.10 -13.08 -34.50
N LEU F 8 -17.94 -13.00 -33.18
CA LEU F 8 -16.63 -13.13 -32.54
C LEU F 8 -16.49 -14.53 -32.00
N ASN F 9 -15.64 -15.34 -32.62
CA ASN F 9 -15.26 -16.64 -32.06
C ASN F 9 -14.20 -16.38 -31.00
N THR F 10 -14.49 -16.73 -29.74
CA THR F 10 -13.58 -16.41 -28.64
C THR F 10 -12.84 -17.65 -28.12
N THR F 11 -12.66 -18.64 -28.99
CA THR F 11 -11.82 -19.79 -28.68
C THR F 11 -10.42 -19.33 -28.30
N LEU F 12 -9.76 -20.13 -27.47
CA LEU F 12 -8.37 -19.85 -27.09
C LEU F 12 -7.35 -20.45 -28.04
N ARG F 13 -7.77 -21.11 -29.12
CA ARG F 13 -6.83 -21.71 -30.05
C ARG F 13 -6.73 -20.87 -31.34
N ARG F 14 -5.50 -20.58 -31.73
CA ARG F 14 -5.21 -19.79 -32.91
C ARG F 14 -5.60 -20.53 -34.18
N SER F 15 -6.10 -19.79 -35.17
CA SER F 15 -6.35 -20.35 -36.51
C SER F 15 -5.06 -20.91 -37.09
N PRO F 16 -5.13 -22.03 -37.83
CA PRO F 16 -6.34 -22.74 -38.27
C PRO F 16 -6.77 -23.93 -37.42
N SER F 17 -6.37 -24.01 -36.16
CA SER F 17 -6.78 -25.13 -35.34
C SER F 17 -8.30 -25.26 -35.32
N ARG F 18 -8.79 -26.49 -35.46
CA ARG F 18 -10.22 -26.76 -35.50
C ARG F 18 -10.86 -26.35 -34.18
N SER F 19 -11.85 -25.48 -34.26
CA SER F 19 -12.60 -25.03 -33.09
C SER F 19 -13.96 -25.70 -33.05
N GLN F 20 -14.32 -26.24 -31.89
CA GLN F 20 -15.67 -26.78 -31.72
C GLN F 20 -16.70 -25.69 -31.92
N THR F 21 -16.47 -24.52 -31.30
CA THR F 21 -17.43 -23.44 -31.38
C THR F 21 -17.65 -22.99 -32.81
N GLN F 22 -16.60 -23.08 -33.66
CA GLN F 22 -16.73 -22.72 -35.07
C GLN F 22 -17.81 -23.53 -35.78
N GLY F 23 -18.13 -24.72 -35.27
CA GLY F 23 -19.21 -25.51 -35.85
C GLY F 23 -20.55 -24.80 -35.81
N LEU F 24 -20.85 -24.13 -34.69
CA LEU F 24 -22.11 -23.40 -34.59
C LEU F 24 -22.09 -22.17 -35.49
N ILE F 25 -20.96 -21.48 -35.52
CA ILE F 25 -20.77 -20.33 -36.41
C ILE F 25 -21.02 -20.75 -37.86
N ASP F 26 -20.51 -21.92 -38.25
CA ASP F 26 -20.66 -22.36 -39.64
C ASP F 26 -22.11 -22.62 -39.99
N LYS F 27 -22.95 -23.00 -39.01
CA LYS F 27 -24.38 -23.10 -39.25
C LYS F 27 -25.03 -21.72 -39.34
N ALA F 28 -24.60 -20.79 -38.49
CA ALA F 28 -25.29 -19.50 -38.40
C ALA F 28 -24.99 -18.59 -39.59
N VAL F 29 -23.78 -18.68 -40.14
CA VAL F 29 -23.37 -17.74 -41.21
C VAL F 29 -24.28 -17.84 -42.43
N PRO F 30 -24.53 -19.02 -43.01
CA PRO F 30 -25.44 -19.06 -44.17
C PRO F 30 -26.87 -18.73 -43.81
N LEU F 31 -27.31 -18.96 -42.57
CA LEU F 31 -28.66 -18.57 -42.18
C LEU F 31 -28.81 -17.06 -42.15
N TYR F 32 -27.80 -16.35 -41.65
CA TYR F 32 -27.83 -14.88 -41.70
C TYR F 32 -27.84 -14.38 -43.14
N GLU F 33 -27.08 -15.04 -44.02
CA GLU F 33 -27.06 -14.59 -45.41
C GLU F 33 -28.42 -14.78 -46.05
N LYS F 34 -29.11 -15.88 -45.75
CA LYS F 34 -30.47 -16.04 -46.27
C LYS F 34 -31.45 -15.08 -45.61
N GLU F 35 -31.05 -14.40 -44.53
CA GLU F 35 -31.84 -13.33 -43.93
C GLU F 35 -31.52 -11.97 -44.52
N GLY F 36 -30.52 -11.88 -45.39
CA GLY F 36 -30.11 -10.59 -45.93
C GLY F 36 -29.14 -9.83 -45.08
N ILE F 37 -28.50 -10.49 -44.12
CA ILE F 37 -27.59 -9.85 -43.17
C ILE F 37 -26.17 -10.20 -43.56
N GLU F 38 -25.35 -9.18 -43.81
CA GLU F 38 -23.95 -9.39 -44.09
C GLU F 38 -23.23 -9.87 -42.83
N THR F 39 -22.32 -10.82 -42.98
CA THR F 39 -21.68 -11.43 -41.81
C THR F 39 -20.16 -11.36 -41.94
N GLU F 40 -19.52 -11.18 -40.79
CA GLU F 40 -18.07 -11.22 -40.68
C GLU F 40 -17.74 -12.00 -39.42
N VAL F 41 -16.86 -12.99 -39.53
CA VAL F 41 -16.39 -13.78 -38.40
C VAL F 41 -14.97 -13.34 -38.08
N VAL F 42 -14.73 -13.00 -36.82
CA VAL F 42 -13.38 -12.71 -36.32
C VAL F 42 -13.07 -13.69 -35.20
N ARG F 43 -11.94 -14.36 -35.30
CA ARG F 43 -11.46 -15.21 -34.20
C ARG F 43 -10.52 -14.34 -33.38
N VAL F 44 -11.02 -13.79 -32.27
CA VAL F 44 -10.30 -12.69 -31.63
C VAL F 44 -8.92 -13.09 -31.10
N ILE F 45 -8.70 -14.38 -30.82
CA ILE F 45 -7.40 -14.78 -30.28
C ILE F 45 -6.30 -14.68 -31.34
N ASP F 46 -6.67 -14.65 -32.62
CA ASP F 46 -5.75 -14.43 -33.72
C ASP F 46 -5.18 -13.02 -33.73
N HIS F 47 -5.74 -12.10 -32.94
CA HIS F 47 -5.39 -10.70 -32.98
C HIS F 47 -4.75 -10.25 -31.68
N ASP F 48 -3.91 -9.22 -31.78
CA ASP F 48 -3.16 -8.72 -30.63
C ASP F 48 -4.02 -7.70 -29.89
N ILE F 49 -4.62 -8.12 -28.77
CA ILE F 49 -5.44 -7.26 -27.93
C ILE F 49 -4.80 -7.23 -26.56
N GLU F 50 -4.40 -6.05 -26.10
CA GLU F 50 -3.71 -5.91 -24.83
C GLU F 50 -4.71 -6.03 -23.66
N GLN F 51 -4.39 -6.89 -22.70
CA GLN F 51 -5.23 -7.15 -21.55
C GLN F 51 -5.03 -6.15 -20.41
N GLU F 52 -3.83 -5.61 -20.25
CA GLU F 52 -3.57 -4.73 -19.11
C GLU F 52 -4.38 -3.44 -19.22
N TYR F 53 -4.65 -2.85 -18.06
CA TYR F 53 -5.43 -1.63 -17.98
C TYR F 53 -4.54 -0.47 -17.54
N TRP F 54 -4.75 0.70 -18.14
CA TRP F 54 -4.13 1.92 -17.64
C TRP F 54 -5.07 3.08 -17.90
N ASP F 55 -5.24 3.93 -16.89
CA ASP F 55 -5.75 5.28 -17.10
C ASP F 55 -4.89 6.23 -16.30
N ASP F 56 -5.25 7.52 -16.33
CA ASP F 56 -4.40 8.56 -15.76
C ASP F 56 -4.20 8.42 -14.25
N TYR F 57 -5.05 7.66 -13.56
CA TYR F 57 -4.80 7.45 -12.13
C TYR F 57 -3.77 6.39 -11.85
N ASP F 58 -3.48 5.53 -12.82
CA ASP F 58 -2.46 4.51 -12.69
C ASP F 58 -1.08 5.14 -12.85
N ASP F 59 -0.05 4.35 -12.54
N ASP F 59 -0.06 4.36 -12.57
CA ASP F 59 1.35 4.74 -12.65
CA ASP F 59 1.30 4.89 -12.63
C ASP F 59 1.72 4.87 -14.13
C ASP F 59 1.76 4.88 -14.08
N TRP F 60 2.11 6.08 -14.54
CA TRP F 60 2.50 6.30 -15.94
C TRP F 60 3.60 5.34 -16.37
N ASN F 61 4.62 5.18 -15.54
CA ASN F 61 5.76 4.34 -15.93
C ASN F 61 5.34 2.89 -16.12
N ALA F 62 4.46 2.38 -15.25
CA ALA F 62 4.04 0.99 -15.36
C ALA F 62 3.05 0.74 -16.49
N GLY F 63 2.39 1.79 -16.95
CA GLY F 63 1.32 1.65 -17.91
C GLY F 63 1.74 1.62 -19.36
N GLU F 64 3.04 1.57 -19.66
CA GLU F 64 3.48 1.70 -21.05
C GLU F 64 3.01 0.54 -21.91
N LYS F 65 3.12 -0.70 -21.40
CA LYS F 65 2.61 -1.84 -22.13
C LYS F 65 1.11 -1.71 -22.36
N ALA F 66 0.36 -1.30 -21.33
CA ALA F 66 -1.07 -1.17 -21.46
C ALA F 66 -1.46 -0.14 -22.53
N ARG F 67 -0.65 0.91 -22.71
CA ARG F 67 -0.95 1.96 -23.67
C ARG F 67 -0.49 1.65 -25.10
N ARG F 68 0.16 0.51 -25.33
CA ARG F 68 0.82 0.26 -26.61
C ARG F 68 -0.19 0.15 -27.74
N GLU F 69 0.29 0.34 -28.96
CA GLU F 69 -0.53 0.10 -30.13
C GLU F 69 -0.88 -1.39 -30.23
N ASP F 70 -2.15 -1.68 -30.45
CA ASP F 70 -2.56 -3.07 -30.63
C ASP F 70 -3.67 -3.06 -31.67
N GLU F 71 -4.41 -4.16 -31.76
CA GLU F 71 -5.48 -4.28 -32.74
C GLU F 71 -6.86 -3.95 -32.16
N TRP F 72 -6.91 -3.47 -30.93
CA TRP F 72 -8.21 -3.16 -30.34
C TRP F 72 -8.97 -2.05 -31.07
N PRO F 73 -8.35 -0.93 -31.48
CA PRO F 73 -9.14 0.07 -32.25
C PRO F 73 -9.77 -0.51 -33.50
N TRP F 74 -9.06 -1.40 -34.18
CA TRP F 74 -9.61 -2.07 -35.35
C TRP F 74 -10.85 -2.88 -34.97
N LEU F 75 -10.74 -3.70 -33.92
CA LEU F 75 -11.87 -4.53 -33.52
C LEU F 75 -13.00 -3.68 -32.97
N LEU F 76 -12.68 -2.67 -32.16
CA LEU F 76 -13.72 -1.80 -31.62
C LEU F 76 -14.52 -1.12 -32.73
N GLU F 77 -13.83 -0.69 -33.78
CA GLU F 77 -14.50 -0.07 -34.92
C GLU F 77 -15.50 -1.03 -35.57
N LYS F 78 -15.10 -2.30 -35.73
CA LYS F 78 -16.03 -3.29 -36.29
C LYS F 78 -17.25 -3.49 -35.39
N ILE F 79 -17.04 -3.52 -34.08
CA ILE F 79 -18.16 -3.63 -33.14
C ILE F 79 -19.06 -2.41 -33.24
N ARG F 80 -18.47 -1.21 -33.37
CA ARG F 80 -19.28 -0.01 -33.52
C ARG F 80 -20.12 -0.04 -34.77
N GLU F 81 -19.60 -0.66 -35.83
CA GLU F 81 -20.30 -0.66 -37.12
C GLU F 81 -21.34 -1.78 -37.24
N ALA F 82 -21.20 -2.87 -36.48
CA ALA F 82 -22.09 -4.02 -36.64
C ALA F 82 -23.44 -3.77 -35.97
N ASP F 83 -24.52 -4.05 -36.68
CA ASP F 83 -25.84 -3.91 -36.09
C ASP F 83 -26.20 -5.07 -35.18
N ILE F 84 -25.57 -6.22 -35.39
CA ILE F 84 -25.75 -7.41 -34.59
C ILE F 84 -24.38 -7.87 -34.13
N LEU F 85 -24.22 -8.07 -32.82
CA LEU F 85 -23.01 -8.67 -32.27
C LEU F 85 -23.36 -10.06 -31.76
N VAL F 86 -22.68 -11.07 -32.28
CA VAL F 86 -22.83 -12.44 -31.81
C VAL F 86 -21.54 -12.82 -31.11
N ILE F 87 -21.61 -13.08 -29.82
CA ILE F 87 -20.47 -13.65 -29.10
C ILE F 87 -20.57 -15.15 -29.25
N ALA F 88 -19.59 -15.76 -29.89
CA ALA F 88 -19.56 -17.21 -30.08
C ALA F 88 -18.46 -17.77 -29.19
N THR F 89 -18.83 -18.20 -27.98
CA THR F 89 -17.77 -18.53 -27.04
C THR F 89 -17.84 -19.97 -26.56
N PRO F 90 -16.70 -20.65 -26.47
CA PRO F 90 -16.64 -21.86 -25.65
C PRO F 90 -16.87 -21.50 -24.21
N ILE F 91 -17.15 -22.54 -23.41
CA ILE F 91 -17.34 -22.37 -21.98
C ILE F 91 -16.07 -22.83 -21.28
N THR F 92 -15.50 -21.96 -20.43
CA THR F 92 -14.45 -22.37 -19.51
C THR F 92 -14.82 -21.93 -18.10
N LEU F 93 -14.78 -22.87 -17.16
CA LEU F 93 -15.01 -22.57 -15.74
C LEU F 93 -16.41 -22.02 -15.49
N ASN F 94 -17.39 -22.49 -16.25
CA ASN F 94 -18.78 -22.04 -16.17
C ASN F 94 -18.91 -20.57 -16.55
N MET F 95 -17.97 -20.06 -17.36
CA MET F 95 -17.97 -18.70 -17.86
C MET F 95 -17.73 -18.73 -19.37
N CYS F 96 -17.84 -17.57 -20.01
CA CYS F 96 -17.22 -17.42 -21.34
C CYS F 96 -15.71 -17.67 -21.21
N THR F 97 -15.00 -17.69 -22.34
CA THR F 97 -13.55 -17.82 -22.23
C THR F 97 -12.92 -16.54 -21.70
N SER F 98 -11.67 -16.65 -21.26
CA SER F 98 -10.90 -15.47 -20.89
C SER F 98 -10.74 -14.52 -22.06
N ALA F 99 -10.73 -15.04 -23.31
CA ALA F 99 -10.60 -14.16 -24.47
C ALA F 99 -11.87 -13.31 -24.63
N ALA F 100 -13.05 -13.92 -24.51
CA ALA F 100 -14.28 -13.14 -24.50
C ALA F 100 -14.29 -12.16 -23.34
N HIS F 101 -13.76 -12.60 -22.19
CA HIS F 101 -13.70 -11.77 -20.99
C HIS F 101 -12.92 -10.48 -21.24
N VAL F 102 -11.75 -10.60 -21.90
CA VAL F 102 -10.94 -9.42 -22.21
C VAL F 102 -11.69 -8.48 -23.14
N ILE F 103 -12.27 -9.02 -24.23
CA ILE F 103 -13.03 -8.19 -25.18
C ILE F 103 -14.11 -7.41 -24.46
N LEU F 104 -14.88 -8.10 -23.61
CA LEU F 104 -15.97 -7.44 -22.90
C LEU F 104 -15.46 -6.43 -21.89
N GLU F 105 -14.32 -6.70 -21.27
CA GLU F 105 -13.73 -5.72 -20.36
C GLU F 105 -13.40 -4.43 -21.11
N LYS F 106 -12.78 -4.56 -22.26
CA LYS F 106 -12.40 -3.37 -23.03
C LYS F 106 -13.63 -2.68 -23.61
N LEU F 107 -14.63 -3.46 -24.01
CA LEU F 107 -15.85 -2.85 -24.54
C LEU F 107 -16.58 -2.07 -23.46
N ASN F 108 -16.40 -2.44 -22.20
CA ASN F 108 -17.07 -1.72 -21.11
C ASN F 108 -16.36 -0.43 -20.73
N LEU F 109 -15.16 -0.17 -21.29
CA LEU F 109 -14.39 1.03 -20.96
C LEU F 109 -14.77 2.22 -21.81
N MET F 110 -15.66 2.07 -22.78
CA MET F 110 -16.12 3.23 -23.55
C MET F 110 -16.84 4.20 -22.63
N ASP F 111 -16.47 5.48 -22.71
CA ASP F 111 -17.20 6.53 -21.98
C ASP F 111 -17.59 7.61 -22.96
N GLU F 112 -18.78 7.46 -23.55
CA GLU F 112 -19.25 8.43 -24.51
C GLU F 112 -20.75 8.55 -24.37
N LEU F 113 -21.27 9.63 -24.90
CA LEU F 113 -22.70 9.80 -25.08
C LEU F 113 -22.91 10.33 -26.48
N ASN F 114 -23.82 9.70 -27.22
CA ASN F 114 -24.17 10.19 -28.54
C ASN F 114 -24.64 11.63 -28.42
N GLY F 115 -23.74 12.58 -28.68
CA GLY F 115 -24.09 13.99 -28.60
C GLY F 115 -25.04 14.36 -29.71
N ASP F 116 -26.26 13.84 -29.64
CA ASP F 116 -27.24 13.92 -30.70
C ASP F 116 -28.50 13.20 -30.24
N THR F 117 -28.36 11.92 -29.88
CA THR F 117 -29.44 11.15 -29.30
C THR F 117 -29.30 11.01 -27.79
N LYS F 118 -28.15 11.39 -27.21
CA LYS F 118 -27.90 11.27 -25.77
C LYS F 118 -28.05 9.82 -25.31
N GLN F 119 -27.41 8.92 -26.05
CA GLN F 119 -27.45 7.49 -25.78
C GLN F 119 -26.03 6.94 -25.77
N PHE F 120 -25.86 5.83 -25.05
CA PHE F 120 -24.59 5.12 -25.07
C PHE F 120 -24.27 4.68 -26.51
N PRO F 121 -22.99 4.58 -26.86
CA PRO F 121 -22.64 4.39 -28.29
C PRO F 121 -23.15 3.10 -28.91
N LEU F 122 -23.49 2.08 -28.13
CA LEU F 122 -23.93 0.81 -28.69
C LEU F 122 -25.45 0.65 -28.66
N TYR F 123 -26.18 1.71 -28.33
CA TYR F 123 -27.63 1.70 -28.39
C TYR F 123 -28.13 1.30 -29.77
N ASN F 124 -29.31 0.68 -29.80
CA ASN F 124 -30.03 0.28 -31.01
C ASN F 124 -29.35 -0.88 -31.75
N LYS F 125 -28.43 -1.58 -31.10
CA LYS F 125 -27.84 -2.79 -31.65
C LYS F 125 -28.49 -4.01 -31.00
N VAL F 126 -28.22 -5.17 -31.59
CA VAL F 126 -28.83 -6.43 -31.18
C VAL F 126 -27.73 -7.42 -30.85
N ALA F 127 -27.92 -8.18 -29.78
CA ALA F 127 -26.95 -9.15 -29.31
C ALA F 127 -27.53 -10.55 -29.42
N GLY F 128 -26.67 -11.50 -29.78
CA GLY F 128 -27.00 -12.91 -29.70
C GLY F 128 -25.79 -13.68 -29.23
N LEU F 129 -26.00 -14.97 -28.99
CA LEU F 129 -24.98 -15.80 -28.38
C LEU F 129 -24.92 -17.18 -29.04
N LEU F 130 -23.73 -17.66 -29.32
CA LEU F 130 -23.49 -19.06 -29.67
C LEU F 130 -22.53 -19.62 -28.64
N MET F 131 -22.87 -20.75 -28.04
CA MET F 131 -22.02 -21.30 -27.01
C MET F 131 -21.78 -22.79 -27.22
N CYS F 132 -20.65 -23.25 -26.73
CA CYS F 132 -20.28 -24.65 -26.90
C CYS F 132 -19.51 -25.08 -25.67
N GLY F 133 -20.03 -26.06 -24.93
CA GLY F 133 -19.32 -26.63 -23.81
C GLY F 133 -19.37 -28.14 -23.92
N ASN F 134 -18.49 -28.79 -23.16
CA ASN F 134 -18.54 -30.26 -23.15
C ASN F 134 -19.73 -30.78 -22.38
N GLU F 135 -20.23 -30.05 -21.37
CA GLU F 135 -21.30 -30.59 -20.55
C GLU F 135 -22.27 -29.57 -19.95
N ASP F 136 -21.80 -28.37 -19.59
CA ASP F 136 -22.59 -27.62 -18.63
C ASP F 136 -22.17 -26.16 -18.60
N GLY F 137 -23.16 -25.26 -18.53
CA GLY F 137 -22.91 -23.87 -18.25
C GLY F 137 -23.51 -22.88 -19.22
N ALA F 138 -24.26 -23.35 -20.23
CA ALA F 138 -24.69 -22.47 -21.30
C ALA F 138 -25.63 -21.37 -20.78
N HIS F 139 -26.62 -21.74 -19.96
CA HIS F 139 -27.58 -20.73 -19.52
C HIS F 139 -26.94 -19.77 -18.50
N HIS F 140 -26.01 -20.26 -17.68
CA HIS F 140 -25.25 -19.38 -16.80
C HIS F 140 -24.46 -18.35 -17.59
N VAL F 141 -23.73 -18.82 -18.61
CA VAL F 141 -22.95 -17.90 -19.44
C VAL F 141 -23.88 -16.95 -20.18
N ALA F 142 -25.00 -17.46 -20.70
CA ALA F 142 -25.91 -16.58 -21.43
C ALA F 142 -26.42 -15.47 -20.52
N GLY F 143 -26.77 -15.82 -19.27
CA GLY F 143 -27.23 -14.80 -18.35
C GLY F 143 -26.18 -13.73 -18.11
N THR F 144 -24.93 -14.14 -17.89
CA THR F 144 -23.88 -13.18 -17.55
C THR F 144 -23.53 -12.30 -18.75
N VAL F 145 -23.32 -12.91 -19.93
CA VAL F 145 -22.87 -12.13 -21.08
C VAL F 145 -23.98 -11.21 -21.58
N LEU F 146 -25.20 -11.74 -21.75
CA LEU F 146 -26.27 -10.92 -22.30
C LEU F 146 -26.71 -9.81 -21.34
N ASN F 147 -26.65 -10.07 -20.04
CA ASN F 147 -26.90 -8.98 -19.09
C ASN F 147 -25.89 -7.87 -19.28
N ASN F 148 -24.62 -8.22 -19.47
CA ASN F 148 -23.60 -7.18 -19.60
C ASN F 148 -23.77 -6.38 -20.89
N LEU F 149 -24.05 -7.06 -22.00
CA LEU F 149 -24.25 -6.37 -23.27
C LEU F 149 -25.50 -5.48 -23.21
N GLY F 150 -26.52 -5.93 -22.49
CA GLY F 150 -27.69 -5.10 -22.28
C GLY F 150 -27.37 -3.81 -21.55
N ARG F 151 -26.43 -3.84 -20.59
CA ARG F 151 -26.01 -2.61 -19.94
C ARG F 151 -25.40 -1.63 -20.93
N LEU F 152 -24.78 -2.13 -22.00
CA LEU F 152 -24.12 -1.30 -22.99
C LEU F 152 -25.05 -0.67 -24.02
N GLY F 153 -26.28 -1.18 -24.16
CA GLY F 153 -27.14 -0.65 -25.20
C GLY F 153 -27.71 -1.70 -26.13
N TYR F 154 -27.29 -2.95 -25.98
CA TYR F 154 -27.81 -4.02 -26.83
C TYR F 154 -29.20 -4.44 -26.38
N SER F 155 -30.07 -4.67 -27.35
CA SER F 155 -31.34 -5.33 -27.11
C SER F 155 -31.18 -6.81 -27.42
N VAL F 156 -31.93 -7.61 -26.69
CA VAL F 156 -31.85 -9.07 -26.79
C VAL F 156 -33.21 -9.60 -27.19
N PRO F 157 -33.35 -10.27 -28.32
CA PRO F 157 -34.63 -10.88 -28.69
C PRO F 157 -34.85 -12.16 -27.91
N PRO F 158 -36.05 -12.74 -27.95
CA PRO F 158 -36.23 -14.06 -27.36
C PRO F 158 -35.41 -15.11 -28.08
N ASN F 159 -35.07 -16.17 -27.36
CA ASN F 159 -34.31 -17.29 -27.90
C ASN F 159 -33.05 -16.82 -28.62
N ALA F 160 -32.33 -15.91 -27.98
CA ALA F 160 -31.13 -15.29 -28.54
C ALA F 160 -29.86 -16.07 -28.28
N ALA F 161 -29.91 -17.12 -27.47
CA ALA F 161 -28.72 -17.88 -27.09
C ALA F 161 -28.88 -19.31 -27.55
N ALA F 162 -28.04 -19.73 -28.49
CA ALA F 162 -28.03 -21.10 -29.00
C ALA F 162 -26.75 -21.80 -28.58
N TYR F 163 -26.83 -23.10 -28.30
CA TYR F 163 -25.68 -23.74 -27.68
C TYR F 163 -25.69 -25.24 -27.95
N TRP F 164 -24.54 -25.86 -27.72
CA TRP F 164 -24.43 -27.31 -27.69
C TRP F 164 -23.74 -27.72 -26.39
N LEU F 165 -24.22 -28.81 -25.80
CA LEU F 165 -23.59 -29.43 -24.63
C LEU F 165 -23.78 -30.94 -24.73
N GLY F 166 -22.76 -31.69 -24.34
CA GLY F 166 -22.91 -33.10 -24.10
C GLY F 166 -23.57 -33.37 -22.77
N PRO F 167 -23.69 -34.65 -22.44
CA PRO F 167 -24.18 -35.03 -21.11
C PRO F 167 -23.11 -34.77 -20.06
N ALA F 168 -23.52 -34.90 -18.80
CA ALA F 168 -22.59 -34.73 -17.70
C ALA F 168 -21.36 -35.58 -17.91
N GLY F 169 -20.19 -34.97 -17.80
CA GLY F 169 -18.96 -35.70 -18.07
C GLY F 169 -17.86 -34.75 -18.54
N THR F 170 -16.83 -35.36 -19.15
CA THR F 170 -15.63 -34.63 -19.51
C THR F 170 -15.58 -34.26 -20.99
N GLY F 171 -16.55 -34.71 -21.78
CA GLY F 171 -16.48 -34.57 -23.22
C GLY F 171 -16.90 -35.87 -23.89
N PRO F 172 -16.66 -35.98 -25.21
CA PRO F 172 -16.03 -34.98 -26.07
C PRO F 172 -16.94 -33.82 -26.44
N GLY F 173 -16.43 -32.97 -27.32
CA GLY F 173 -17.12 -31.79 -27.74
C GLY F 173 -17.98 -31.99 -28.97
N TYR F 174 -18.25 -30.86 -29.63
CA TYR F 174 -19.24 -30.77 -30.70
C TYR F 174 -18.87 -31.61 -31.90
N ILE F 175 -17.57 -31.71 -32.21
CA ILE F 175 -17.15 -32.41 -33.43
C ILE F 175 -17.35 -33.90 -33.28
N GLU F 176 -16.60 -34.53 -32.34
CA GLU F 176 -16.81 -35.95 -32.08
C GLU F 176 -18.24 -36.26 -31.63
N GLY F 177 -18.89 -35.32 -30.92
CA GLY F 177 -20.25 -35.53 -30.48
C GLY F 177 -21.32 -35.37 -31.54
N LYS F 178 -20.91 -35.09 -32.78
CA LYS F 178 -21.83 -34.93 -33.91
C LYS F 178 -22.85 -33.82 -33.66
N GLY F 179 -22.41 -32.74 -33.02
CA GLY F 179 -23.28 -31.61 -32.79
C GLY F 179 -23.83 -30.97 -34.05
N ASP F 180 -23.17 -31.16 -35.20
CA ASP F 180 -23.71 -30.56 -36.42
C ASP F 180 -25.05 -31.18 -36.80
N ARG F 181 -25.35 -32.38 -36.30
CA ARG F 181 -26.64 -33.01 -36.51
C ARG F 181 -27.46 -33.11 -35.23
N HIS F 182 -27.20 -32.23 -34.26
CA HIS F 182 -27.93 -32.23 -33.00
C HIS F 182 -29.17 -31.37 -33.14
N PHE F 183 -30.35 -32.00 -33.10
CA PHE F 183 -31.60 -31.30 -33.42
C PHE F 183 -31.81 -30.06 -32.56
N HIS F 184 -31.64 -30.20 -31.25
CA HIS F 184 -31.89 -29.09 -30.34
C HIS F 184 -31.03 -27.89 -30.69
N THR F 185 -29.72 -28.12 -30.88
CA THR F 185 -28.83 -27.03 -31.24
C THR F 185 -29.21 -26.42 -32.57
N ASN F 186 -29.50 -27.25 -33.57
CA ASN F 186 -29.78 -26.72 -34.90
C ASN F 186 -31.03 -25.85 -34.90
N LYS F 187 -32.03 -26.19 -34.10
CA LYS F 187 -33.21 -25.33 -34.10
C LYS F 187 -32.97 -24.07 -33.29
N LEU F 188 -32.18 -24.13 -32.21
CA LEU F 188 -31.89 -22.91 -31.47
C LEU F 188 -31.08 -21.92 -32.30
N ILE F 189 -30.14 -22.43 -33.11
CA ILE F 189 -29.40 -21.53 -33.98
C ILE F 189 -30.35 -20.84 -34.94
N ARG F 190 -31.30 -21.60 -35.50
CA ARG F 190 -32.27 -21.04 -36.42
C ARG F 190 -33.19 -20.02 -35.73
N PHE F 191 -33.63 -20.29 -34.49
CA PHE F 191 -34.38 -19.28 -33.75
C PHE F 191 -33.56 -18.01 -33.59
N MET F 192 -32.31 -18.16 -33.15
CA MET F 192 -31.48 -17.00 -32.83
C MET F 192 -31.24 -16.14 -34.06
N VAL F 193 -30.90 -16.76 -35.19
CA VAL F 193 -30.62 -16.00 -36.40
C VAL F 193 -31.86 -15.23 -36.85
N ALA F 194 -33.03 -15.88 -36.81
CA ALA F 194 -34.25 -15.22 -37.27
C ALA F 194 -34.64 -14.06 -36.35
N ASN F 195 -34.56 -14.25 -35.03
CA ASN F 195 -35.03 -13.22 -34.10
C ASN F 195 -34.05 -12.04 -34.04
N THR F 196 -32.74 -12.31 -33.99
CA THR F 196 -31.78 -11.20 -34.01
C THR F 196 -31.90 -10.42 -35.32
N SER F 197 -32.08 -11.13 -36.44
CA SER F 197 -32.22 -10.46 -37.73
C SER F 197 -33.44 -9.55 -37.72
N HIS F 198 -34.58 -10.06 -37.25
CA HIS F 198 -35.79 -9.24 -37.21
C HIS F 198 -35.62 -8.05 -36.30
N LEU F 199 -35.10 -8.27 -35.08
CA LEU F 199 -34.99 -7.17 -34.14
C LEU F 199 -34.04 -6.09 -34.64
N ALA F 200 -32.97 -6.47 -35.36
CA ALA F 200 -32.08 -5.46 -35.91
C ALA F 200 -32.76 -4.63 -36.99
N ARG F 201 -33.56 -5.27 -37.85
CA ARG F 201 -34.30 -4.51 -38.85
C ARG F 201 -35.23 -3.49 -38.20
N MET F 202 -35.92 -3.89 -37.12
CA MET F 202 -36.81 -2.98 -36.43
C MET F 202 -36.07 -1.78 -35.89
N LEU F 203 -34.97 -2.03 -35.16
CA LEU F 203 -34.26 -0.94 -34.52
C LEU F 203 -33.58 -0.03 -35.53
N GLN F 204 -33.21 -0.54 -36.70
CA GLN F 204 -32.74 0.33 -37.77
C GLN F 204 -33.83 1.30 -38.20
N GLU F 205 -35.09 0.85 -38.17
CA GLU F 205 -36.22 1.64 -38.62
C GLU F 205 -36.73 2.58 -37.53
N THR F 206 -36.97 2.04 -36.33
CA THR F 206 -37.51 2.81 -35.20
C THR F 206 -36.58 2.64 -34.02
N PRO F 207 -35.46 3.37 -33.99
CA PRO F 207 -34.54 3.27 -32.85
C PRO F 207 -35.14 3.86 -31.60
N TYR F 208 -34.52 3.54 -30.47
CA TYR F 208 -34.88 4.19 -29.22
C TYR F 208 -34.71 5.69 -29.34
N THR F 209 -35.65 6.43 -28.79
CA THR F 209 -35.53 7.88 -28.72
C THR F 209 -35.25 8.34 -27.30
N THR F 210 -35.00 7.39 -26.39
CA THR F 210 -34.69 7.72 -25.00
C THR F 210 -33.53 8.71 -24.93
N ASP F 211 -33.74 9.77 -24.18
CA ASP F 211 -32.70 10.76 -23.88
C ASP F 211 -32.18 10.39 -22.51
N LEU F 212 -31.04 9.68 -22.46
CA LEU F 212 -30.53 9.25 -21.16
C LEU F 212 -30.11 10.44 -20.32
N GLU F 213 -29.63 11.50 -20.97
CA GLU F 213 -29.28 12.72 -20.24
C GLU F 213 -30.51 13.32 -19.55
N ALA F 214 -31.63 13.44 -20.26
CA ALA F 214 -32.84 13.98 -19.64
C ALA F 214 -33.33 13.10 -18.50
N CYS F 215 -33.27 11.77 -18.66
CA CYS F 215 -33.64 10.88 -17.57
C CYS F 215 -32.79 11.16 -16.33
N ALA F 216 -31.47 11.28 -16.53
CA ALA F 216 -30.57 11.54 -15.40
C ALA F 216 -30.87 12.89 -14.76
N GLN F 217 -31.19 13.91 -15.57
CA GLN F 217 -31.56 15.21 -15.02
C GLN F 217 -32.81 15.11 -14.17
N ALA F 218 -33.80 14.35 -14.63
CA ALA F 218 -34.99 14.14 -13.81
C ALA F 218 -34.64 13.39 -12.52
N ALA F 219 -33.78 12.36 -12.62
CA ALA F 219 -33.40 11.60 -11.43
C ALA F 219 -32.65 12.48 -10.45
N ARG F 220 -31.82 13.39 -10.95
CA ARG F 220 -31.06 14.26 -10.07
C ARG F 220 -31.98 15.15 -9.23
N GLU F 221 -33.10 15.61 -9.81
CA GLU F 221 -33.96 16.52 -9.07
C GLU F 221 -34.76 15.81 -7.98
N GLU F 222 -34.88 14.48 -8.06
CA GLU F 222 -35.58 13.71 -7.04
C GLU F 222 -34.63 12.95 -6.11
N SER F 223 -33.34 13.26 -6.13
CA SER F 223 -32.36 12.43 -5.44
C SER F 223 -31.37 13.27 -4.65
N ASP F 224 -30.67 12.59 -3.72
CA ASP F 224 -29.56 13.12 -2.95
C ASP F 224 -28.24 12.92 -3.69
N ASP F 225 -27.25 13.75 -3.37
CA ASP F 225 -25.91 13.57 -3.91
C ASP F 225 -24.94 12.98 -2.89
N VAL F 226 -25.47 12.43 -1.79
CA VAL F 226 -24.66 11.72 -0.80
C VAL F 226 -25.42 10.47 -0.40
N PHE F 227 -24.72 9.34 -0.34
CA PHE F 227 -25.24 8.13 0.26
C PHE F 227 -24.57 7.93 1.62
N ALA F 228 -25.37 7.80 2.68
CA ALA F 228 -24.80 7.62 4.00
C ALA F 228 -25.72 6.75 4.84
N ILE F 229 -25.15 5.74 5.49
CA ILE F 229 -25.88 4.86 6.40
C ILE F 229 -25.02 4.57 7.62
N ARG F 230 -25.69 4.41 8.77
CA ARG F 230 -25.04 3.90 9.97
C ARG F 230 -24.90 2.39 9.92
N VAL F 231 -23.86 1.91 10.59
CA VAL F 231 -23.49 0.50 10.60
C VAL F 231 -23.50 0.04 12.05
N ASN F 232 -24.06 -1.15 12.29
CA ASN F 232 -23.99 -1.75 13.62
C ASN F 232 -22.65 -2.46 13.76
N VAL F 233 -21.72 -1.83 14.48
CA VAL F 233 -20.39 -2.40 14.58
C VAL F 233 -20.27 -3.29 15.81
N ASN F 234 -21.42 -3.60 16.43
CA ASN F 234 -21.42 -4.34 17.69
C ASN F 234 -21.83 -5.81 17.54
N THR F 235 -21.74 -6.38 16.32
CA THR F 235 -22.17 -7.75 16.14
C THR F 235 -21.29 -8.51 15.15
N PRO F 236 -21.02 -9.79 15.42
CA PRO F 236 -20.39 -10.65 14.41
C PRO F 236 -21.39 -11.19 13.39
N ALA F 237 -22.68 -11.04 13.65
CA ALA F 237 -23.71 -11.62 12.80
C ALA F 237 -23.61 -11.09 11.38
N ILE F 238 -23.90 -11.95 10.41
CA ILE F 238 -24.06 -11.50 9.03
C ILE F 238 -25.48 -11.71 8.54
N ARG F 239 -26.39 -11.97 9.47
CA ARG F 239 -27.81 -12.07 9.16
C ARG F 239 -28.34 -10.79 8.55
N TYR F 240 -29.07 -10.90 7.45
CA TYR F 240 -29.65 -9.73 6.80
C TYR F 240 -30.78 -9.15 7.63
N LYS F 241 -30.74 -7.84 7.85
CA LYS F 241 -31.77 -7.10 8.56
C LYS F 241 -32.09 -5.85 7.76
N ARG F 242 -33.25 -5.84 7.10
CA ARG F 242 -33.67 -4.70 6.31
C ARG F 242 -34.01 -3.49 7.19
N PHE F 243 -34.36 -3.71 8.45
CA PHE F 243 -34.64 -2.66 9.42
C PHE F 243 -33.65 -2.81 10.57
N GLN F 244 -32.85 -1.77 10.81
CA GLN F 244 -31.91 -1.82 11.92
C GLN F 244 -32.07 -0.69 12.92
N LYS F 245 -32.92 0.30 12.64
CA LYS F 245 -33.28 1.36 13.61
C LYS F 245 -32.05 2.03 14.22
N LEU F 246 -31.04 2.28 13.39
CA LEU F 246 -29.79 2.87 13.85
C LEU F 246 -29.81 4.39 13.86
N GLY F 247 -30.71 4.99 13.10
CA GLY F 247 -30.76 6.44 13.01
C GLY F 247 -30.17 6.95 11.70
N GLU F 248 -30.63 8.13 11.29
CA GLU F 248 -30.14 8.79 10.10
C GLU F 248 -28.71 9.29 10.30
N VAL F 249 -28.00 9.46 9.18
CA VAL F 249 -26.72 10.17 9.16
C VAL F 249 -27.02 11.61 8.77
N LYS F 250 -26.57 12.55 9.59
CA LYS F 250 -26.69 13.97 9.25
C LYS F 250 -25.35 14.41 8.68
N VAL F 251 -25.38 14.96 7.46
CA VAL F 251 -24.19 15.41 6.75
C VAL F 251 -24.08 16.93 6.91
N GLU F 252 -22.84 17.41 7.08
CA GLU F 252 -22.58 18.84 7.24
C GLU F 252 -22.85 19.59 5.95
N GLU F 253 -23.59 20.69 6.07
CA GLU F 253 -24.03 21.46 4.91
C GLU F 253 -23.34 22.82 4.87
N ALA G 2 6.57 -25.33 7.77
CA ALA G 2 5.73 -24.13 7.85
C ALA G 2 4.66 -24.14 6.76
N LEU G 3 3.44 -23.76 7.13
CA LEU G 3 2.39 -23.63 6.14
C LEU G 3 2.56 -22.33 5.36
N LYS G 4 2.13 -22.34 4.10
CA LYS G 4 2.29 -21.20 3.22
C LYS G 4 0.94 -20.82 2.63
N ALA G 5 0.67 -19.52 2.59
CA ALA G 5 -0.48 -18.97 1.89
C ALA G 5 0.01 -18.15 0.70
N LEU G 6 -0.48 -18.47 -0.48
CA LEU G 6 -0.18 -17.71 -1.69
C LEU G 6 -1.40 -16.85 -2.02
N ILE G 7 -1.21 -15.54 -2.11
CA ILE G 7 -2.30 -14.60 -2.38
C ILE G 7 -2.04 -14.02 -3.76
N LEU G 8 -2.94 -14.29 -4.70
CA LEU G 8 -2.83 -13.79 -6.07
C LEU G 8 -3.71 -12.56 -6.23
N ASN G 9 -3.09 -11.39 -6.42
CA ASN G 9 -3.83 -10.20 -6.81
C ASN G 9 -4.02 -10.24 -8.32
N THR G 10 -5.27 -10.34 -8.77
CA THR G 10 -5.56 -10.50 -10.19
C THR G 10 -6.05 -9.20 -10.82
N THR G 11 -5.71 -8.06 -10.24
CA THR G 11 -5.97 -6.76 -10.88
C THR G 11 -5.38 -6.70 -12.28
N LEU G 12 -5.96 -5.87 -13.14
CA LEU G 12 -5.45 -5.74 -14.50
C LEU G 12 -4.40 -4.65 -14.65
N ARG G 13 -4.05 -3.93 -13.58
CA ARG G 13 -3.07 -2.86 -13.67
C ARG G 13 -1.72 -3.33 -13.13
N ARG G 14 -0.67 -3.15 -13.92
CA ARG G 14 0.68 -3.57 -13.58
C ARG G 14 1.22 -2.79 -12.38
N SER G 15 1.99 -3.46 -11.53
CA SER G 15 2.63 -2.80 -10.39
C SER G 15 3.54 -1.70 -10.93
N PRO G 16 3.68 -0.60 -10.19
CA PRO G 16 3.10 -0.31 -8.87
C PRO G 16 1.78 0.47 -8.87
N SER G 17 1.01 0.44 -9.97
CA SER G 17 -0.26 1.17 -9.98
C SER G 17 -1.14 0.73 -8.82
N ARG G 18 -1.78 1.70 -8.17
CA ARG G 18 -2.56 1.47 -6.97
C ARG G 18 -3.77 0.61 -7.27
N SER G 19 -3.93 -0.48 -6.52
CA SER G 19 -5.00 -1.46 -6.69
C SER G 19 -5.96 -1.35 -5.51
N GLN G 20 -7.25 -1.19 -5.82
CA GLN G 20 -8.28 -1.22 -4.77
C GLN G 20 -8.23 -2.53 -3.99
N THR G 21 -8.09 -3.66 -4.71
CA THR G 21 -8.13 -4.98 -4.09
C THR G 21 -6.94 -5.19 -3.16
N GLN G 22 -5.80 -4.57 -3.48
CA GLN G 22 -4.61 -4.73 -2.65
C GLN G 22 -4.89 -4.32 -1.22
N GLY G 23 -5.87 -3.41 -1.01
CA GLY G 23 -6.20 -2.99 0.34
C GLY G 23 -6.68 -4.13 1.22
N LEU G 24 -7.48 -5.04 0.65
CA LEU G 24 -7.90 -6.22 1.41
C LEU G 24 -6.72 -7.16 1.66
N ILE G 25 -5.83 -7.30 0.67
CA ILE G 25 -4.64 -8.12 0.84
C ILE G 25 -3.77 -7.58 1.97
N ASP G 26 -3.62 -6.25 2.04
CA ASP G 26 -2.80 -5.66 3.09
C ASP G 26 -3.35 -5.93 4.48
N LYS G 27 -4.67 -6.12 4.61
CA LYS G 27 -5.26 -6.52 5.89
C LYS G 27 -4.99 -7.98 6.21
N ALA G 28 -5.09 -8.83 5.18
CA ALA G 28 -4.99 -10.28 5.40
C ALA G 28 -3.55 -10.72 5.72
N VAL G 29 -2.56 -10.08 5.11
CA VAL G 29 -1.17 -10.55 5.24
C VAL G 29 -0.70 -10.60 6.69
N PRO G 30 -0.76 -9.51 7.48
CA PRO G 30 -0.33 -9.64 8.89
C PRO G 30 -1.17 -10.62 9.70
N LEU G 31 -2.46 -10.78 9.36
CA LEU G 31 -3.28 -11.74 10.10
C LEU G 31 -2.80 -13.16 9.86
N TYR G 32 -2.44 -13.49 8.61
CA TYR G 32 -1.88 -14.82 8.34
C TYR G 32 -0.56 -15.02 9.08
N GLU G 33 0.32 -14.00 9.04
CA GLU G 33 1.62 -14.12 9.70
C GLU G 33 1.44 -14.35 11.19
N LYS G 34 0.43 -13.72 11.81
CA LYS G 34 0.12 -13.97 13.21
C LYS G 34 -0.30 -15.41 13.45
N GLU G 35 -0.97 -16.03 12.47
CA GLU G 35 -1.34 -17.44 12.55
C GLU G 35 -0.15 -18.38 12.34
N GLY G 36 1.03 -17.86 12.03
CA GLY G 36 2.18 -18.71 11.74
C GLY G 36 2.25 -19.18 10.31
N ILE G 37 1.50 -18.54 9.43
CA ILE G 37 1.39 -18.96 8.04
C ILE G 37 2.17 -17.96 7.21
N GLU G 38 3.19 -18.46 6.53
CA GLU G 38 4.03 -17.61 5.70
C GLU G 38 3.25 -17.17 4.49
N THR G 39 3.24 -15.87 4.21
CA THR G 39 2.47 -15.32 3.11
C THR G 39 3.38 -14.89 1.97
N GLU G 40 2.85 -14.99 0.76
CA GLU G 40 3.49 -14.43 -0.42
C GLU G 40 2.40 -13.85 -1.31
N VAL G 41 2.59 -12.61 -1.77
CA VAL G 41 1.64 -11.95 -2.65
C VAL G 41 2.25 -11.88 -4.05
N VAL G 42 1.53 -12.36 -5.04
CA VAL G 42 1.94 -12.27 -6.44
C VAL G 42 0.85 -11.52 -7.20
N ARG G 43 1.24 -10.45 -7.91
CA ARG G 43 0.29 -9.78 -8.80
C ARG G 43 0.48 -10.37 -10.19
N VAL G 44 -0.50 -11.16 -10.63
CA VAL G 44 -0.26 -12.07 -11.75
C VAL G 44 -0.08 -11.31 -13.07
N ILE G 45 -0.72 -10.14 -13.22
CA ILE G 45 -0.60 -9.37 -14.45
C ILE G 45 0.82 -8.85 -14.66
N ASP G 46 1.62 -8.79 -13.58
CA ASP G 46 3.03 -8.41 -13.73
C ASP G 46 3.84 -9.45 -14.48
N HIS G 47 3.30 -10.66 -14.64
CA HIS G 47 4.07 -11.79 -15.12
C HIS G 47 3.57 -12.21 -16.50
N ASP G 48 4.50 -12.72 -17.31
CA ASP G 48 4.23 -13.11 -18.69
C ASP G 48 3.65 -14.51 -18.67
N ILE G 49 2.34 -14.61 -18.79
CA ILE G 49 1.64 -15.89 -18.75
C ILE G 49 0.79 -15.98 -20.01
N GLU G 50 1.09 -16.97 -20.84
CA GLU G 50 0.49 -17.09 -22.17
C GLU G 50 -0.93 -17.62 -22.08
N GLN G 51 -1.86 -16.91 -22.73
CA GLN G 51 -3.28 -17.24 -22.68
C GLN G 51 -3.68 -18.28 -23.71
N GLU G 52 -2.99 -18.36 -24.83
CA GLU G 52 -3.43 -19.23 -25.91
C GLU G 52 -3.24 -20.70 -25.53
N TYR G 53 -3.98 -21.55 -26.22
CA TYR G 53 -4.01 -22.98 -25.93
C TYR G 53 -3.46 -23.74 -27.13
N TRP G 54 -2.73 -24.82 -26.85
CA TRP G 54 -2.38 -25.78 -27.88
C TRP G 54 -2.27 -27.17 -27.25
N ASP G 55 -2.76 -28.18 -27.97
CA ASP G 55 -2.42 -29.58 -27.73
C ASP G 55 -2.28 -30.25 -29.09
N ASP G 56 -2.08 -31.57 -29.10
CA ASP G 56 -1.71 -32.24 -30.34
C ASP G 56 -2.84 -32.26 -31.37
N TYR G 57 -4.10 -32.12 -30.94
CA TYR G 57 -5.18 -32.06 -31.91
C TYR G 57 -5.22 -30.73 -32.67
N ASP G 58 -4.51 -29.72 -32.19
CA ASP G 58 -4.53 -28.40 -32.81
C ASP G 58 -3.52 -28.35 -33.96
N ASP G 59 -3.50 -27.24 -34.68
CA ASP G 59 -2.53 -27.05 -35.75
C ASP G 59 -1.16 -26.76 -35.15
N TRP G 60 -0.14 -27.44 -35.68
CA TRP G 60 1.18 -27.36 -35.07
C TRP G 60 1.75 -25.96 -35.12
N ASN G 61 1.77 -25.34 -36.32
CA ASN G 61 2.37 -24.01 -36.40
C ASN G 61 1.54 -22.97 -35.67
N ALA G 62 0.20 -23.11 -35.68
CA ALA G 62 -0.66 -22.17 -34.98
C ALA G 62 -0.35 -22.15 -33.48
N GLY G 63 0.11 -23.26 -32.93
CA GLY G 63 0.35 -23.37 -31.51
C GLY G 63 1.73 -22.93 -31.04
N GLU G 64 2.57 -22.37 -31.90
CA GLU G 64 3.90 -21.95 -31.50
C GLU G 64 3.85 -20.98 -30.33
N LYS G 65 3.00 -19.96 -30.44
CA LYS G 65 2.91 -18.95 -29.39
C LYS G 65 2.42 -19.58 -28.09
N ALA G 66 1.42 -20.46 -28.18
CA ALA G 66 0.91 -21.13 -26.99
C ALA G 66 1.99 -21.96 -26.31
N ARG G 67 2.93 -22.51 -27.07
CA ARG G 67 3.96 -23.38 -26.52
C ARG G 67 5.18 -22.65 -25.98
N ARG G 68 5.26 -21.33 -26.19
CA ARG G 68 6.49 -20.59 -25.89
C ARG G 68 6.84 -20.65 -24.40
N GLU G 69 8.11 -20.37 -24.11
CA GLU G 69 8.53 -20.25 -22.72
C GLU G 69 7.89 -19.01 -22.10
N ASP G 70 7.24 -19.18 -20.95
CA ASP G 70 6.67 -18.03 -20.25
C ASP G 70 6.94 -18.23 -18.77
N GLU G 71 6.21 -17.52 -17.92
CA GLU G 71 6.40 -17.61 -16.49
C GLU G 71 5.40 -18.55 -15.82
N TRP G 72 4.61 -19.30 -16.59
CA TRP G 72 3.61 -20.16 -15.96
C TRP G 72 4.24 -21.27 -15.13
N PRO G 73 5.28 -21.99 -15.59
CA PRO G 73 5.89 -23.00 -14.70
C PRO G 73 6.29 -22.47 -13.34
N TRP G 74 6.85 -21.26 -13.29
CA TRP G 74 7.24 -20.64 -12.02
C TRP G 74 6.02 -20.39 -11.13
N LEU G 75 4.93 -19.86 -11.71
CA LEU G 75 3.75 -19.60 -10.88
C LEU G 75 3.06 -20.90 -10.48
N LEU G 76 2.99 -21.86 -11.41
CA LEU G 76 2.37 -23.15 -11.09
C LEU G 76 3.08 -23.83 -9.92
N GLU G 77 4.42 -23.79 -9.89
CA GLU G 77 5.14 -24.42 -8.78
C GLU G 77 4.79 -23.75 -7.45
N LYS G 78 4.61 -22.42 -7.45
CA LYS G 78 4.19 -21.76 -6.23
C LYS G 78 2.79 -22.20 -5.80
N ILE G 79 1.89 -22.38 -6.76
CA ILE G 79 0.54 -22.85 -6.42
C ILE G 79 0.60 -24.27 -5.89
N ARG G 80 1.44 -25.12 -6.50
CA ARG G 80 1.60 -26.49 -6.03
C ARG G 80 2.12 -26.56 -4.61
N GLU G 81 3.00 -25.62 -4.23
CA GLU G 81 3.62 -25.69 -2.91
C GLU G 81 2.83 -24.94 -1.83
N ALA G 82 1.86 -24.10 -2.19
CA ALA G 82 1.15 -23.33 -1.17
C ALA G 82 0.02 -24.16 -0.56
N ASP G 83 -0.11 -24.10 0.77
CA ASP G 83 -1.15 -24.86 1.46
C ASP G 83 -2.49 -24.15 1.41
N ILE G 84 -2.48 -22.83 1.30
CA ILE G 84 -3.65 -21.99 1.15
C ILE G 84 -3.47 -21.18 -0.12
N LEU G 85 -4.49 -21.18 -0.98
CA LEU G 85 -4.53 -20.31 -2.16
C LEU G 85 -5.63 -19.29 -1.93
N VAL G 86 -5.29 -18.02 -1.94
CA VAL G 86 -6.28 -16.96 -1.83
C VAL G 86 -6.29 -16.22 -3.16
N ILE G 87 -7.42 -16.29 -3.87
CA ILE G 87 -7.60 -15.44 -5.04
C ILE G 87 -8.11 -14.08 -4.55
N ALA G 88 -7.38 -13.04 -4.87
CA ALA G 88 -7.77 -11.68 -4.50
C ALA G 88 -8.10 -10.96 -5.79
N THR G 89 -9.40 -10.87 -6.12
CA THR G 89 -9.74 -10.43 -7.45
C THR G 89 -10.66 -9.22 -7.40
N PRO G 90 -10.40 -8.19 -8.20
CA PRO G 90 -11.46 -7.24 -8.53
C PRO G 90 -12.58 -7.99 -9.25
N ILE G 91 -13.75 -7.35 -9.29
CA ILE G 91 -14.89 -7.87 -10.05
C ILE G 91 -14.95 -7.14 -11.39
N THR G 92 -14.97 -7.89 -12.49
CA THR G 92 -15.33 -7.29 -13.77
C THR G 92 -16.44 -8.11 -14.42
N LEU G 93 -17.50 -7.42 -14.82
CA LEU G 93 -18.62 -8.02 -15.54
C LEU G 93 -19.30 -9.11 -14.70
N ASN G 94 -19.38 -8.89 -13.39
CA ASN G 94 -19.98 -9.84 -12.46
C ASN G 94 -19.20 -11.15 -12.42
N MET G 95 -17.92 -11.11 -12.81
CA MET G 95 -17.03 -12.25 -12.75
C MET G 95 -15.74 -11.81 -12.07
N CYS G 96 -14.87 -12.78 -11.83
CA CYS G 96 -13.48 -12.46 -11.48
C CYS G 96 -12.86 -11.69 -12.64
N THR G 97 -11.63 -11.21 -12.49
CA THR G 97 -11.04 -10.54 -13.66
C THR G 97 -10.63 -11.54 -14.74
N SER G 98 -10.41 -11.02 -15.94
CA SER G 98 -9.90 -11.90 -17.00
C SER G 98 -8.52 -12.45 -16.65
N ALA G 99 -7.77 -11.77 -15.77
CA ALA G 99 -6.47 -12.29 -15.36
C ALA G 99 -6.64 -13.51 -14.45
N ALA G 100 -7.55 -13.42 -13.49
CA ALA G 100 -7.91 -14.61 -12.71
C ALA G 100 -8.41 -15.70 -13.62
N HIS G 101 -9.18 -15.34 -14.64
CA HIS G 101 -9.78 -16.30 -15.55
C HIS G 101 -8.68 -17.12 -16.26
N VAL G 102 -7.64 -16.43 -16.76
CA VAL G 102 -6.52 -17.11 -17.41
C VAL G 102 -5.83 -18.07 -16.45
N ILE G 103 -5.54 -17.61 -15.23
CA ILE G 103 -4.82 -18.46 -14.28
C ILE G 103 -5.61 -19.74 -14.02
N LEU G 104 -6.93 -19.60 -13.80
CA LEU G 104 -7.75 -20.77 -13.50
C LEU G 104 -7.89 -21.69 -14.71
N GLU G 105 -8.02 -21.12 -15.91
CA GLU G 105 -7.99 -21.93 -17.13
C GLU G 105 -6.74 -22.79 -17.17
N LYS G 106 -5.58 -22.17 -16.88
CA LYS G 106 -4.33 -22.92 -16.99
C LYS G 106 -4.19 -23.94 -15.87
N LEU G 107 -4.65 -23.58 -14.67
CA LEU G 107 -4.67 -24.52 -13.56
C LEU G 107 -5.54 -25.73 -13.87
N ASN G 108 -6.64 -25.53 -14.58
CA ASN G 108 -7.56 -26.61 -14.89
C ASN G 108 -7.06 -27.52 -16.00
N LEU G 109 -5.87 -27.27 -16.54
CA LEU G 109 -5.28 -28.12 -17.57
C LEU G 109 -4.37 -29.20 -17.01
N MET G 110 -4.03 -29.13 -15.73
CA MET G 110 -3.27 -30.22 -15.12
C MET G 110 -4.04 -31.53 -15.27
N ASP G 111 -3.34 -32.57 -15.69
CA ASP G 111 -3.93 -33.90 -15.83
C ASP G 111 -2.96 -34.89 -15.21
N GLU G 112 -2.82 -34.81 -13.89
CA GLU G 112 -1.96 -35.68 -13.14
C GLU G 112 -2.74 -36.35 -12.03
N LEU G 113 -2.12 -37.37 -11.45
CA LEU G 113 -2.60 -38.02 -10.25
C LEU G 113 -1.37 -38.28 -9.38
N ASN G 114 -1.46 -37.93 -8.11
CA ASN G 114 -0.41 -38.28 -7.17
C ASN G 114 -0.29 -39.80 -7.09
N GLY G 115 0.93 -40.30 -7.28
CA GLY G 115 1.14 -41.75 -7.31
C GLY G 115 0.96 -42.44 -5.96
N ASP G 116 1.24 -41.72 -4.87
CA ASP G 116 1.08 -42.30 -3.53
C ASP G 116 -0.37 -42.30 -3.05
N THR G 117 -1.16 -41.27 -3.40
CA THR G 117 -2.52 -41.11 -2.89
C THR G 117 -3.62 -41.35 -3.91
N LYS G 118 -3.29 -41.38 -5.21
CA LYS G 118 -4.29 -41.42 -6.28
C LYS G 118 -5.27 -40.25 -6.17
N GLN G 119 -4.74 -39.07 -5.83
CA GLN G 119 -5.56 -37.86 -5.73
C GLN G 119 -5.07 -36.82 -6.72
N PHE G 120 -5.99 -35.93 -7.13
CA PHE G 120 -5.60 -34.80 -7.96
C PHE G 120 -4.49 -34.00 -7.26
N PRO G 121 -3.65 -33.29 -8.02
CA PRO G 121 -2.45 -32.68 -7.41
C PRO G 121 -2.72 -31.59 -6.39
N LEU G 122 -3.86 -30.92 -6.45
CA LEU G 122 -4.15 -29.84 -5.53
C LEU G 122 -5.00 -30.30 -4.34
N TYR G 123 -5.17 -31.61 -4.16
CA TYR G 123 -5.87 -32.10 -2.99
C TYR G 123 -5.15 -31.68 -1.71
N ASN G 124 -5.94 -31.53 -0.64
CA ASN G 124 -5.51 -31.26 0.74
C ASN G 124 -5.09 -29.82 0.94
N LYS G 125 -5.41 -28.95 -0.01
CA LYS G 125 -5.14 -27.52 0.08
C LYS G 125 -6.44 -26.81 0.44
N VAL G 126 -6.31 -25.55 0.85
CA VAL G 126 -7.47 -24.76 1.29
C VAL G 126 -7.55 -23.50 0.45
N ALA G 127 -8.76 -23.10 0.08
CA ALA G 127 -8.99 -21.89 -0.71
C ALA G 127 -9.76 -20.85 0.09
N GLY G 128 -9.39 -19.59 -0.13
CA GLY G 128 -10.16 -18.47 0.34
C GLY G 128 -10.22 -17.41 -0.74
N LEU G 129 -11.04 -16.38 -0.51
CA LEU G 129 -11.25 -15.38 -1.53
C LEU G 129 -11.28 -13.98 -0.91
N LEU G 130 -10.62 -13.03 -1.57
CA LEU G 130 -10.76 -11.61 -1.30
C LEU G 130 -11.28 -10.95 -2.57
N MET G 131 -12.31 -10.14 -2.44
CA MET G 131 -12.90 -9.54 -3.64
C MET G 131 -13.20 -8.08 -3.43
N CYS G 132 -13.15 -7.31 -4.52
CA CYS G 132 -13.40 -5.88 -4.47
C CYS G 132 -14.16 -5.47 -5.71
N GLY G 133 -15.33 -4.85 -5.55
CA GLY G 133 -16.03 -4.28 -6.68
C GLY G 133 -16.61 -2.94 -6.26
N ASN G 134 -17.01 -2.15 -7.25
CA ASN G 134 -17.61 -0.85 -6.90
C ASN G 134 -19.02 -1.01 -6.32
N GLU G 135 -19.76 -2.07 -6.68
CA GLU G 135 -21.15 -2.16 -6.26
C GLU G 135 -21.74 -3.57 -6.14
N ASP G 136 -21.29 -4.55 -6.94
CA ASP G 136 -22.10 -5.76 -7.01
C ASP G 136 -21.35 -6.92 -7.64
N GLY G 137 -21.52 -8.13 -7.09
CA GLY G 137 -20.98 -9.32 -7.72
C GLY G 137 -20.24 -10.27 -6.82
N ALA G 138 -20.05 -9.94 -5.54
CA ALA G 138 -19.14 -10.71 -4.70
C ALA G 138 -19.62 -12.14 -4.55
N HIS G 139 -20.89 -12.33 -4.19
CA HIS G 139 -21.37 -13.69 -3.94
C HIS G 139 -21.45 -14.51 -5.23
N HIS G 140 -21.75 -13.86 -6.35
CA HIS G 140 -21.73 -14.58 -7.62
C HIS G 140 -20.32 -15.05 -7.96
N VAL G 141 -19.34 -14.15 -7.86
CA VAL G 141 -17.95 -14.52 -8.14
C VAL G 141 -17.46 -15.60 -7.18
N ALA G 142 -17.81 -15.47 -5.89
CA ALA G 142 -17.39 -16.47 -4.92
C ALA G 142 -17.93 -17.85 -5.27
N GLY G 143 -19.21 -17.91 -5.64
CA GLY G 143 -19.78 -19.17 -6.08
C GLY G 143 -19.01 -19.77 -7.24
N THR G 144 -18.75 -18.96 -8.28
CA THR G 144 -18.09 -19.49 -9.47
C THR G 144 -16.66 -19.92 -9.16
N VAL G 145 -15.89 -19.08 -8.48
CA VAL G 145 -14.46 -19.35 -8.28
C VAL G 145 -14.25 -20.51 -7.31
N LEU G 146 -14.97 -20.49 -6.19
CA LEU G 146 -14.75 -21.53 -5.19
C LEU G 146 -15.29 -22.88 -5.64
N ASN G 147 -16.38 -22.89 -6.42
CA ASN G 147 -16.82 -24.15 -7.01
C ASN G 147 -15.71 -24.72 -7.89
N ASN G 148 -15.09 -23.87 -8.70
CA ASN G 148 -14.07 -24.37 -9.60
C ASN G 148 -12.86 -24.86 -8.84
N LEU G 149 -12.46 -24.14 -7.79
CA LEU G 149 -11.33 -24.61 -7.00
C LEU G 149 -11.66 -25.91 -6.29
N GLY G 150 -12.91 -26.09 -5.87
CA GLY G 150 -13.33 -27.34 -5.25
C GLY G 150 -13.18 -28.54 -6.18
N ARG G 151 -13.40 -28.33 -7.49
CA ARG G 151 -13.21 -29.43 -8.44
C ARG G 151 -11.74 -29.86 -8.52
N LEU G 152 -10.81 -28.94 -8.27
CA LEU G 152 -9.37 -29.24 -8.38
C LEU G 152 -8.80 -29.90 -7.14
N GLY G 153 -9.49 -29.85 -6.02
CA GLY G 153 -8.92 -30.45 -4.82
C GLY G 153 -8.98 -29.58 -3.58
N TYR G 154 -9.35 -28.31 -3.72
CA TYR G 154 -9.36 -27.41 -2.58
C TYR G 154 -10.57 -27.65 -1.68
N SER G 155 -10.33 -27.55 -0.36
CA SER G 155 -11.39 -27.49 0.61
C SER G 155 -11.67 -26.03 0.95
N VAL G 156 -12.93 -25.74 1.28
CA VAL G 156 -13.36 -24.37 1.56
C VAL G 156 -13.98 -24.34 2.96
N PRO G 157 -13.42 -23.57 3.88
CA PRO G 157 -14.03 -23.44 5.20
C PRO G 157 -15.24 -22.54 5.13
N PRO G 158 -16.01 -22.42 6.20
CA PRO G 158 -17.11 -21.45 6.22
C PRO G 158 -16.54 -20.03 6.20
N ASN G 159 -17.35 -19.11 5.70
CA ASN G 159 -17.00 -17.70 5.66
C ASN G 159 -15.60 -17.50 5.07
N ALA G 160 -15.36 -18.14 3.93
CA ALA G 160 -14.07 -18.12 3.26
C ALA G 160 -13.94 -17.00 2.24
N ALA G 161 -14.97 -16.18 2.04
CA ALA G 161 -14.92 -15.13 1.03
C ALA G 161 -15.17 -13.79 1.69
N ALA G 162 -14.17 -12.92 1.68
CA ALA G 162 -14.28 -11.58 2.24
C ALA G 162 -14.25 -10.58 1.09
N TYR G 163 -14.98 -9.48 1.24
CA TYR G 163 -15.14 -8.62 0.06
C TYR G 163 -15.53 -7.23 0.53
N TRP G 164 -15.36 -6.25 -0.38
CA TRP G 164 -15.87 -4.90 -0.21
C TRP G 164 -16.69 -4.54 -1.45
N LEU G 165 -17.83 -3.89 -1.20
CA LEU G 165 -18.68 -3.32 -2.24
C LEU G 165 -19.24 -2.00 -1.73
N GLY G 166 -19.35 -1.02 -2.61
CA GLY G 166 -20.15 0.15 -2.28
C GLY G 166 -21.62 -0.09 -2.62
N PRO G 167 -22.43 0.96 -2.52
CA PRO G 167 -23.85 0.83 -2.86
C PRO G 167 -24.05 0.81 -4.36
N ALA G 168 -25.29 0.55 -4.77
CA ALA G 168 -25.64 0.58 -6.19
C ALA G 168 -25.14 1.86 -6.82
N GLY G 169 -24.35 1.75 -7.88
CA GLY G 169 -23.76 2.93 -8.47
C GLY G 169 -22.52 2.59 -9.29
N THR G 170 -21.77 3.65 -9.62
CA THR G 170 -20.61 3.53 -10.49
C THR G 170 -19.30 3.45 -9.71
N GLY G 171 -19.35 3.64 -8.40
CA GLY G 171 -18.14 3.84 -7.61
C GLY G 171 -18.34 4.98 -6.64
N PRO G 172 -17.27 5.41 -5.98
CA PRO G 172 -15.89 5.02 -6.22
C PRO G 172 -15.53 3.70 -5.55
N GLY G 173 -14.28 3.27 -5.66
CA GLY G 173 -13.87 2.00 -5.12
C GLY G 173 -13.43 2.05 -3.67
N TYR G 174 -12.76 0.98 -3.27
CA TYR G 174 -12.33 0.76 -1.89
C TYR G 174 -11.54 1.93 -1.31
N ILE G 175 -10.64 2.53 -2.08
CA ILE G 175 -9.79 3.58 -1.50
C ILE G 175 -10.60 4.83 -1.16
N GLU G 176 -11.26 5.44 -2.17
CA GLU G 176 -12.10 6.61 -1.90
C GLU G 176 -13.30 6.27 -1.02
N GLY G 177 -13.81 5.05 -1.08
CA GLY G 177 -14.93 4.67 -0.27
C GLY G 177 -14.60 4.35 1.17
N LYS G 178 -13.33 4.47 1.53
CA LYS G 178 -12.85 4.24 2.90
C LYS G 178 -13.06 2.80 3.35
N GLY G 179 -12.86 1.87 2.41
CA GLY G 179 -13.03 0.45 2.71
C GLY G 179 -12.06 -0.06 3.76
N ASP G 180 -10.92 0.61 3.93
CA ASP G 180 -9.99 0.18 4.96
CA ASP G 180 -9.96 0.25 4.98
C ASP G 180 -10.59 0.28 6.36
N ARG G 181 -11.64 1.10 6.54
CA ARG G 181 -12.33 1.18 7.82
C ARG G 181 -13.77 0.68 7.72
N HIS G 182 -14.07 -0.17 6.72
CA HIS G 182 -15.40 -0.73 6.55
C HIS G 182 -15.52 -1.96 7.44
N PHE G 183 -16.39 -1.87 8.45
CA PHE G 183 -16.49 -2.89 9.50
C PHE G 183 -16.84 -4.26 8.94
N HIS G 184 -17.84 -4.33 8.06
CA HIS G 184 -18.27 -5.63 7.55
C HIS G 184 -17.11 -6.31 6.83
N THR G 185 -16.41 -5.59 5.95
CA THR G 185 -15.26 -6.15 5.25
C THR G 185 -14.16 -6.56 6.23
N ASN G 186 -13.89 -5.72 7.22
CA ASN G 186 -12.78 -6.01 8.12
C ASN G 186 -13.09 -7.23 8.95
N LYS G 187 -14.34 -7.44 9.30
CA LYS G 187 -14.65 -8.63 10.08
C LYS G 187 -14.68 -9.88 9.20
N LEU G 188 -15.14 -9.77 7.94
CA LEU G 188 -15.08 -10.90 7.02
C LEU G 188 -13.62 -11.33 6.75
N ILE G 189 -12.71 -10.37 6.59
CA ILE G 189 -11.32 -10.76 6.37
C ILE G 189 -10.79 -11.57 7.55
N ARG G 190 -11.12 -11.13 8.77
CA ARG G 190 -10.68 -11.84 9.96
C ARG G 190 -11.29 -13.25 10.02
N PHE G 191 -12.59 -13.38 9.72
CA PHE G 191 -13.22 -14.70 9.63
C PHE G 191 -12.45 -15.58 8.63
N MET G 192 -12.23 -15.05 7.43
CA MET G 192 -11.61 -15.83 6.38
C MET G 192 -10.23 -16.33 6.79
N VAL G 193 -9.40 -15.43 7.35
CA VAL G 193 -8.04 -15.81 7.72
C VAL G 193 -8.06 -16.88 8.81
N ALA G 194 -8.88 -16.67 9.85
CA ALA G 194 -8.95 -17.63 10.94
C ALA G 194 -9.42 -19.00 10.47
N ASN G 195 -10.44 -19.03 9.60
CA ASN G 195 -11.01 -20.32 9.21
C ASN G 195 -10.12 -21.04 8.19
N THR G 196 -9.57 -20.31 7.20
CA THR G 196 -8.66 -20.95 6.27
C THR G 196 -7.39 -21.45 6.96
N SER G 197 -6.90 -20.68 7.94
CA SER G 197 -5.70 -21.10 8.68
C SER G 197 -5.97 -22.38 9.46
N HIS G 198 -7.14 -22.48 10.10
CA HIS G 198 -7.46 -23.66 10.88
C HIS G 198 -7.61 -24.89 9.98
N LEU G 199 -8.38 -24.77 8.89
CA LEU G 199 -8.56 -25.92 8.02
C LEU G 199 -7.25 -26.37 7.39
N ALA G 200 -6.35 -25.42 7.09
CA ALA G 200 -5.06 -25.80 6.51
C ALA G 200 -4.20 -26.57 7.52
N ARG G 201 -4.20 -26.15 8.78
CA ARG G 201 -3.53 -26.92 9.81
C ARG G 201 -4.15 -28.31 9.97
N MET G 202 -5.48 -28.39 9.88
CA MET G 202 -6.17 -29.68 9.95
C MET G 202 -5.73 -30.62 8.83
N LEU G 203 -5.70 -30.11 7.59
CA LEU G 203 -5.39 -30.97 6.45
C LEU G 203 -3.90 -31.28 6.38
N GLN G 204 -3.06 -30.45 6.99
CA GLN G 204 -1.65 -30.78 7.15
C GLN G 204 -1.46 -32.03 8.02
N GLU G 205 -2.30 -32.20 9.03
CA GLU G 205 -2.20 -33.32 9.96
C GLU G 205 -2.96 -34.55 9.48
N THR G 206 -4.17 -34.35 8.93
CA THR G 206 -5.04 -35.47 8.55
C THR G 206 -5.59 -35.26 7.15
N PRO G 207 -4.75 -35.46 6.12
CA PRO G 207 -5.22 -35.29 4.74
C PRO G 207 -6.32 -36.27 4.37
N TYR G 208 -7.02 -35.95 3.28
CA TYR G 208 -7.91 -36.92 2.66
C TYR G 208 -7.10 -38.16 2.30
N THR G 209 -7.71 -39.32 2.48
CA THR G 209 -7.08 -40.57 2.06
C THR G 209 -7.88 -41.22 0.94
N THR G 210 -8.86 -40.49 0.40
CA THR G 210 -9.68 -41.00 -0.70
C THR G 210 -8.80 -41.41 -1.86
N ASP G 211 -9.04 -42.61 -2.37
CA ASP G 211 -8.35 -43.13 -3.55
C ASP G 211 -9.30 -42.92 -4.72
N LEU G 212 -9.05 -41.88 -5.53
CA LEU G 212 -9.98 -41.54 -6.60
C LEU G 212 -9.97 -42.60 -7.68
N GLU G 213 -8.80 -43.20 -7.94
CA GLU G 213 -8.72 -44.31 -8.89
C GLU G 213 -9.62 -45.46 -8.46
N ALA G 214 -9.56 -45.82 -7.18
CA ALA G 214 -10.42 -46.89 -6.67
C ALA G 214 -11.89 -46.51 -6.81
N CYS G 215 -12.24 -45.24 -6.53
CA CYS G 215 -13.62 -44.80 -6.71
C CYS G 215 -14.06 -44.94 -8.17
N ALA G 216 -13.18 -44.57 -9.10
CA ALA G 216 -13.53 -44.64 -10.51
C ALA G 216 -13.69 -46.07 -10.97
N GLN G 217 -12.86 -46.97 -10.43
CA GLN G 217 -12.99 -48.39 -10.77
C GLN G 217 -14.33 -48.96 -10.31
N ALA G 218 -14.73 -48.66 -9.07
CA ALA G 218 -16.05 -49.07 -8.61
C ALA G 218 -17.16 -48.49 -9.49
N ALA G 219 -16.99 -47.23 -9.93
CA ALA G 219 -18.00 -46.66 -10.82
C ALA G 219 -17.99 -47.36 -12.18
N ARG G 220 -16.81 -47.75 -12.66
CA ARG G 220 -16.73 -48.47 -13.93
C ARG G 220 -17.55 -49.76 -13.88
N GLU G 221 -17.46 -50.48 -12.76
CA GLU G 221 -18.19 -51.75 -12.63
C GLU G 221 -19.69 -51.57 -12.67
N GLU G 222 -20.21 -50.42 -12.22
CA GLU G 222 -21.65 -50.22 -12.14
C GLU G 222 -22.21 -49.34 -13.26
N SER G 223 -21.43 -49.09 -14.31
CA SER G 223 -21.84 -48.13 -15.34
C SER G 223 -21.60 -48.69 -16.74
N ASP G 224 -22.27 -48.05 -17.70
CA ASP G 224 -22.08 -48.27 -19.12
C ASP G 224 -20.96 -47.38 -19.63
N ASP G 225 -20.46 -47.71 -20.82
CA ASP G 225 -19.46 -46.88 -21.49
C ASP G 225 -20.04 -46.19 -22.71
N VAL G 226 -21.37 -46.16 -22.82
CA VAL G 226 -22.04 -45.46 -23.90
C VAL G 226 -23.22 -44.70 -23.30
N PHE G 227 -23.37 -43.44 -23.69
CA PHE G 227 -24.57 -42.66 -23.40
C PHE G 227 -25.34 -42.51 -24.69
N ALA G 228 -26.64 -42.85 -24.65
CA ALA G 228 -27.47 -42.77 -25.84
C ALA G 228 -28.91 -42.54 -25.45
N ILE G 229 -29.57 -41.58 -26.12
CA ILE G 229 -30.99 -41.30 -25.94
C ILE G 229 -31.58 -40.92 -27.28
N ARG G 230 -32.84 -41.27 -27.47
CA ARG G 230 -33.61 -40.80 -28.60
C ARG G 230 -34.06 -39.36 -28.37
N VAL G 231 -34.27 -38.65 -29.47
CA VAL G 231 -34.65 -37.25 -29.45
C VAL G 231 -35.96 -37.11 -30.20
N ASN G 232 -36.88 -36.32 -29.65
CA ASN G 232 -38.07 -35.91 -30.37
C ASN G 232 -37.69 -34.79 -31.33
N VAL G 233 -37.71 -35.07 -32.64
CA VAL G 233 -37.34 -34.08 -33.66
C VAL G 233 -38.55 -33.42 -34.30
N ASN G 234 -39.74 -33.60 -33.73
CA ASN G 234 -40.97 -33.17 -34.38
C ASN G 234 -41.60 -31.94 -33.74
N THR G 235 -40.87 -31.24 -32.86
CA THR G 235 -41.47 -30.12 -32.15
C THR G 235 -40.48 -28.96 -32.03
N PRO G 236 -40.97 -27.73 -32.19
CA PRO G 236 -40.15 -26.56 -31.87
C PRO G 236 -40.15 -26.22 -30.39
N ALA G 237 -40.95 -26.93 -29.60
CA ALA G 237 -41.04 -26.64 -28.17
C ALA G 237 -39.72 -26.91 -27.48
N ILE G 238 -39.44 -26.11 -26.45
CA ILE G 238 -38.31 -26.34 -25.58
C ILE G 238 -38.77 -26.63 -24.15
N ARG G 239 -40.05 -26.91 -23.97
CA ARG G 239 -40.57 -27.38 -22.70
C ARG G 239 -39.82 -28.59 -22.21
N TYR G 240 -39.39 -28.54 -20.95
CA TYR G 240 -38.67 -29.67 -20.35
C TYR G 240 -39.64 -30.83 -20.08
N LYS G 241 -39.25 -32.03 -20.51
CA LYS G 241 -40.03 -33.24 -20.27
C LYS G 241 -39.07 -34.32 -19.79
N ARG G 242 -39.13 -34.60 -18.48
CA ARG G 242 -38.31 -35.67 -17.91
C ARG G 242 -38.71 -37.05 -18.42
N PHE G 243 -39.96 -37.22 -18.87
CA PHE G 243 -40.47 -38.46 -19.42
C PHE G 243 -40.91 -38.18 -20.85
N GLN G 244 -40.31 -38.87 -21.81
CA GLN G 244 -40.69 -38.70 -23.21
C GLN G 244 -41.09 -40.00 -23.91
N LYS G 245 -40.87 -41.16 -23.31
CA LYS G 245 -41.42 -42.42 -23.78
C LYS G 245 -41.00 -42.76 -25.21
N LEU G 246 -39.77 -42.42 -25.57
CA LEU G 246 -39.32 -42.60 -26.94
C LEU G 246 -38.77 -44.01 -27.19
N GLY G 247 -38.42 -44.74 -26.15
CA GLY G 247 -37.84 -46.06 -26.26
C GLY G 247 -36.34 -46.05 -26.04
N GLU G 248 -35.82 -47.18 -25.57
CA GLU G 248 -34.39 -47.35 -25.39
C GLU G 248 -33.65 -47.33 -26.72
N VAL G 249 -32.35 -47.11 -26.65
CA VAL G 249 -31.49 -47.13 -27.83
C VAL G 249 -30.63 -48.38 -27.77
N LYS G 250 -30.81 -49.26 -28.74
CA LYS G 250 -29.94 -50.41 -28.90
C LYS G 250 -28.67 -49.99 -29.63
N VAL G 251 -27.52 -50.37 -29.10
CA VAL G 251 -26.23 -49.99 -29.66
C VAL G 251 -25.57 -51.24 -30.21
N GLU G 252 -25.20 -51.20 -31.49
CA GLU G 252 -24.47 -52.29 -32.15
C GLU G 252 -23.00 -52.24 -31.74
N GLU G 253 -22.76 -52.12 -30.44
CA GLU G 253 -21.41 -51.95 -29.90
C GLU G 253 -20.67 -50.81 -30.59
N ALA H 2 -52.78 0.78 -27.46
CA ALA H 2 -52.72 0.82 -26.00
C ALA H 2 -51.96 -0.39 -25.46
N LEU H 3 -51.20 -0.17 -24.39
CA LEU H 3 -50.37 -1.21 -23.80
C LEU H 3 -50.67 -1.33 -22.31
N LYS H 4 -50.51 -2.55 -21.79
CA LYS H 4 -50.58 -2.83 -20.37
C LYS H 4 -49.22 -3.29 -19.87
N ALA H 5 -48.85 -2.84 -18.68
CA ALA H 5 -47.67 -3.30 -17.97
C ALA H 5 -48.11 -3.98 -16.69
N LEU H 6 -47.58 -5.17 -16.42
CA LEU H 6 -47.86 -5.91 -15.21
C LEU H 6 -46.58 -5.97 -14.37
N ILE H 7 -46.63 -5.42 -13.16
CA ILE H 7 -45.49 -5.43 -12.24
C ILE H 7 -45.80 -6.42 -11.13
N LEU H 8 -44.91 -7.39 -10.93
CA LEU H 8 -45.12 -8.44 -9.93
C LEU H 8 -44.14 -8.21 -8.78
N ASN H 9 -44.65 -7.75 -7.63
CA ASN H 9 -43.85 -7.68 -6.41
C ASN H 9 -43.80 -9.07 -5.82
N THR H 10 -42.59 -9.65 -5.78
CA THR H 10 -42.43 -11.01 -5.26
C THR H 10 -41.85 -11.04 -3.84
N THR H 11 -42.15 -10.02 -3.02
CA THR H 11 -41.76 -10.07 -1.61
C THR H 11 -42.42 -11.26 -0.92
N LEU H 12 -41.81 -11.75 0.16
CA LEU H 12 -42.37 -12.85 0.93
C LEU H 12 -43.32 -12.40 2.04
N ARG H 13 -43.52 -11.10 2.22
CA ARG H 13 -44.33 -10.60 3.31
C ARG H 13 -45.67 -10.12 2.78
N ARG H 14 -46.73 -10.49 3.49
CA ARG H 14 -48.09 -10.22 3.05
C ARG H 14 -48.44 -8.74 3.25
N SER H 15 -49.31 -8.23 2.37
CA SER H 15 -49.86 -6.89 2.53
C SER H 15 -50.64 -6.84 3.85
N PRO H 16 -50.62 -5.69 4.55
CA PRO H 16 -50.01 -4.40 4.20
C PRO H 16 -48.63 -4.15 4.79
N SER H 17 -47.88 -5.21 5.13
CA SER H 17 -46.51 -5.01 5.62
C SER H 17 -45.69 -4.25 4.58
N ARG H 18 -44.94 -3.26 5.06
CA ARG H 18 -44.12 -2.44 4.17
C ARG H 18 -43.08 -3.30 3.48
N SER H 19 -42.99 -3.15 2.16
CA SER H 19 -42.02 -3.89 1.35
C SER H 19 -40.95 -2.93 0.85
N GLN H 20 -39.67 -3.29 1.07
CA GLN H 20 -38.60 -2.46 0.52
C GLN H 20 -38.72 -2.35 -0.99
N THR H 21 -38.94 -3.50 -1.66
CA THR H 21 -39.02 -3.54 -3.12
C THR H 21 -40.15 -2.68 -3.64
N GLN H 22 -41.26 -2.61 -2.91
CA GLN H 22 -42.37 -1.75 -3.32
C GLN H 22 -41.93 -0.30 -3.52
N GLY H 23 -40.85 0.13 -2.88
CA GLY H 23 -40.35 1.48 -3.10
C GLY H 23 -39.95 1.74 -4.54
N LEU H 24 -39.31 0.77 -5.20
CA LEU H 24 -38.96 0.97 -6.61
C LEU H 24 -40.20 0.92 -7.49
N ILE H 25 -41.12 0.01 -7.19
CA ILE H 25 -42.39 -0.08 -7.89
C ILE H 25 -43.12 1.26 -7.84
N ASP H 26 -43.19 1.87 -6.64
CA ASP H 26 -43.85 3.17 -6.52
C ASP H 26 -43.22 4.23 -7.42
N LYS H 27 -41.90 4.15 -7.67
CA LYS H 27 -41.29 5.06 -8.63
C LYS H 27 -41.71 4.71 -10.06
N ALA H 28 -41.80 3.43 -10.37
CA ALA H 28 -41.96 3.06 -11.77
C ALA H 28 -43.39 3.26 -12.27
N VAL H 29 -44.37 3.07 -11.37
CA VAL H 29 -45.78 3.10 -11.79
C VAL H 29 -46.16 4.43 -12.43
N PRO H 30 -45.92 5.60 -11.81
CA PRO H 30 -46.29 6.85 -12.49
C PRO H 30 -45.51 7.09 -13.77
N LEU H 31 -44.27 6.61 -13.85
CA LEU H 31 -43.52 6.78 -15.09
C LEU H 31 -44.13 5.99 -16.25
N TYR H 32 -44.56 4.75 -15.98
CA TYR H 32 -45.29 4.01 -17.00
C TYR H 32 -46.57 4.76 -17.38
N GLU H 33 -47.26 5.33 -16.39
CA GLU H 33 -48.56 5.95 -16.67
C GLU H 33 -48.39 7.23 -17.48
N LYS H 34 -47.28 7.95 -17.31
CA LYS H 34 -47.01 9.11 -18.16
C LYS H 34 -46.66 8.69 -19.57
N GLU H 35 -46.15 7.47 -19.76
CA GLU H 35 -45.91 6.94 -21.10
C GLU H 35 -47.20 6.48 -21.77
N GLY H 36 -48.33 6.60 -21.08
CA GLY H 36 -49.58 6.09 -21.61
C GLY H 36 -49.71 4.59 -21.53
N ILE H 37 -49.14 3.98 -20.49
CA ILE H 37 -49.17 2.54 -20.34
C ILE H 37 -49.97 2.21 -19.09
N GLU H 38 -51.02 1.42 -19.26
CA GLU H 38 -51.82 0.96 -18.12
C GLU H 38 -51.00 0.01 -17.27
N THR H 39 -50.91 0.29 -15.98
CA THR H 39 -50.01 -0.41 -15.08
C THR H 39 -50.78 -1.03 -13.94
N GLU H 40 -50.52 -2.30 -13.69
CA GLU H 40 -51.14 -3.05 -12.61
C GLU H 40 -50.04 -3.69 -11.77
N VAL H 41 -50.13 -3.53 -10.45
CA VAL H 41 -49.18 -4.11 -9.51
C VAL H 41 -49.86 -5.25 -8.78
N VAL H 42 -49.23 -6.41 -8.77
CA VAL H 42 -49.71 -7.57 -8.01
C VAL H 42 -48.60 -8.00 -7.06
N ARG H 43 -48.94 -8.13 -5.78
CA ARG H 43 -48.04 -8.73 -4.81
C ARG H 43 -48.38 -10.21 -4.74
N VAL H 44 -47.53 -11.05 -5.35
CA VAL H 44 -47.94 -12.43 -5.62
C VAL H 44 -48.11 -13.22 -4.33
N ILE H 45 -47.38 -12.89 -3.25
CA ILE H 45 -47.56 -13.63 -2.02
C ILE H 45 -48.94 -13.37 -1.40
N ASP H 46 -49.65 -12.32 -1.84
CA ASP H 46 -51.01 -12.11 -1.33
C ASP H 46 -52.00 -13.09 -1.93
N HIS H 47 -51.60 -13.83 -2.96
CA HIS H 47 -52.49 -14.71 -3.70
C HIS H 47 -52.10 -16.17 -3.50
N ASP H 48 -53.11 -17.04 -3.57
CA ASP H 48 -52.92 -18.47 -3.33
C ASP H 48 -52.41 -19.12 -4.61
N ILE H 49 -51.13 -19.49 -4.63
CA ILE H 49 -50.46 -20.05 -5.80
C ILE H 49 -49.80 -21.34 -5.36
N GLU H 50 -50.28 -22.47 -5.89
CA GLU H 50 -49.79 -23.77 -5.45
C GLU H 50 -48.40 -24.06 -6.01
N GLN H 51 -47.50 -24.51 -5.13
CA GLN H 51 -46.12 -24.80 -5.49
C GLN H 51 -45.93 -26.22 -6.01
N GLU H 52 -46.69 -27.19 -5.49
CA GLU H 52 -46.44 -28.59 -5.81
C GLU H 52 -46.75 -28.87 -7.27
N TYR H 53 -46.12 -29.94 -7.78
CA TYR H 53 -46.20 -30.28 -9.20
C TYR H 53 -46.94 -31.60 -9.40
N TRP H 54 -47.77 -31.66 -10.44
CA TRP H 54 -48.35 -32.92 -10.91
C TRP H 54 -48.53 -32.90 -12.42
N ASP H 55 -48.24 -34.03 -13.05
CA ASP H 55 -48.76 -34.33 -14.39
C ASP H 55 -49.02 -35.82 -14.47
N ASP H 56 -49.46 -36.26 -15.65
CA ASP H 56 -49.98 -37.62 -15.78
C ASP H 56 -48.94 -38.69 -15.52
N TYR H 57 -47.65 -38.35 -15.55
CA TYR H 57 -46.63 -39.33 -15.21
C TYR H 57 -46.51 -39.54 -13.71
N ASP H 58 -47.02 -38.61 -12.91
CA ASP H 58 -46.96 -38.71 -11.47
C ASP H 58 -48.13 -39.54 -10.93
N ASP H 59 -48.10 -39.77 -9.63
CA ASP H 59 -49.19 -40.46 -8.95
C ASP H 59 -50.40 -39.55 -8.81
N TRP H 60 -51.59 -40.08 -9.12
CA TRP H 60 -52.81 -39.28 -9.12
C TRP H 60 -53.12 -38.73 -7.74
N ASN H 61 -53.15 -39.61 -6.74
CA ASN H 61 -53.56 -39.16 -5.41
C ASN H 61 -52.54 -38.19 -4.83
N ALA H 62 -51.25 -38.49 -5.00
CA ALA H 62 -50.20 -37.60 -4.52
C ALA H 62 -50.36 -36.20 -5.11
N GLY H 63 -50.75 -36.10 -6.38
CA GLY H 63 -50.90 -34.83 -7.05
C GLY H 63 -52.16 -34.04 -6.79
N GLU H 64 -53.03 -34.46 -5.85
CA GLU H 64 -54.31 -33.77 -5.67
C GLU H 64 -54.11 -32.34 -5.20
N LYS H 65 -53.21 -32.12 -4.24
CA LYS H 65 -52.89 -30.75 -3.82
C LYS H 65 -52.37 -29.93 -4.99
N ALA H 66 -51.51 -30.52 -5.83
CA ALA H 66 -50.96 -29.79 -6.97
C ALA H 66 -52.03 -29.39 -7.96
N ARG H 67 -53.11 -30.15 -8.07
CA ARG H 67 -54.16 -29.86 -9.03
C ARG H 67 -55.23 -28.93 -8.50
N ARG H 68 -55.16 -28.54 -7.23
CA ARG H 68 -56.26 -27.84 -6.60
C ARG H 68 -56.52 -26.49 -7.26
N GLU H 69 -57.77 -26.04 -7.11
CA GLU H 69 -58.17 -24.72 -7.53
C GLU H 69 -57.35 -23.68 -6.78
N ASP H 70 -56.77 -22.73 -7.51
CA ASP H 70 -55.96 -21.67 -6.91
C ASP H 70 -56.04 -20.45 -7.81
N GLU H 71 -55.20 -19.46 -7.55
CA GLU H 71 -55.29 -18.21 -8.29
C GLU H 71 -54.32 -18.14 -9.46
N TRP H 72 -53.64 -19.25 -9.78
CA TRP H 72 -52.71 -19.23 -10.89
C TRP H 72 -53.37 -18.96 -12.24
N PRO H 73 -54.50 -19.60 -12.59
CA PRO H 73 -55.12 -19.24 -13.88
C PRO H 73 -55.43 -17.77 -13.98
N TRP H 74 -55.84 -17.15 -12.87
CA TRP H 74 -56.08 -15.70 -12.87
C TRP H 74 -54.81 -14.94 -13.20
N LEU H 75 -53.71 -15.26 -12.52
CA LEU H 75 -52.45 -14.55 -12.74
C LEU H 75 -51.86 -14.88 -14.10
N LEU H 76 -51.98 -16.13 -14.54
CA LEU H 76 -51.50 -16.49 -15.87
C LEU H 76 -52.19 -15.69 -16.96
N GLU H 77 -53.50 -15.46 -16.83
CA GLU H 77 -54.20 -14.64 -17.82
C GLU H 77 -53.68 -13.21 -17.80
N LYS H 78 -53.43 -12.66 -16.61
CA LYS H 78 -52.88 -11.30 -16.53
C LYS H 78 -51.50 -11.23 -17.18
N ILE H 79 -50.69 -12.27 -17.02
CA ILE H 79 -49.37 -12.28 -17.64
C ILE H 79 -49.50 -12.38 -19.16
N ARG H 80 -50.39 -13.24 -19.65
CA ARG H 80 -50.56 -13.36 -21.10
C ARG H 80 -51.19 -12.11 -21.70
N GLU H 81 -52.00 -11.39 -20.92
CA GLU H 81 -52.58 -10.13 -21.40
C GLU H 81 -51.54 -9.02 -21.45
N ALA H 82 -50.58 -9.01 -20.51
CA ALA H 82 -49.69 -7.87 -20.38
C ALA H 82 -48.63 -7.85 -21.48
N ASP H 83 -48.40 -6.67 -22.04
CA ASP H 83 -47.37 -6.48 -23.06
C ASP H 83 -45.99 -6.27 -22.45
N ILE H 84 -45.93 -5.69 -21.25
CA ILE H 84 -44.70 -5.53 -20.51
C ILE H 84 -44.85 -6.26 -19.17
N LEU H 85 -43.90 -7.14 -18.87
CA LEU H 85 -43.85 -7.82 -17.59
C LEU H 85 -42.62 -7.32 -16.85
N VAL H 86 -42.82 -6.80 -15.65
CA VAL H 86 -41.72 -6.38 -14.81
C VAL H 86 -41.74 -7.25 -13.56
N ILE H 87 -40.73 -8.09 -13.40
CA ILE H 87 -40.53 -8.77 -12.13
C ILE H 87 -39.87 -7.80 -11.17
N ALA H 88 -40.48 -7.62 -10.01
CA ALA H 88 -39.95 -6.72 -8.98
C ALA H 88 -39.65 -7.60 -7.78
N THR H 89 -38.39 -8.05 -7.67
CA THR H 89 -38.06 -9.05 -6.68
C THR H 89 -37.03 -8.54 -5.68
N PRO H 90 -37.24 -8.74 -4.39
CA PRO H 90 -36.11 -8.69 -3.46
C PRO H 90 -35.14 -9.81 -3.81
N ILE H 91 -33.93 -9.70 -3.29
CA ILE H 91 -32.90 -10.70 -3.51
C ILE H 91 -32.81 -11.58 -2.26
N THR H 92 -32.90 -12.90 -2.44
CA THR H 92 -32.57 -13.82 -1.35
C THR H 92 -31.58 -14.85 -1.86
N LEU H 93 -30.50 -15.05 -1.11
CA LEU H 93 -29.49 -16.07 -1.40
C LEU H 93 -28.85 -15.86 -2.77
N ASN H 94 -28.74 -14.60 -3.20
CA ASN H 94 -28.16 -14.23 -4.49
C ASN H 94 -29.06 -14.66 -5.65
N MET H 95 -30.35 -14.85 -5.38
CA MET H 95 -31.36 -15.22 -6.36
C MET H 95 -32.56 -14.30 -6.18
N CYS H 96 -33.51 -14.36 -7.11
CA CYS H 96 -34.85 -13.83 -6.83
C CYS H 96 -35.41 -14.52 -5.59
N THR H 97 -36.59 -14.06 -5.13
CA THR H 97 -37.20 -14.74 -3.99
C THR H 97 -37.75 -16.10 -4.41
N SER H 98 -37.97 -16.96 -3.43
CA SER H 98 -38.66 -18.21 -3.72
C SER H 98 -40.05 -17.96 -4.28
N ALA H 99 -40.69 -16.85 -3.91
CA ALA H 99 -41.99 -16.51 -4.48
C ALA H 99 -41.88 -16.27 -5.99
N ALA H 100 -40.89 -15.48 -6.41
CA ALA H 100 -40.66 -15.33 -7.85
C ALA H 100 -40.33 -16.67 -8.49
N HIS H 101 -39.52 -17.47 -7.80
CA HIS H 101 -39.10 -18.79 -8.29
C HIS H 101 -40.31 -19.68 -8.61
N VAL H 102 -41.32 -19.67 -7.74
CA VAL H 102 -42.52 -20.48 -7.98
C VAL H 102 -43.28 -19.95 -9.20
N ILE H 103 -43.45 -18.63 -9.30
CA ILE H 103 -44.16 -18.06 -10.45
C ILE H 103 -43.46 -18.43 -11.76
N LEU H 104 -42.13 -18.28 -11.79
CA LEU H 104 -41.37 -18.58 -13.00
C LEU H 104 -41.41 -20.08 -13.33
N GLU H 105 -41.39 -20.94 -12.31
CA GLU H 105 -41.49 -22.38 -12.56
C GLU H 105 -42.80 -22.71 -13.26
N LYS H 106 -43.89 -22.09 -12.82
CA LYS H 106 -45.20 -22.36 -13.42
C LYS H 106 -45.33 -21.71 -14.78
N LEU H 107 -44.75 -20.52 -14.94
CA LEU H 107 -44.78 -19.86 -16.24
C LEU H 107 -43.98 -20.62 -17.29
N ASN H 108 -43.05 -21.47 -16.88
CA ASN H 108 -42.24 -22.23 -17.83
C ASN H 108 -43.02 -23.43 -18.39
N LEU H 109 -44.32 -23.28 -18.52
CA LEU H 109 -45.13 -24.12 -19.40
C LEU H 109 -45.50 -23.41 -20.68
N MET H 110 -45.24 -22.10 -20.79
CA MET H 110 -45.48 -21.31 -22.00
C MET H 110 -44.36 -21.45 -23.03
N ASP H 111 -43.81 -22.65 -23.18
CA ASP H 111 -42.77 -22.91 -24.18
C ASP H 111 -43.24 -23.93 -25.21
N GLU H 112 -44.52 -23.82 -25.59
CA GLU H 112 -45.15 -24.59 -26.66
C GLU H 112 -45.83 -23.62 -27.61
N LEU H 113 -46.10 -24.07 -28.84
CA LEU H 113 -46.72 -23.15 -29.80
C LEU H 113 -48.12 -22.74 -29.34
N ASN H 114 -48.50 -21.51 -29.70
CA ASN H 114 -49.73 -20.86 -29.25
C ASN H 114 -50.67 -20.80 -30.45
N GLY H 115 -51.64 -21.72 -30.50
CA GLY H 115 -52.61 -21.70 -31.59
C GLY H 115 -51.92 -21.84 -32.94
N ASP H 116 -52.31 -20.99 -33.88
CA ASP H 116 -51.65 -20.95 -35.19
C ASP H 116 -50.79 -19.70 -35.34
N THR H 117 -50.24 -19.20 -34.24
CA THR H 117 -49.32 -18.07 -34.32
C THR H 117 -47.90 -18.47 -34.67
N LYS H 118 -47.58 -19.77 -34.61
CA LYS H 118 -46.25 -20.32 -34.91
C LYS H 118 -45.19 -19.86 -33.90
N GLN H 119 -45.61 -19.30 -32.76
CA GLN H 119 -44.68 -18.78 -31.76
C GLN H 119 -45.16 -19.20 -30.38
N PHE H 120 -44.27 -19.05 -29.40
CA PHE H 120 -44.66 -19.34 -28.02
C PHE H 120 -45.61 -18.26 -27.51
N PRO H 121 -46.38 -18.56 -26.46
CA PRO H 121 -47.44 -17.63 -26.02
C PRO H 121 -46.97 -16.22 -25.68
N LEU H 122 -45.74 -16.05 -25.20
CA LEU H 122 -45.29 -14.73 -24.74
C LEU H 122 -44.39 -14.02 -25.74
N TYR H 123 -44.30 -14.52 -26.97
CA TYR H 123 -43.60 -13.79 -28.02
C TYR H 123 -44.17 -12.38 -28.19
N ASN H 124 -43.29 -11.44 -28.53
CA ASN H 124 -43.59 -10.05 -28.83
C ASN H 124 -43.91 -9.22 -27.60
N LYS H 125 -43.69 -9.79 -26.42
CA LYS H 125 -43.77 -9.04 -25.17
C LYS H 125 -42.37 -8.57 -24.76
N VAL H 126 -42.34 -7.68 -23.76
CA VAL H 126 -41.10 -7.04 -23.30
C VAL H 126 -40.93 -7.31 -21.81
N ALA H 127 -39.70 -7.56 -21.38
CA ALA H 127 -39.42 -7.81 -19.98
C ALA H 127 -38.52 -6.73 -19.39
N GLY H 128 -38.81 -6.36 -18.13
CA GLY H 128 -37.94 -5.52 -17.35
C GLY H 128 -37.87 -6.06 -15.94
N LEU H 129 -36.97 -5.48 -15.14
CA LEU H 129 -36.69 -6.05 -13.83
C LEU H 129 -36.47 -4.93 -12.83
N LEU H 130 -37.04 -5.08 -11.64
CA LEU H 130 -36.77 -4.23 -10.50
C LEU H 130 -36.27 -5.13 -9.37
N MET H 131 -35.16 -4.74 -8.73
CA MET H 131 -34.63 -5.59 -7.68
C MET H 131 -34.23 -4.73 -6.48
N CYS H 132 -34.30 -5.34 -5.30
CA CYS H 132 -33.89 -4.69 -4.07
C CYS H 132 -33.17 -5.71 -3.20
N GLY H 133 -31.93 -5.40 -2.81
CA GLY H 133 -31.23 -6.22 -1.85
C GLY H 133 -30.48 -5.33 -0.88
N ASN H 134 -30.01 -5.94 0.21
CA ASN H 134 -29.30 -5.13 1.19
C ASN H 134 -27.88 -4.81 0.75
N GLU H 135 -27.27 -5.64 -0.11
CA GLU H 135 -25.86 -5.43 -0.45
C GLU H 135 -25.39 -5.99 -1.80
N ASP H 136 -25.97 -7.08 -2.29
CA ASP H 136 -25.28 -7.81 -3.35
C ASP H 136 -26.19 -8.78 -4.08
N GLY H 137 -26.08 -8.82 -5.41
CA GLY H 137 -26.72 -9.87 -6.17
C GLY H 137 -27.52 -9.40 -7.38
N ALA H 138 -27.60 -8.09 -7.60
CA ALA H 138 -28.53 -7.56 -8.60
C ALA H 138 -28.21 -8.07 -10.01
N HIS H 139 -26.95 -7.98 -10.43
CA HIS H 139 -26.62 -8.40 -11.79
C HIS H 139 -26.71 -9.91 -11.95
N HIS H 140 -26.37 -10.67 -10.90
CA HIS H 140 -26.57 -12.13 -10.95
C HIS H 140 -28.04 -12.49 -11.14
N VAL H 141 -28.93 -11.92 -10.32
CA VAL H 141 -30.35 -12.18 -10.48
C VAL H 141 -30.83 -11.74 -11.85
N ALA H 142 -30.36 -10.57 -12.33
CA ALA H 142 -30.83 -10.08 -13.62
C ALA H 142 -30.47 -11.05 -14.73
N GLY H 143 -29.23 -11.55 -14.75
CA GLY H 143 -28.84 -12.55 -15.74
C GLY H 143 -29.73 -13.78 -15.70
N THR H 144 -29.98 -14.33 -14.51
CA THR H 144 -30.77 -15.54 -14.39
C THR H 144 -32.22 -15.32 -14.82
N VAL H 145 -32.86 -14.29 -14.28
CA VAL H 145 -34.28 -14.07 -14.55
C VAL H 145 -34.50 -13.63 -15.99
N LEU H 146 -33.72 -12.67 -16.48
CA LEU H 146 -33.95 -12.22 -17.85
C LEU H 146 -33.58 -13.30 -18.87
N ASN H 147 -32.61 -14.18 -18.57
CA ASN H 147 -32.34 -15.30 -19.47
C ASN H 147 -33.52 -16.25 -19.52
N ASN H 148 -34.14 -16.51 -18.37
CA ASN H 148 -35.28 -17.41 -18.36
CA ASN H 148 -35.29 -17.41 -18.34
C ASN H 148 -36.47 -16.82 -19.09
N LEU H 149 -36.70 -15.51 -18.93
CA LEU H 149 -37.82 -14.90 -19.64
C LEU H 149 -37.58 -14.82 -21.14
N GLY H 150 -36.31 -14.68 -21.55
CA GLY H 150 -36.02 -14.67 -22.97
C GLY H 150 -36.28 -15.99 -23.64
N ARG H 151 -36.10 -17.09 -22.90
CA ARG H 151 -36.43 -18.40 -23.45
C ARG H 151 -37.91 -18.50 -23.82
N LEU H 152 -38.76 -17.78 -23.09
CA LEU H 152 -40.21 -17.86 -23.25
C LEU H 152 -40.75 -16.96 -24.36
N GLY H 153 -40.01 -15.95 -24.80
CA GLY H 153 -40.52 -15.10 -25.85
C GLY H 153 -40.36 -13.62 -25.58
N TYR H 154 -39.95 -13.27 -24.36
CA TYR H 154 -39.73 -11.86 -24.04
C TYR H 154 -38.49 -11.31 -24.74
N SER H 155 -38.60 -10.06 -25.18
CA SER H 155 -37.46 -9.26 -25.60
C SER H 155 -37.05 -8.36 -24.44
N VAL H 156 -35.77 -8.04 -24.39
CA VAL H 156 -35.20 -7.25 -23.31
C VAL H 156 -34.49 -6.06 -23.93
N PRO H 157 -34.92 -4.83 -23.64
CA PRO H 157 -34.21 -3.67 -24.16
C PRO H 157 -32.94 -3.42 -23.36
N PRO H 158 -32.09 -2.50 -23.79
CA PRO H 158 -30.94 -2.15 -22.95
C PRO H 158 -31.38 -1.47 -21.68
N ASN H 159 -30.55 -1.60 -20.64
CA ASN H 159 -30.79 -0.95 -19.36
C ASN H 159 -32.18 -1.30 -18.83
N ALA H 160 -32.53 -2.58 -18.93
CA ALA H 160 -33.84 -3.11 -18.56
C ALA H 160 -33.96 -3.51 -17.10
N ALA H 161 -32.87 -3.54 -16.34
CA ALA H 161 -32.91 -3.95 -14.94
C ALA H 161 -32.49 -2.77 -14.09
N ALA H 162 -33.36 -2.38 -13.15
CA ALA H 162 -33.09 -1.30 -12.22
C ALA H 162 -33.09 -1.89 -10.81
N TYR H 163 -32.26 -1.33 -9.93
CA TYR H 163 -32.08 -2.00 -8.65
C TYR H 163 -31.53 -1.02 -7.62
N TRP H 164 -31.69 -1.40 -6.37
CA TRP H 164 -31.05 -0.73 -5.25
C TRP H 164 -30.28 -1.76 -4.44
N LEU H 165 -29.10 -1.35 -3.96
CA LEU H 165 -28.26 -2.12 -3.05
C LEU H 165 -27.53 -1.14 -2.14
N GLY H 166 -27.35 -1.53 -0.88
CA GLY H 166 -26.47 -0.82 0.01
C GLY H 166 -25.03 -1.31 -0.17
N PRO H 167 -24.12 -0.88 0.68
CA PRO H 167 -22.74 -1.39 0.62
C PRO H 167 -22.65 -2.78 1.23
N ALA H 168 -21.49 -3.41 1.05
CA ALA H 168 -21.23 -4.70 1.68
C ALA H 168 -21.66 -4.66 3.13
N GLY H 169 -22.58 -5.55 3.51
CA GLY H 169 -23.07 -5.51 4.88
C GLY H 169 -24.36 -6.30 5.02
N THR H 170 -25.04 -6.03 6.14
CA THR H 170 -26.25 -6.74 6.48
C THR H 170 -27.51 -5.97 6.15
N GLY H 171 -27.37 -4.71 5.74
CA GLY H 171 -28.50 -3.82 5.69
C GLY H 171 -28.10 -2.48 6.27
N PRO H 172 -29.05 -1.56 6.47
CA PRO H 172 -30.47 -1.80 6.24
C PRO H 172 -30.88 -1.75 4.77
N GLY H 173 -32.17 -1.79 4.53
CA GLY H 173 -32.73 -1.84 3.19
C GLY H 173 -33.04 -0.47 2.62
N TYR H 174 -33.83 -0.50 1.54
CA TYR H 174 -34.19 0.68 0.75
C TYR H 174 -34.81 1.79 1.60
N ILE H 175 -35.71 1.43 2.53
CA ILE H 175 -36.43 2.45 3.30
C ILE H 175 -35.47 3.20 4.22
N GLU H 176 -34.88 2.49 5.19
CA GLU H 176 -33.94 3.16 6.09
C GLU H 176 -32.71 3.69 5.36
N GLY H 177 -32.31 3.04 4.27
CA GLY H 177 -31.21 3.51 3.45
C GLY H 177 -31.51 4.68 2.55
N LYS H 178 -32.77 5.15 2.55
CA LYS H 178 -33.16 6.32 1.75
C LYS H 178 -33.01 6.06 0.25
N GLY H 179 -33.31 4.83 -0.17
CA GLY H 179 -33.26 4.51 -1.59
C GLY H 179 -34.20 5.33 -2.45
N ASP H 180 -35.28 5.86 -1.87
CA ASP H 180 -36.17 6.70 -2.65
CA ASP H 180 -36.19 6.73 -2.61
C ASP H 180 -35.47 7.93 -3.20
N ARG H 181 -34.36 8.35 -2.60
CA ARG H 181 -33.59 9.48 -3.12
C ARG H 181 -32.21 9.04 -3.62
N HIS H 182 -32.06 7.79 -3.99
CA HIS H 182 -30.78 7.27 -4.47
C HIS H 182 -30.68 7.52 -5.96
N PHE H 183 -29.77 8.42 -6.36
CA PHE H 183 -29.69 8.90 -7.73
C PHE H 183 -29.53 7.76 -8.73
N HIS H 184 -28.59 6.82 -8.47
CA HIS H 184 -28.34 5.76 -9.42
C HIS H 184 -29.60 4.92 -9.67
N THR H 185 -30.26 4.51 -8.59
CA THR H 185 -31.49 3.73 -8.73
C THR H 185 -32.54 4.52 -9.48
N ASN H 186 -32.70 5.81 -9.15
CA ASN H 186 -33.78 6.56 -9.78
C ASN H 186 -33.51 6.75 -11.27
N LYS H 187 -32.26 6.89 -11.66
CA LYS H 187 -32.00 7.02 -13.09
C LYS H 187 -32.15 5.68 -13.80
N LEU H 188 -31.78 4.57 -13.15
CA LEU H 188 -31.99 3.27 -13.79
C LEU H 188 -33.47 2.99 -13.99
N ILE H 189 -34.30 3.36 -13.01
CA ILE H 189 -35.74 3.13 -13.15
C ILE H 189 -36.29 3.90 -14.35
N ARG H 190 -35.82 5.14 -14.55
CA ARG H 190 -36.27 5.93 -15.68
C ARG H 190 -35.77 5.34 -17.00
N PHE H 191 -34.52 4.86 -17.06
CA PHE H 191 -34.03 4.15 -18.24
C PHE H 191 -34.93 2.97 -18.57
N MET H 192 -35.22 2.15 -17.56
CA MET H 192 -35.97 0.93 -17.73
C MET H 192 -37.36 1.22 -18.29
N VAL H 193 -38.06 2.17 -17.68
CA VAL H 193 -39.44 2.44 -18.10
C VAL H 193 -39.46 2.99 -19.53
N ALA H 194 -38.53 3.89 -19.86
CA ALA H 194 -38.50 4.47 -21.19
C ALA H 194 -38.20 3.40 -22.25
N ASN H 195 -37.25 2.51 -21.97
CA ASN H 195 -36.82 1.56 -23.01
C ASN H 195 -37.79 0.41 -23.16
N THR H 196 -38.32 -0.12 -22.06
CA THR H 196 -39.32 -1.16 -22.18
C THR H 196 -40.57 -0.63 -22.87
N SER H 197 -40.94 0.62 -22.59
CA SER H 197 -42.10 1.21 -23.22
C SER H 197 -41.92 1.32 -24.72
N HIS H 198 -40.75 1.81 -25.16
CA HIS H 198 -40.49 1.96 -26.59
C HIS H 198 -40.50 0.60 -27.30
N LEU H 199 -39.84 -0.39 -26.72
CA LEU H 199 -39.74 -1.70 -27.37
C LEU H 199 -41.11 -2.38 -27.44
N ALA H 200 -41.91 -2.24 -26.39
CA ALA H 200 -43.26 -2.82 -26.40
C ALA H 200 -44.12 -2.19 -27.50
N ARG H 201 -44.03 -0.87 -27.69
CA ARG H 201 -44.74 -0.24 -28.80
C ARG H 201 -44.21 -0.71 -30.15
N MET H 202 -42.90 -0.91 -30.25
CA MET H 202 -42.32 -1.43 -31.50
C MET H 202 -42.90 -2.79 -31.86
N LEU H 203 -42.92 -3.70 -30.88
CA LEU H 203 -43.36 -5.07 -31.15
C LEU H 203 -44.86 -5.19 -31.32
N GLN H 204 -45.62 -4.23 -30.79
CA GLN H 204 -47.05 -4.20 -31.04
C GLN H 204 -47.32 -3.89 -32.50
N GLU H 205 -46.49 -3.05 -33.12
CA GLU H 205 -46.64 -2.61 -34.50
C GLU H 205 -45.96 -3.56 -35.49
N THR H 206 -44.74 -3.99 -35.19
CA THR H 206 -43.96 -4.87 -36.07
C THR H 206 -43.50 -6.06 -35.23
N PRO H 207 -44.38 -7.02 -34.98
CA PRO H 207 -43.99 -8.19 -34.19
C PRO H 207 -43.04 -9.10 -34.97
N TYR H 208 -42.44 -10.03 -34.23
CA TYR H 208 -41.63 -11.07 -34.86
C TYR H 208 -42.50 -11.88 -35.83
N THR H 209 -41.96 -12.13 -37.02
CA THR H 209 -42.62 -12.99 -37.99
C THR H 209 -42.06 -14.40 -37.99
N THR H 210 -41.07 -14.66 -37.14
CA THR H 210 -40.43 -15.96 -37.05
C THR H 210 -41.45 -17.08 -36.92
N ASP H 211 -41.33 -18.08 -37.78
CA ASP H 211 -42.14 -19.30 -37.72
C ASP H 211 -41.29 -20.33 -37.01
N LEU H 212 -41.50 -20.49 -35.70
CA LEU H 212 -40.69 -21.46 -34.95
C LEU H 212 -40.92 -22.88 -35.43
N GLU H 213 -42.15 -23.18 -35.87
CA GLU H 213 -42.43 -24.48 -36.43
C GLU H 213 -41.62 -24.71 -37.71
N ALA H 214 -41.54 -23.70 -38.58
CA ALA H 214 -40.76 -23.84 -39.79
C ALA H 214 -39.28 -24.05 -39.48
N CYS H 215 -38.76 -23.34 -38.46
CA CYS H 215 -37.36 -23.49 -38.08
C CYS H 215 -37.07 -24.90 -37.60
N ALA H 216 -37.93 -25.44 -36.74
CA ALA H 216 -37.76 -26.80 -36.24
C ALA H 216 -37.88 -27.82 -37.36
N GLN H 217 -38.77 -27.57 -38.32
CA GLN H 217 -38.89 -28.48 -39.47
C GLN H 217 -37.60 -28.52 -40.26
N ALA H 218 -37.00 -27.34 -40.50
CA ALA H 218 -35.69 -27.29 -41.15
C ALA H 218 -34.64 -28.02 -40.32
N ALA H 219 -34.69 -27.88 -38.99
CA ALA H 219 -33.69 -28.54 -38.14
C ALA H 219 -33.83 -30.05 -38.22
N ARG H 220 -35.06 -30.55 -38.26
CA ARG H 220 -35.31 -31.99 -38.37
C ARG H 220 -34.57 -32.59 -39.57
N GLU H 221 -34.60 -31.89 -40.71
CA GLU H 221 -34.04 -32.43 -41.94
C GLU H 221 -32.51 -32.51 -41.87
N GLU H 222 -31.88 -31.68 -41.06
CA GLU H 222 -30.44 -31.63 -40.96
C GLU H 222 -29.91 -32.32 -39.71
N SER H 223 -30.76 -33.06 -38.99
CA SER H 223 -30.38 -33.57 -37.67
C SER H 223 -30.75 -35.03 -37.50
N ASP H 224 -30.05 -35.66 -36.55
CA ASP H 224 -30.33 -37.02 -36.11
C ASP H 224 -31.45 -37.03 -35.07
N ASP H 225 -32.13 -38.18 -34.95
CA ASP H 225 -33.12 -38.35 -33.91
C ASP H 225 -32.62 -39.22 -32.76
N VAL H 226 -31.30 -39.45 -32.70
CA VAL H 226 -30.63 -40.16 -31.61
C VAL H 226 -29.33 -39.43 -31.29
N PHE H 227 -29.08 -39.21 -30.01
CA PHE H 227 -27.79 -38.70 -29.53
C PHE H 227 -27.05 -39.85 -28.87
N ALA H 228 -25.81 -40.07 -29.29
CA ALA H 228 -25.03 -41.19 -28.75
C ALA H 228 -23.55 -40.82 -28.71
N ILE H 229 -22.89 -41.11 -27.59
CA ILE H 229 -21.45 -40.89 -27.47
C ILE H 229 -20.86 -41.97 -26.59
N ARG H 230 -19.63 -42.36 -26.89
CA ARG H 230 -18.85 -43.24 -26.03
C ARG H 230 -18.27 -42.45 -24.86
N VAL H 231 -18.06 -43.16 -23.75
CA VAL H 231 -17.56 -42.60 -22.50
C VAL H 231 -16.27 -43.32 -22.13
N ASN H 232 -15.29 -42.57 -21.64
CA ASN H 232 -14.06 -43.19 -21.14
C ASN H 232 -14.29 -43.57 -19.67
N VAL H 233 -14.47 -44.87 -19.41
CA VAL H 233 -14.80 -45.32 -18.07
C VAL H 233 -13.53 -45.76 -17.34
N ASN H 234 -12.37 -45.38 -17.85
CA ASN H 234 -11.11 -45.91 -17.33
C ASN H 234 -10.29 -44.89 -16.56
N THR H 235 -10.87 -43.73 -16.20
CA THR H 235 -10.10 -42.68 -15.55
C THR H 235 -10.89 -42.01 -14.43
N PRO H 236 -10.23 -41.67 -13.32
CA PRO H 236 -10.87 -40.79 -12.34
C PRO H 236 -10.88 -39.33 -12.75
N ALA H 237 -10.15 -38.97 -13.81
CA ALA H 237 -9.97 -37.56 -14.15
C ALA H 237 -11.28 -36.90 -14.53
N ILE H 238 -11.42 -35.62 -14.18
CA ILE H 238 -12.59 -34.84 -14.57
C ILE H 238 -12.19 -33.66 -15.43
N ARG H 239 -10.91 -33.58 -15.78
CA ARG H 239 -10.39 -32.63 -16.74
C ARG H 239 -11.11 -32.73 -18.07
N TYR H 240 -11.43 -31.58 -18.67
CA TYR H 240 -12.21 -31.58 -19.90
C TYR H 240 -11.35 -32.01 -21.09
N LYS H 241 -11.89 -32.90 -21.93
CA LYS H 241 -11.21 -33.38 -23.13
C LYS H 241 -12.18 -33.26 -24.30
N ARG H 242 -11.94 -32.30 -25.20
CA ARG H 242 -12.88 -32.11 -26.31
C ARG H 242 -12.74 -33.18 -27.39
N PHE H 243 -11.58 -33.83 -27.49
CA PHE H 243 -11.34 -34.98 -28.34
C PHE H 243 -10.94 -36.14 -27.45
N GLN H 244 -11.63 -37.27 -27.57
CA GLN H 244 -11.28 -38.41 -26.72
C GLN H 244 -10.94 -39.68 -27.49
N LYS H 245 -11.15 -39.71 -28.80
CA LYS H 245 -10.67 -40.82 -29.63
C LYS H 245 -11.14 -42.17 -29.07
N LEU H 246 -12.43 -42.25 -28.79
CA LEU H 246 -13.03 -43.44 -28.23
C LEU H 246 -13.74 -44.30 -29.27
N GLY H 247 -14.03 -43.75 -30.44
CA GLY H 247 -14.73 -44.44 -31.50
C GLY H 247 -16.18 -43.98 -31.60
N GLU H 248 -16.72 -44.06 -32.81
CA GLU H 248 -18.12 -43.70 -32.99
C GLU H 248 -19.03 -44.77 -32.41
N VAL H 249 -20.27 -44.37 -32.13
CA VAL H 249 -21.33 -45.28 -31.75
C VAL H 249 -22.25 -45.44 -32.95
N LYS H 250 -22.52 -46.68 -33.33
CA LYS H 250 -23.49 -46.98 -34.37
C LYS H 250 -24.76 -47.48 -33.72
N VAL H 251 -25.89 -46.88 -34.10
CA VAL H 251 -27.17 -47.20 -33.48
C VAL H 251 -27.75 -48.45 -34.15
N GLU H 252 -27.93 -49.51 -33.36
CA GLU H 252 -28.46 -50.78 -33.84
C GLU H 252 -29.93 -50.59 -34.22
N GLU H 253 -30.16 -50.00 -35.38
CA GLU H 253 -31.52 -49.79 -35.88
C GLU H 253 -31.88 -50.89 -36.87
C4 8DP I . 11.26 13.30 0.11
C5 8DP I . 11.92 14.22 -0.91
C8 8DP I . 9.92 17.81 0.22
N3 8DP I . 13.89 17.30 1.38
C2 8DP I . 9.51 11.43 -0.16
N2 8DP I . 8.55 18.04 -0.14
N1 8DP I . 12.62 15.33 -0.13
C6 8DP I . 11.94 16.44 0.24
O6 8DP I . 9.21 13.52 -1.18
N4 8DP I . 14.59 14.06 -0.11
C12 8DP I . 12.60 17.45 0.98
C13 8DP I . 13.91 15.17 0.25
C14 8DP I . 14.54 16.17 1.01
C15 8DP I . 15.88 15.95 1.38
C16 8DP I . 15.85 13.90 0.26
C1 8DP I . 8.02 11.27 0.17
C3 8DP I . 9.78 12.93 -0.04
C7 8DP I . 10.60 16.64 -0.17
C9 8DP I . 10.61 18.81 0.98
O1 8DP I . 6.00 9.00 2.58
P1 8DP I . 6.19 10.19 1.61
O2 8DP I . 5.41 9.90 0.28
O3 8DP I . 5.71 11.50 2.23
O4 8DP I . 7.76 10.29 1.24
O5 8DP I . 10.24 10.63 0.70
O7 8DP I . 11.87 12.85 1.10
C10 8DP I . 9.89 20.07 1.40
C11 8DP I . 11.91 18.61 1.36
O8 8DP I . 16.57 16.89 2.15
N5 8DP I . 16.50 14.83 1.00
O9 8DP I . 16.59 12.75 -0.09
C4 8DP J . 37.62 22.34 22.10
C5 8DP J . 37.30 23.79 21.69
C8 8DP J . 39.90 23.88 18.32
N3 8DP J . 35.83 23.56 17.63
C2 8DP J . 38.90 21.29 24.07
N2 8DP J . 41.33 23.99 18.51
N1 8DP J . 36.79 23.73 20.26
C6 8DP J . 37.64 23.76 19.20
O6 8DP J . 39.78 23.14 22.84
N4 8DP J . 34.60 23.62 21.06
C12 8DP J . 37.15 23.68 17.87
C13 8DP J . 35.46 23.63 20.01
C14 8DP J . 34.98 23.55 18.70
C15 8DP J . 33.60 23.44 18.52
C16 8DP J . 33.30 23.52 20.85
C1 8DP J . 40.22 20.50 24.18
C3 8DP J . 38.97 22.00 22.72
C7 8DP J . 39.02 23.86 19.42
C9 8DP J . 39.39 23.80 16.99
O1 8DP J . 41.15 16.98 25.55
P1 8DP J . 41.44 18.35 24.92
O2 8DP J . 42.14 18.32 23.52
O3 8DP J . 42.34 19.20 25.86
O4 8DP J . 40.04 19.17 24.77
O5 8DP J . 37.84 20.41 24.20
O7 8DP J . 36.82 21.43 21.92
C10 8DP J . 40.34 23.83 15.82
C11 8DP J . 38.03 23.71 16.79
O8 8DP J . 33.04 23.34 17.22
N5 8DP J . 32.80 23.43 19.59
O9 8DP J . 32.38 23.48 21.94
C4 8DP K . 33.31 7.34 -0.27
C5 8DP K . 32.56 6.10 0.17
C8 8DP K . 35.23 4.94 3.18
N3 8DP K . 31.68 6.81 4.35
C2 8DP K . 34.63 7.88 -2.38
N2 8DP K . 36.47 4.29 2.83
N1 8DP K . 32.22 6.31 1.64
C6 8DP K . 33.10 5.95 2.60
O6 8DP K . 35.08 5.88 -1.15
N4 8DP K . 30.19 7.28 1.06
C12 8DP K . 32.82 6.19 3.97
C13 8DP K . 31.07 6.92 2.01
C14 8DP K . 30.79 7.17 3.36
C15 8DP K . 29.59 7.79 3.68
C16 8DP K . 29.07 7.88 1.44
C1 8DP K . 36.09 7.95 -2.86
C3 8DP K . 34.66 7.22 -1.01
C7 8DP K . 34.31 5.32 2.20
C9 8DP K . 34.94 5.19 4.55
O1 8DP K . 38.92 9.27 -2.33
P1 8DP K . 38.08 9.48 -3.59
O2 8DP K . 38.46 8.36 -4.64
O3 8DP K . 38.30 10.87 -4.17
O4 8DP K . 36.50 9.32 -3.23
O5 8DP K . 34.05 9.15 -2.42
O7 8DP K . 32.88 8.48 -0.09
C10 8DP K . 35.93 4.77 5.60
C11 8DP K . 33.77 5.80 4.93
O8 8DP K . 29.25 8.08 5.01
N5 8DP K . 28.75 8.14 2.72
O9 8DP K . 28.12 8.26 0.50
C4 8DP L . 15.10 25.60 24.11
C5 8DP L . 15.44 24.50 25.10
C8 8DP L . 12.12 21.95 24.35
N3 8DP L . 15.78 20.92 22.75
C2 8DP L . 14.27 27.97 24.52
N2 8DP L . 10.83 22.29 24.92
N1 8DP L . 15.55 23.21 24.30
C6 8DP L . 14.47 22.43 24.05
O6 8DP L . 13.26 26.14 25.61
N4 8DP L . 17.81 23.63 23.98
C12 8DP L . 14.59 21.27 23.26
C13 8DP L . 16.74 22.86 23.76
C14 8DP L . 16.85 21.70 22.97
C15 8DP L . 18.09 21.38 22.44
C16 8DP L . 18.97 23.29 23.46
C1 8DP L . 12.92 28.73 24.45
C3 8DP L . 13.89 26.49 24.40
C7 8DP L . 13.23 22.78 24.59
C9 8DP L . 12.25 20.79 23.55
O1 8DP L . 10.93 31.04 24.50
P1 8DP L . 11.45 30.45 23.15
O2 8DP L . 10.45 29.44 22.60
O3 8DP L . 11.77 31.59 22.14
O4 8DP L . 12.90 29.70 23.36
O5 8DP L . 15.17 28.43 23.56
O7 8DP L . 15.74 25.82 23.06
C10 8DP L . 11.04 19.93 23.30
C11 8DP L . 13.47 20.44 23.01
O8 8DP L . 18.28 20.24 21.62
N5 8DP L . 19.13 22.19 22.70
O9 8DP L . 20.12 24.09 23.69
C4 8DP M . -35.57 -30.87 -14.46
C5 8DP M . -35.74 -30.36 -15.88
C8 8DP M . -39.07 -27.83 -14.97
N3 8DP M . -35.37 -26.06 -15.65
C2 8DP M . -36.04 -33.15 -13.44
N2 8DP M . -40.36 -28.42 -14.74
N1 8DP M . -35.62 -28.83 -15.82
C6 8DP M . -36.69 -28.05 -15.52
O6 8DP M . -37.68 -32.05 -14.72
N4 8DP M . -33.35 -28.99 -16.33
C12 8DP M . -36.56 -26.64 -15.43
C13 8DP M . -34.42 -28.23 -16.03
C14 8DP M . -34.30 -26.84 -15.95
C15 8DP M . -33.03 -26.27 -16.19
C16 8DP M . -32.18 -28.42 -16.55
C1 8DP M . -37.03 -33.83 -12.46
C3 8DP M . -36.62 -31.81 -13.84
C7 8DP M . -37.96 -28.63 -15.28
C9 8DP M . -38.92 -26.42 -14.90
O1 8DP M . -38.42 -33.59 -9.64
P1 8DP M . -37.43 -34.68 -10.04
O2 8DP M . -38.22 -35.82 -10.72
O3 8DP M . -36.60 -35.21 -8.81
O4 8DP M . -36.40 -34.09 -11.16
O5 8DP M . -34.78 -33.04 -12.85
O7 8DP M . -34.60 -30.56 -13.76
C10 8DP M . -40.12 -25.58 -14.56
C11 8DP M . -37.68 -25.85 -15.12
O8 8DP M . -32.81 -24.88 -16.11
N5 8DP M . -32.00 -27.09 -16.48
O9 8DP M . -31.04 -29.21 -16.86
C4 8DP N . -14.99 -26.57 -23.45
C5 8DP N . -14.77 -27.64 -22.41
C8 8DP N . -11.21 -26.12 -20.75
N3 8DP N . -14.73 -25.59 -18.63
C2 8DP N . -14.73 -26.64 -25.97
N2 8DP N . -9.98 -26.28 -21.49
N1 8DP N . -14.75 -26.94 -21.06
C6 8DP N . -13.59 -26.44 -20.55
O6 8DP N . -13.06 -27.49 -24.58
N4 8DP N . -17.05 -27.26 -20.88
C12 8DP N . -13.58 -25.77 -19.32
C13 8DP N . -15.90 -26.77 -20.37
C14 8DP N . -15.88 -26.09 -19.14
C15 8DP N . -17.10 -25.94 -18.47
C16 8DP N . -18.17 -27.10 -20.20
C1 8DP N . -13.72 -26.12 -27.01
C3 8DP N . -14.02 -26.48 -24.63
C7 8DP N . -12.41 -26.61 -21.28
C9 8DP N . -11.20 -25.43 -19.50
O1 8DP N . -12.14 -23.81 -28.25
P1 8DP N . -13.26 -24.54 -29.00
O2 8DP N . -14.09 -23.60 -29.95
O3 8DP N . -12.66 -25.70 -29.82
O4 8DP N . -14.34 -25.19 -27.96
O5 8DP N . -15.95 -25.98 -26.03
O7 8DP N . -15.93 -25.77 -23.42
C10 8DP N . -9.92 -24.89 -18.94
C11 8DP N . -12.37 -25.25 -18.80
O8 8DP N . -17.17 -25.25 -17.23
N5 8DP N . -18.21 -26.45 -19.02
O9 8DP N . -19.40 -27.59 -20.67
C4 8DP O . -14.19 -2.83 -10.22
C5 8DP O . -15.31 -1.98 -10.81
C8 8DP O . -14.19 -2.40 -14.86
N3 8DP O . -17.45 -4.59 -13.52
C2 8DP O . -12.09 -2.15 -8.88
N2 8DP O . -13.07 -1.63 -15.37
N1 8DP O . -16.08 -2.88 -11.78
C6 8DP O . -15.70 -3.02 -13.07
O6 8DP O . -12.62 -1.03 -10.85
N4 8DP O . -17.52 -3.47 -10.06
C12 8DP O . -16.38 -3.87 -13.95
C13 8DP O . -17.12 -3.60 -11.35
C14 8DP O . -17.82 -4.46 -12.20
C15 8DP O . -18.90 -5.17 -11.68
C16 8DP O . -18.55 -4.17 -9.61
C1 8DP O . -10.59 -2.06 -9.18
C3 8DP O . -12.74 -2.30 -10.25
C7 8DP O . -14.60 -2.27 -13.53
C9 8DP O . -14.90 -3.25 -15.75
O1 8DP O . -7.74 -1.51 -8.44
P1 8DP O . -8.22 -3.00 -8.64
O2 8DP O . -7.94 -3.41 -10.09
O3 8DP O . -7.58 -3.91 -7.60
O4 8DP O . -9.82 -3.05 -8.38
O5 8DP O . -12.35 -3.14 -7.92
O7 8DP O . -14.43 -3.93 -9.69
C10 8DP O . -14.46 -3.39 -17.19
C11 8DP O . -15.97 -3.99 -15.30
O8 8DP O . -19.60 -6.05 -12.48
N5 8DP O . -19.24 -5.00 -10.39
O9 8DP O . -18.97 -4.06 -8.26
C4 8DP P . -33.11 -8.55 1.18
C5 8DP P . -31.94 -8.81 2.10
C8 8DP P . -33.38 -12.47 3.60
N3 8DP P . -30.30 -12.62 0.79
C2 8DP P . -35.05 -6.87 1.34
N2 8DP P . -34.43 -12.44 4.58
N1 8DP P . -31.35 -10.16 1.66
C6 8DP P . -31.84 -11.33 2.14
O6 8DP P . -34.46 -8.29 3.17
N4 8DP P . -29.87 -9.06 0.26
C12 8DP P . -31.31 -12.56 1.70
C13 8DP P . -30.36 -10.21 0.76
C14 8DP P . -29.84 -11.43 0.31
C15 8DP P . -28.81 -11.39 -0.64
C16 8DP P . -28.90 -9.09 -0.64
C1 8DP P . -36.56 -6.94 1.67
C3 8DP P . -34.48 -8.22 1.78
C7 8DP P . -32.87 -11.27 3.09
C9 8DP P . -32.84 -13.71 3.15
O1 8DP P . -39.38 -8.19 1.06
P1 8DP P . -38.96 -6.70 0.74
O2 8DP P . -39.71 -6.23 -0.49
O3 8DP P . -39.32 -5.83 1.97
O4 8DP P . -37.36 -6.63 0.48
O5 8DP P . -34.90 -6.59 -0.02
O7 8DP P . -33.02 -8.61 -0.07
C10 8DP P . -33.39 -15.02 3.69
C11 8DP P . -31.82 -13.76 2.23
O8 8DP P . -28.27 -12.58 -1.11
N5 8DP P . -28.36 -10.22 -1.11
O9 8DP P . -28.38 -7.88 -1.16
#